data_1NNE
#
_entry.id   1NNE
#
_cell.length_a   103.442
_cell.length_b   113.224
_cell.length_c   160.284
_cell.angle_alpha   90.00
_cell.angle_beta   90.00
_cell.angle_gamma   90.00
#
_symmetry.space_group_name_H-M   'P 21 21 21'
#
loop_
_entity.id
_entity.type
_entity.pdbx_description
1 polymer "5'-D(*GP*CP*GP*AP*CP*GP*CP*TP*AP*GP*CP*GP*TP*GP*CP*GP*GP*CP*TP*CP*GP*TP*C)-3'"
2 polymer "5'-D(P*GP*GP*AP*CP*GP*AP*GP*CP*CP*GP*CP*CP*GP*CP*TP*AP*GP*CP*GP*TP*CP*G)-3'"
3 polymer 'DNA Mismatch Repair protein MutS'
4 non-polymer 'SULFATE ION'
5 non-polymer 'BERYLLIUM TRIFLUORIDE ION'
6 non-polymer "ADENOSINE-5'-DIPHOSPHATE"
7 non-polymer 1,2-ETHANEDIOL
8 water water
#
loop_
_entity_poly.entity_id
_entity_poly.type
_entity_poly.pdbx_seq_one_letter_code
_entity_poly.pdbx_strand_id
1 'polydeoxyribonucleotide'
;(DG)(DC)(DG)(DA)(DC)(DG)(DC)(DT)(DA)(DG)(DC)(DG)(DT)(DG)(DC)(DG)(DG)(DC)(DT)(DC)
(DG)(DT)(DC)
;
C
2 'polydeoxyribonucleotide'
;(DG)(DG)(DA)(DC)(DG)(DA)(DG)(DC)(DC)(DG)(DC)(DC)(DG)(DC)(DT)(DA)(DG)(DC)(DG)(DT)
(DC)(DG)
;
D
3 'polypeptide(L)'
;MEGMLKGEGPGPLPPLLQQYVELRDQYPDYLLLFQVGDFYECFGEDAERLARALGLVLTHKTSKDFTTPMAGIPLRAFEA
YAERLLKMGFRLAVADQVEPAEEAEGLVRREVTQLLTPGTLLQESLLPREANYLAAIATGDGWGLAFLDVSTGEFKGTVL
KSKSALYDELFRHRPAEVLLAPELLENGAFLDEFRKRFPVMLSEAPFEPEGEGPLALRRARGALLAYAQRTQGGALSLQP
FRFYDPGAFMRLPEATLRALEVFEPLRGQDTLFSVLDETRTAPGRRLLQSWLRHPLLDRGPLEARLDRVEGFVREGALRE
GVRRLLYRLADLERLATRLELGRASPKDLGALRRSLQILPELRALLGEEVGLPDLSPLKEELEAALVEDPPLKVSEGGLI
REGYDPDLDALRAAHREGVAYFLELEERERERTGIPTLKVGYNAVFGYYLEVTRPYYERVPKEYRPVQTLKDRQRYTLPE
MKEKEREVYRLEALIRRREEEVFLEVRERAKRQAEALREAARILAELDVYAALAEVAVRYGYVRPRFGDRLQIRAGRHPV
VERRTEFVPNDLEMAHELVLITGPNMAGKSTFLRQTALIALLAQVGSFVPAEEAHLPLFDGIYTRIGASDDLAGGKSTFM
VEMEEVALILKEATENSLVLLDEVGRGTSSLDGVAIATAVAEALHERRAYTLFATHYFELTALGLPRLKNLHVAAREEAG
GLVFYHQVLPGPASKSYGVEVAAMAGLPKEVVARARALLQAMAAR
;
A,B
#
loop_
_chem_comp.id
_chem_comp.type
_chem_comp.name
_chem_comp.formula
ADP non-polymer ADENOSINE-5'-DIPHOSPHATE 'C10 H15 N5 O10 P2'
BEF non-polymer 'BERYLLIUM TRIFLUORIDE ION' 'Be F3 -1'
DA DNA linking 2'-DEOXYADENOSINE-5'-MONOPHOSPHATE 'C10 H14 N5 O6 P'
DC DNA linking 2'-DEOXYCYTIDINE-5'-MONOPHOSPHATE 'C9 H14 N3 O7 P'
DG DNA linking 2'-DEOXYGUANOSINE-5'-MONOPHOSPHATE 'C10 H14 N5 O7 P'
DT DNA linking THYMIDINE-5'-MONOPHOSPHATE 'C10 H15 N2 O8 P'
EDO non-polymer 1,2-ETHANEDIOL 'C2 H6 O2'
SO4 non-polymer 'SULFATE ION' 'O4 S -2'
#
# COMPACT_ATOMS: atom_id res chain seq x y z
N MET C 1 12.98 -14.45 33.87
CA MET C 1 11.88 -15.07 33.08
C MET C 1 10.69 -14.13 32.90
N GLU C 2 9.72 -14.53 32.07
CA GLU C 2 8.55 -13.69 31.80
C GLU C 2 7.29 -14.00 32.59
N GLY C 3 6.66 -12.92 33.07
CA GLY C 3 5.43 -13.02 33.83
C GLY C 3 5.13 -11.68 34.48
N MET C 4 5.42 -10.61 33.77
CA MET C 4 5.18 -9.26 34.28
C MET C 4 4.72 -8.27 33.23
N LEU C 5 3.87 -7.33 33.65
CA LEU C 5 3.31 -6.32 32.76
C LEU C 5 3.96 -4.94 32.90
N LYS C 6 3.71 -4.10 31.90
CA LYS C 6 4.28 -2.77 31.78
C LYS C 6 3.53 -1.60 32.43
N GLY C 7 4.28 -0.55 32.74
CA GLY C 7 3.70 0.64 33.33
C GLY C 7 4.40 1.20 34.56
N GLU C 8 3.60 1.80 35.44
CA GLU C 8 4.14 2.42 36.66
C GLU C 8 3.35 2.13 37.96
N GLY C 9 4.08 1.80 39.03
CA GLY C 9 3.48 1.51 40.33
C GLY C 9 4.03 0.28 41.04
N PRO C 10 4.03 0.24 42.38
CA PRO C 10 4.56 -0.94 43.05
C PRO C 10 3.43 -1.93 43.33
N GLY C 11 3.57 -2.69 44.41
CA GLY C 11 2.53 -3.64 44.77
C GLY C 11 2.31 -4.75 43.75
N PRO C 12 1.46 -5.75 44.06
CA PRO C 12 1.16 -6.87 43.18
C PRO C 12 0.30 -6.55 41.95
N LEU C 13 0.08 -7.58 41.15
CA LEU C 13 -0.71 -7.46 39.93
C LEU C 13 -2.15 -7.89 40.22
N PRO C 14 -3.12 -7.00 39.97
CA PRO C 14 -4.55 -7.28 40.21
C PRO C 14 -4.99 -8.65 39.69
N PRO C 15 -6.03 -9.25 40.29
CA PRO C 15 -6.57 -10.56 39.92
C PRO C 15 -6.82 -10.74 38.42
N LEU C 16 -7.34 -9.69 37.79
CA LEU C 16 -7.65 -9.67 36.35
C LEU C 16 -6.41 -9.61 35.48
N LEU C 17 -5.65 -8.53 35.64
CA LEU C 17 -4.42 -8.34 34.87
C LEU C 17 -3.55 -9.57 35.09
N GLN C 18 -3.75 -10.21 36.24
CA GLN C 18 -3.00 -11.41 36.57
C GLN C 18 -3.39 -12.46 35.54
N GLN C 19 -4.69 -12.66 35.40
CA GLN C 19 -5.26 -13.61 34.45
C GLN C 19 -4.87 -13.26 33.02
N TYR C 20 -4.72 -11.95 32.77
CA TYR C 20 -4.33 -11.42 31.46
C TYR C 20 -2.93 -11.89 31.07
N VAL C 21 -1.98 -11.61 31.96
CA VAL C 21 -0.59 -11.99 31.76
C VAL C 21 -0.42 -13.50 31.62
N GLU C 22 -1.08 -14.25 32.48
CA GLU C 22 -1.02 -15.71 32.50
C GLU C 22 -1.27 -16.35 31.13
N LEU C 23 -2.20 -15.78 30.36
CA LEU C 23 -2.52 -16.29 29.03
C LEU C 23 -1.63 -15.62 27.99
N ARG C 24 -1.41 -14.32 28.17
CA ARG C 24 -0.60 -13.53 27.26
C ARG C 24 0.79 -14.08 26.96
N ASP C 25 1.41 -14.74 27.93
CA ASP C 25 2.75 -15.28 27.75
C ASP C 25 2.79 -16.74 27.28
N GLN C 26 1.63 -17.27 26.93
CA GLN C 26 1.53 -18.64 26.42
C GLN C 26 1.53 -18.56 24.90
N TYR C 27 1.20 -17.38 24.38
CA TYR C 27 1.20 -17.12 22.94
C TYR C 27 2.06 -15.88 22.75
N PRO C 28 3.39 -16.06 22.80
CA PRO C 28 4.41 -15.02 22.65
C PRO C 28 4.40 -14.20 21.36
N ASP C 29 4.03 -14.82 20.25
CA ASP C 29 4.04 -14.11 18.98
C ASP C 29 2.66 -13.74 18.48
N TYR C 30 1.70 -13.73 19.39
CA TYR C 30 0.32 -13.41 19.04
C TYR C 30 -0.14 -12.19 19.82
N LEU C 31 -0.94 -11.35 19.19
CA LEU C 31 -1.47 -10.19 19.89
C LEU C 31 -2.71 -10.71 20.59
N LEU C 32 -2.64 -10.70 21.91
CA LEU C 32 -3.72 -11.18 22.74
C LEU C 32 -4.82 -10.16 22.92
N LEU C 33 -6.03 -10.53 22.50
CA LEU C 33 -7.20 -9.67 22.62
C LEU C 33 -8.02 -10.28 23.76
N PHE C 34 -7.90 -9.64 24.92
CA PHE C 34 -8.54 -10.04 26.16
C PHE C 34 -9.98 -9.62 26.22
N GLN C 35 -10.86 -10.60 26.42
CA GLN C 35 -12.28 -10.38 26.50
C GLN C 35 -12.70 -10.02 27.93
N VAL C 36 -13.02 -8.74 28.13
CA VAL C 36 -13.47 -8.25 29.44
C VAL C 36 -14.83 -7.57 29.19
N GLY C 37 -15.89 -8.33 29.39
CA GLY C 37 -17.23 -7.80 29.17
C GLY C 37 -17.46 -7.58 27.68
N ASP C 38 -18.10 -6.47 27.34
CA ASP C 38 -18.40 -6.14 25.95
C ASP C 38 -17.24 -5.52 25.19
N PHE C 39 -16.02 -5.81 25.64
CA PHE C 39 -14.80 -5.30 25.02
C PHE C 39 -13.62 -6.27 25.05
N TYR C 40 -12.78 -6.14 24.03
CA TYR C 40 -11.54 -6.92 23.92
C TYR C 40 -10.51 -5.90 24.32
N GLU C 41 -9.72 -6.21 25.33
CA GLU C 41 -8.74 -5.26 25.82
C GLU C 41 -7.33 -5.79 25.84
N CYS C 42 -6.38 -4.87 25.90
CA CYS C 42 -4.98 -5.22 25.94
C CYS C 42 -4.34 -4.25 26.92
N PHE C 43 -3.40 -4.75 27.72
CA PHE C 43 -2.74 -3.91 28.72
C PHE C 43 -1.22 -3.93 28.63
N GLY C 44 -0.60 -2.82 29.01
CA GLY C 44 0.86 -2.73 28.95
C GLY C 44 1.37 -2.29 27.60
N GLU C 45 2.45 -2.90 27.12
CA GLU C 45 2.97 -2.52 25.81
C GLU C 45 1.95 -2.95 24.79
N ASP C 46 1.40 -4.14 24.99
CA ASP C 46 0.40 -4.69 24.09
C ASP C 46 -0.75 -3.70 23.87
N ALA C 47 -1.06 -2.92 24.92
CA ALA C 47 -2.13 -1.94 24.87
C ALA C 47 -1.70 -0.78 23.98
N GLU C 48 -0.42 -0.45 24.05
CA GLU C 48 0.11 0.64 23.25
C GLU C 48 0.18 0.20 21.80
N ARG C 49 0.59 -1.05 21.57
CA ARG C 49 0.68 -1.59 20.22
C ARG C 49 -0.66 -1.38 19.54
N LEU C 50 -1.71 -1.77 20.25
CA LEU C 50 -3.08 -1.65 19.76
C LEU C 50 -3.35 -0.20 19.42
N ALA C 51 -3.61 0.60 20.44
CA ALA C 51 -3.89 2.03 20.31
C ALA C 51 -3.33 2.67 19.04
N ARG C 52 -2.02 2.60 18.84
CA ARG C 52 -1.40 3.20 17.66
C ARG C 52 -1.78 2.45 16.38
N ALA C 53 -1.57 1.14 16.38
CA ALA C 53 -1.89 0.32 15.21
C ALA C 53 -3.30 0.62 14.69
N LEU C 54 -4.25 0.71 15.61
CA LEU C 54 -5.64 0.97 15.24
C LEU C 54 -6.10 2.38 15.58
N GLY C 55 -5.17 3.27 15.88
CA GLY C 55 -5.56 4.64 16.21
C GLY C 55 -6.51 4.77 17.38
N LEU C 56 -6.65 3.72 18.17
CA LEU C 56 -7.53 3.73 19.35
C LEU C 56 -7.05 4.78 20.37
N VAL C 57 -7.76 4.89 21.49
CA VAL C 57 -7.39 5.84 22.53
C VAL C 57 -6.59 5.08 23.59
N LEU C 58 -5.58 5.71 24.18
CA LEU C 58 -4.80 5.04 25.21
C LEU C 58 -5.29 5.51 26.58
N THR C 59 -5.71 4.57 27.43
CA THR C 59 -6.22 4.88 28.75
C THR C 59 -5.46 4.03 29.76
N HIS C 60 -6.02 3.87 30.96
CA HIS C 60 -5.37 3.07 31.98
C HIS C 60 -6.35 2.33 32.88
N LYS C 61 -5.89 1.25 33.50
CA LYS C 61 -6.71 0.47 34.43
C LYS C 61 -5.95 0.51 35.76
N THR C 62 -6.29 1.49 36.59
CA THR C 62 -5.62 1.68 37.88
C THR C 62 -6.17 0.81 39.01
N SER C 63 -5.26 0.41 39.91
CA SER C 63 -5.60 -0.39 41.07
C SER C 63 -4.71 0.07 42.24
N LYS C 64 -4.92 -0.54 43.41
CA LYS C 64 -4.15 -0.17 44.60
C LYS C 64 -2.64 -0.19 44.35
N ASP C 65 -2.13 -1.36 44.01
CA ASP C 65 -0.71 -1.54 43.74
C ASP C 65 -0.24 -0.57 42.68
N PHE C 66 -0.65 -0.79 41.42
CA PHE C 66 -0.25 0.10 40.34
C PHE C 66 -1.27 0.38 39.24
N THR C 67 -0.85 1.20 38.27
CA THR C 67 -1.69 1.58 37.15
C THR C 67 -1.01 1.18 35.85
N THR C 68 -1.76 0.50 35.00
CA THR C 68 -1.25 0.04 33.71
C THR C 68 -2.05 0.63 32.55
N PRO C 69 -1.43 0.71 31.36
CA PRO C 69 -2.10 1.26 30.19
C PRO C 69 -3.19 0.31 29.71
N MET C 70 -4.24 0.85 29.12
CA MET C 70 -5.33 0.03 28.62
C MET C 70 -5.81 0.51 27.27
N ALA C 71 -6.21 -0.44 26.44
CA ALA C 71 -6.73 -0.16 25.10
C ALA C 71 -7.71 -1.29 24.77
N GLY C 72 -8.89 -0.93 24.29
CA GLY C 72 -9.88 -1.94 23.97
C GLY C 72 -10.78 -1.62 22.80
N ILE C 73 -11.41 -2.65 22.24
CA ILE C 73 -12.30 -2.46 21.12
C ILE C 73 -13.62 -3.16 21.40
N PRO C 74 -14.75 -2.56 20.99
CA PRO C 74 -16.04 -3.20 21.24
C PRO C 74 -16.17 -4.50 20.44
N LEU C 75 -16.60 -5.57 21.09
CA LEU C 75 -16.73 -6.86 20.40
C LEU C 75 -17.51 -6.74 19.10
N ARG C 76 -18.46 -5.81 19.06
CA ARG C 76 -19.29 -5.60 17.89
C ARG C 76 -18.46 -5.58 16.61
N ALA C 77 -17.33 -4.88 16.67
CA ALA C 77 -16.45 -4.73 15.53
C ALA C 77 -15.23 -5.62 15.58
N PHE C 78 -15.27 -6.70 16.36
CA PHE C 78 -14.11 -7.59 16.46
C PHE C 78 -13.49 -7.89 15.12
N GLU C 79 -14.25 -8.59 14.27
CA GLU C 79 -13.78 -8.95 12.95
C GLU C 79 -13.32 -7.72 12.18
N ALA C 80 -14.10 -6.65 12.23
CA ALA C 80 -13.74 -5.42 11.54
C ALA C 80 -12.32 -5.05 11.95
N TYR C 81 -12.07 -5.02 13.26
CA TYR C 81 -10.75 -4.71 13.79
C TYR C 81 -9.74 -5.82 13.48
N ALA C 82 -10.19 -7.06 13.52
CA ALA C 82 -9.35 -8.23 13.25
C ALA C 82 -8.70 -8.11 11.88
N GLU C 83 -9.55 -7.94 10.87
CA GLU C 83 -9.10 -7.79 9.50
C GLU C 83 -7.92 -6.82 9.44
N ARG C 84 -8.16 -5.57 9.84
CA ARG C 84 -7.12 -4.56 9.84
C ARG C 84 -5.84 -5.06 10.50
N LEU C 85 -5.98 -5.61 11.71
CA LEU C 85 -4.83 -6.14 12.46
C LEU C 85 -4.04 -7.17 11.65
N LEU C 86 -4.76 -8.16 11.13
CA LEU C 86 -4.16 -9.21 10.32
C LEU C 86 -3.36 -8.65 9.15
N LYS C 87 -3.96 -7.71 8.43
CA LYS C 87 -3.31 -7.12 7.27
C LYS C 87 -2.01 -6.43 7.61
N MET C 88 -1.77 -6.21 8.90
CA MET C 88 -0.54 -5.57 9.32
C MET C 88 0.54 -6.60 9.69
N GLY C 89 0.14 -7.86 9.82
CA GLY C 89 1.10 -8.91 10.13
C GLY C 89 1.02 -9.50 11.53
N PHE C 90 -0.07 -9.25 12.23
CA PHE C 90 -0.21 -9.79 13.58
C PHE C 90 -1.02 -11.07 13.57
N ARG C 91 -0.70 -11.99 14.47
CA ARG C 91 -1.47 -13.21 14.62
C ARG C 91 -2.31 -12.85 15.84
N LEU C 92 -3.61 -13.06 15.77
CA LEU C 92 -4.45 -12.71 16.91
C LEU C 92 -4.75 -13.89 17.83
N ALA C 93 -4.79 -13.62 19.12
CA ALA C 93 -5.09 -14.64 20.12
C ALA C 93 -6.35 -14.17 20.81
N VAL C 94 -7.48 -14.77 20.46
CA VAL C 94 -8.74 -14.37 21.06
C VAL C 94 -9.04 -15.11 22.36
N ALA C 95 -8.97 -14.36 23.46
CA ALA C 95 -9.25 -14.90 24.79
C ALA C 95 -10.64 -14.44 25.20
N ASP C 96 -11.58 -15.37 25.21
CA ASP C 96 -12.97 -15.03 25.55
C ASP C 96 -13.40 -15.48 26.95
N GLN C 97 -14.59 -15.04 27.34
CA GLN C 97 -15.19 -15.41 28.61
C GLN C 97 -15.97 -16.69 28.39
N VAL C 98 -15.34 -17.83 28.69
CA VAL C 98 -15.96 -19.14 28.52
C VAL C 98 -17.29 -19.29 29.26
N GLU C 99 -17.22 -19.49 30.57
CA GLU C 99 -18.39 -19.66 31.40
C GLU C 99 -19.13 -18.34 31.55
N PRO C 100 -20.48 -18.37 31.55
CA PRO C 100 -21.26 -17.15 31.70
C PRO C 100 -20.86 -16.34 32.92
N ALA C 101 -21.42 -15.13 33.04
CA ALA C 101 -21.10 -14.24 34.16
C ALA C 101 -21.89 -14.57 35.43
N GLU C 102 -23.20 -14.67 35.27
CA GLU C 102 -24.12 -14.97 36.37
C GLU C 102 -23.71 -16.15 37.25
N GLU C 103 -23.01 -17.13 36.69
CA GLU C 103 -22.58 -18.30 37.46
C GLU C 103 -21.06 -18.49 37.45
N ALA C 104 -20.35 -17.48 37.93
CA ALA C 104 -18.90 -17.51 37.99
C ALA C 104 -18.40 -17.34 39.41
N GLU C 105 -17.20 -17.83 39.68
CA GLU C 105 -16.61 -17.71 41.01
C GLU C 105 -15.84 -16.39 41.07
N GLY C 106 -16.57 -15.28 41.02
CA GLY C 106 -15.95 -13.97 41.05
C GLY C 106 -15.35 -13.65 39.70
N LEU C 107 -14.08 -14.03 39.53
CA LEU C 107 -13.34 -13.80 38.30
C LEU C 107 -13.79 -14.83 37.26
N VAL C 108 -14.38 -14.33 36.17
CA VAL C 108 -14.88 -15.16 35.09
C VAL C 108 -13.77 -15.88 34.34
N ARG C 109 -13.95 -17.19 34.17
CA ARG C 109 -13.00 -18.03 33.46
C ARG C 109 -12.73 -17.45 32.08
N ARG C 110 -11.45 -17.31 31.75
CA ARG C 110 -11.07 -16.79 30.45
C ARG C 110 -9.93 -17.61 29.88
N GLU C 111 -10.14 -18.09 28.65
CA GLU C 111 -9.13 -18.88 27.97
C GLU C 111 -9.15 -18.50 26.51
N VAL C 112 -8.04 -18.72 25.83
CA VAL C 112 -7.93 -18.39 24.42
C VAL C 112 -8.81 -19.32 23.58
N THR C 113 -9.91 -18.78 23.05
CA THR C 113 -10.87 -19.55 22.25
C THR C 113 -10.31 -20.02 20.92
N GLN C 114 -9.81 -19.07 20.13
CA GLN C 114 -9.24 -19.38 18.83
C GLN C 114 -8.04 -18.49 18.52
N LEU C 115 -7.29 -18.87 17.49
CA LEU C 115 -6.14 -18.09 17.08
C LEU C 115 -6.43 -17.63 15.66
N LEU C 116 -6.06 -16.40 15.33
CA LEU C 116 -6.30 -15.91 13.98
C LEU C 116 -5.01 -15.74 13.23
N THR C 117 -4.67 -16.73 12.41
CA THR C 117 -3.46 -16.65 11.62
C THR C 117 -3.95 -16.47 10.20
N PRO C 118 -3.20 -15.76 9.38
CA PRO C 118 -3.58 -15.51 7.99
C PRO C 118 -3.97 -16.73 7.15
N GLY C 119 -3.40 -17.90 7.47
CA GLY C 119 -3.71 -19.08 6.70
C GLY C 119 -4.58 -20.11 7.39
N THR C 120 -5.29 -19.71 8.43
CA THR C 120 -6.16 -20.65 9.14
C THR C 120 -7.47 -20.00 9.45
N LEU C 121 -7.74 -18.88 8.77
CA LEU C 121 -8.96 -18.14 8.97
C LEU C 121 -10.21 -18.92 8.63
N LEU C 122 -11.24 -18.75 9.46
CA LEU C 122 -12.52 -19.40 9.26
C LEU C 122 -13.59 -18.29 9.12
N GLN C 123 -13.36 -17.16 9.79
CA GLN C 123 -14.30 -16.05 9.73
C GLN C 123 -14.59 -15.73 8.27
N GLU C 124 -15.84 -15.89 7.85
CA GLU C 124 -16.11 -15.63 6.46
C GLU C 124 -15.90 -14.18 6.05
N SER C 125 -15.97 -13.21 6.96
CA SER C 125 -15.72 -11.86 6.50
C SER C 125 -14.21 -11.60 6.38
N LEU C 126 -13.40 -12.59 6.75
CA LEU C 126 -11.94 -12.42 6.70
C LEU C 126 -11.27 -13.20 5.55
N LEU C 127 -12.06 -14.03 4.88
CA LEU C 127 -11.60 -14.88 3.79
C LEU C 127 -12.04 -14.41 2.41
N PRO C 128 -11.19 -14.66 1.39
CA PRO C 128 -11.46 -14.28 -0.01
C PRO C 128 -12.32 -15.40 -0.57
N ARG C 129 -12.92 -15.22 -1.74
CA ARG C 129 -13.73 -16.30 -2.30
C ARG C 129 -12.75 -17.43 -2.69
N GLU C 130 -11.52 -17.05 -3.03
CA GLU C 130 -10.50 -17.99 -3.43
C GLU C 130 -10.05 -18.90 -2.29
N ALA C 131 -9.35 -19.97 -2.63
CA ALA C 131 -8.87 -20.92 -1.63
C ALA C 131 -7.83 -20.25 -0.78
N ASN C 132 -7.86 -20.51 0.52
CA ASN C 132 -6.88 -19.93 1.42
C ASN C 132 -6.04 -21.05 2.01
N TYR C 133 -4.79 -21.18 1.57
CA TYR C 133 -3.98 -22.28 2.09
C TYR C 133 -2.96 -22.00 3.17
N LEU C 134 -2.63 -23.06 3.89
CA LEU C 134 -1.61 -23.07 4.91
C LEU C 134 -0.76 -24.12 4.23
N ALA C 135 0.56 -23.93 4.18
CA ALA C 135 1.42 -24.90 3.53
C ALA C 135 2.57 -25.26 4.43
N ALA C 136 2.92 -26.54 4.44
CA ALA C 136 4.02 -27.04 5.25
C ALA C 136 5.09 -27.66 4.38
N ILE C 137 6.35 -27.36 4.67
CA ILE C 137 7.47 -27.90 3.92
C ILE C 137 8.40 -28.63 4.85
N ALA C 138 8.85 -29.80 4.42
CA ALA C 138 9.74 -30.61 5.25
C ALA C 138 10.65 -31.45 4.39
N THR C 139 11.69 -31.99 5.01
CA THR C 139 12.65 -32.83 4.32
C THR C 139 12.65 -34.25 4.89
N GLY C 140 13.44 -35.13 4.29
CA GLY C 140 13.52 -36.50 4.76
C GLY C 140 13.06 -37.48 3.69
N ASP C 141 13.95 -37.75 2.73
CA ASP C 141 13.67 -38.64 1.60
C ASP C 141 12.96 -37.81 0.56
N GLY C 142 13.57 -36.67 0.24
CA GLY C 142 13.00 -35.75 -0.72
C GLY C 142 12.31 -34.59 -0.04
N TRP C 143 11.73 -33.69 -0.83
CA TRP C 143 11.02 -32.53 -0.30
C TRP C 143 9.57 -32.88 -0.04
N GLY C 144 9.07 -32.47 1.12
CA GLY C 144 7.70 -32.74 1.50
C GLY C 144 6.90 -31.46 1.53
N LEU C 145 5.77 -31.44 0.83
CA LEU C 145 4.96 -30.24 0.77
C LEU C 145 3.50 -30.60 0.97
N ALA C 146 2.81 -29.92 1.87
CA ALA C 146 1.40 -30.21 2.10
C ALA C 146 0.62 -28.93 2.27
N PHE C 147 -0.65 -28.98 1.89
CA PHE C 147 -1.55 -27.85 2.00
C PHE C 147 -2.84 -28.23 2.75
N LEU C 148 -3.42 -27.25 3.43
CA LEU C 148 -4.68 -27.44 4.13
C LEU C 148 -5.49 -26.14 4.07
N ASP C 149 -6.74 -26.22 3.64
CA ASP C 149 -7.56 -25.01 3.61
C ASP C 149 -8.52 -25.22 4.76
N VAL C 150 -8.17 -24.66 5.92
CA VAL C 150 -8.98 -24.83 7.11
C VAL C 150 -10.47 -24.52 6.93
N SER C 151 -10.81 -23.63 6.01
CA SER C 151 -12.22 -23.26 5.83
C SER C 151 -13.06 -24.24 5.06
N THR C 152 -12.42 -25.03 4.20
CA THR C 152 -13.12 -26.00 3.38
C THR C 152 -12.76 -27.44 3.72
N GLY C 153 -11.65 -27.60 4.40
CA GLY C 153 -11.22 -28.93 4.79
C GLY C 153 -10.36 -29.55 3.72
N GLU C 154 -10.06 -28.82 2.66
CA GLU C 154 -9.20 -29.39 1.62
C GLU C 154 -7.86 -29.70 2.27
N PHE C 155 -7.40 -30.93 2.05
CA PHE C 155 -6.17 -31.39 2.68
C PHE C 155 -5.33 -32.25 1.70
N LYS C 156 -4.27 -31.69 1.13
CA LYS C 156 -3.49 -32.44 0.17
C LYS C 156 -1.98 -32.27 0.27
N GLY C 157 -1.24 -33.12 -0.46
CA GLY C 157 0.21 -33.04 -0.44
C GLY C 157 0.92 -34.01 -1.38
N THR C 158 2.21 -33.74 -1.58
CA THR C 158 3.04 -34.57 -2.44
C THR C 158 4.49 -34.42 -2.03
N VAL C 159 5.34 -35.20 -2.69
CA VAL C 159 6.77 -35.17 -2.42
C VAL C 159 7.43 -34.89 -3.77
N LEU C 160 8.31 -33.88 -3.81
CA LEU C 160 9.00 -33.56 -5.05
C LEU C 160 10.49 -33.81 -4.90
N LYS C 161 11.14 -34.16 -6.00
CA LYS C 161 12.57 -34.47 -6.00
C LYS C 161 13.53 -33.28 -5.94
N SER C 162 13.15 -32.13 -6.48
CA SER C 162 14.03 -30.97 -6.48
C SER C 162 13.51 -29.76 -5.72
N LYS C 163 14.40 -28.80 -5.47
CA LYS C 163 14.06 -27.58 -4.76
C LYS C 163 13.34 -26.69 -5.75
N SER C 164 13.50 -27.01 -7.02
CA SER C 164 12.87 -26.27 -8.11
C SER C 164 11.39 -26.64 -8.14
N ALA C 165 11.12 -27.94 -8.19
CA ALA C 165 9.76 -28.40 -8.24
C ALA C 165 8.99 -27.97 -7.00
N LEU C 166 9.62 -28.04 -5.81
CA LEU C 166 8.93 -27.64 -4.59
C LEU C 166 8.37 -26.23 -4.78
N TYR C 167 9.25 -25.30 -5.09
CA TYR C 167 8.86 -23.92 -5.31
C TYR C 167 7.79 -23.80 -6.38
N ASP C 168 7.91 -24.53 -7.47
CA ASP C 168 6.88 -24.43 -8.50
C ASP C 168 5.53 -24.78 -7.89
N GLU C 169 5.40 -25.99 -7.38
CA GLU C 169 4.15 -26.43 -6.78
C GLU C 169 3.66 -25.44 -5.74
N LEU C 170 4.56 -24.95 -4.92
CA LEU C 170 4.19 -24.01 -3.88
C LEU C 170 3.65 -22.74 -4.50
N PHE C 171 4.32 -22.25 -5.52
CA PHE C 171 3.91 -21.02 -6.16
C PHE C 171 2.61 -21.08 -6.92
N ARG C 172 2.16 -22.27 -7.34
CA ARG C 172 0.91 -22.32 -8.07
C ARG C 172 -0.27 -22.39 -7.11
N HIS C 173 0.02 -22.66 -5.84
CA HIS C 173 -1.00 -22.75 -4.82
C HIS C 173 -1.18 -21.42 -4.09
N ARG C 174 -0.26 -20.49 -4.30
CA ARG C 174 -0.29 -19.17 -3.67
C ARG C 174 -0.67 -19.32 -2.21
N PRO C 175 0.19 -19.93 -1.40
CA PRO C 175 -0.04 -20.16 0.03
C PRO C 175 -0.03 -18.87 0.84
N ALA C 176 -1.00 -18.68 1.72
CA ALA C 176 -1.07 -17.45 2.50
C ALA C 176 -0.30 -17.49 3.79
N GLU C 177 0.24 -18.66 4.13
CA GLU C 177 1.01 -18.84 5.36
C GLU C 177 1.82 -20.15 5.29
N VAL C 178 3.10 -20.07 5.59
CA VAL C 178 3.92 -21.27 5.52
C VAL C 178 4.62 -21.74 6.79
N LEU C 179 4.61 -23.05 6.99
CA LEU C 179 5.24 -23.72 8.11
C LEU C 179 6.48 -24.38 7.58
N LEU C 180 7.64 -24.01 8.12
CA LEU C 180 8.91 -24.59 7.67
C LEU C 180 9.45 -25.54 8.71
N ALA C 181 9.83 -26.72 8.26
CA ALA C 181 10.36 -27.73 9.16
C ALA C 181 11.61 -27.22 9.87
N PRO C 182 11.97 -27.81 11.03
CA PRO C 182 13.14 -27.43 11.81
C PRO C 182 14.39 -27.19 10.96
N GLU C 183 14.79 -28.21 10.21
CA GLU C 183 15.98 -28.17 9.35
C GLU C 183 16.04 -26.91 8.50
N LEU C 184 14.99 -26.67 7.74
CA LEU C 184 14.96 -25.53 6.87
C LEU C 184 15.09 -24.20 7.60
N LEU C 185 14.43 -24.08 8.76
CA LEU C 185 14.49 -22.84 9.54
C LEU C 185 15.88 -22.50 10.02
N GLU C 186 16.56 -23.52 10.56
CA GLU C 186 17.93 -23.36 11.05
C GLU C 186 18.81 -22.86 9.90
N ASN C 187 18.90 -23.67 8.84
CA ASN C 187 19.70 -23.34 7.66
C ASN C 187 19.45 -21.93 7.15
N GLY C 188 20.28 -21.00 7.60
CA GLY C 188 20.15 -19.60 7.21
C GLY C 188 20.25 -19.34 5.73
N ALA C 189 20.97 -20.23 5.03
CA ALA C 189 21.13 -20.11 3.59
C ALA C 189 19.75 -20.24 2.92
N PHE C 190 19.17 -21.43 3.05
CA PHE C 190 17.86 -21.73 2.49
C PHE C 190 16.84 -20.66 2.86
N LEU C 191 16.58 -20.53 4.14
CA LEU C 191 15.60 -19.56 4.61
C LEU C 191 15.67 -18.24 3.84
N ASP C 192 16.88 -17.70 3.67
CA ASP C 192 17.01 -16.44 2.95
C ASP C 192 16.32 -16.55 1.60
N GLU C 193 16.71 -17.56 0.83
CA GLU C 193 16.13 -17.77 -0.49
C GLU C 193 14.61 -17.83 -0.44
N PHE C 194 14.10 -18.74 0.40
CA PHE C 194 12.67 -18.92 0.56
C PHE C 194 11.94 -17.64 0.95
N ARG C 195 12.44 -16.97 1.97
CA ARG C 195 11.84 -15.74 2.46
C ARG C 195 11.85 -14.67 1.38
N LYS C 196 12.84 -14.77 0.49
CA LYS C 196 13.00 -13.82 -0.59
C LYS C 196 12.12 -14.15 -1.78
N ARG C 197 11.98 -15.44 -2.08
CA ARG C 197 11.17 -15.85 -3.20
C ARG C 197 9.68 -15.95 -2.83
N PHE C 198 9.40 -16.16 -1.55
CA PHE C 198 8.02 -16.25 -1.06
C PHE C 198 7.87 -15.36 0.16
N PRO C 199 7.50 -14.09 -0.05
CA PRO C 199 7.31 -13.10 1.01
C PRO C 199 6.07 -13.36 1.86
N VAL C 200 5.75 -14.63 2.07
CA VAL C 200 4.59 -15.00 2.86
C VAL C 200 4.97 -15.02 4.31
N MET C 201 3.98 -14.99 5.19
CA MET C 201 4.24 -15.03 6.62
C MET C 201 4.70 -16.43 7.03
N LEU C 202 5.74 -16.49 7.87
CA LEU C 202 6.23 -17.78 8.35
C LEU C 202 5.76 -18.02 9.78
N SER C 203 5.59 -19.29 10.15
CA SER C 203 5.15 -19.65 11.50
C SER C 203 5.73 -20.98 11.98
N GLU C 204 5.96 -21.07 13.29
CA GLU C 204 6.53 -22.27 13.89
C GLU C 204 5.49 -23.34 14.15
N ALA C 205 5.87 -24.58 13.89
CA ALA C 205 4.96 -25.69 14.14
C ALA C 205 5.74 -26.97 14.31
N PRO C 206 5.23 -27.90 15.14
CA PRO C 206 5.93 -29.17 15.36
C PRO C 206 5.78 -30.08 14.16
N PHE C 207 6.89 -30.59 13.65
CA PHE C 207 6.83 -31.45 12.49
C PHE C 207 6.94 -32.91 12.78
N GLU C 208 6.29 -33.36 13.85
CA GLU C 208 6.31 -34.78 14.20
C GLU C 208 5.44 -35.47 13.15
N PRO C 209 6.00 -36.49 12.48
CA PRO C 209 5.22 -37.20 11.46
C PRO C 209 3.81 -37.50 11.92
N GLU C 210 2.94 -37.78 10.97
CA GLU C 210 1.54 -38.12 11.25
C GLU C 210 1.09 -39.03 10.14
N GLY C 211 0.44 -40.12 10.51
CA GLY C 211 -0.04 -41.06 9.52
C GLY C 211 1.08 -41.80 8.81
N GLU C 212 0.75 -42.37 7.64
CA GLU C 212 1.70 -43.14 6.87
C GLU C 212 2.14 -42.48 5.57
N GLY C 213 3.22 -43.02 4.99
CA GLY C 213 3.73 -42.46 3.74
C GLY C 213 5.13 -41.88 3.87
N PRO C 214 5.70 -41.31 2.79
CA PRO C 214 7.04 -40.73 2.85
C PRO C 214 7.25 -39.90 4.12
N LEU C 215 8.36 -40.15 4.81
CA LEU C 215 8.70 -39.43 6.05
C LEU C 215 8.37 -37.95 5.92
N ALA C 216 8.90 -37.37 4.86
CA ALA C 216 8.70 -35.95 4.59
C ALA C 216 7.22 -35.53 4.62
N LEU C 217 6.39 -36.28 3.90
CA LEU C 217 4.99 -35.95 3.82
C LEU C 217 4.31 -36.06 5.17
N ARG C 218 4.69 -37.09 5.93
CA ARG C 218 4.09 -37.32 7.23
C ARG C 218 4.44 -36.19 8.19
N ARG C 219 5.61 -35.61 8.01
CA ARG C 219 6.01 -34.51 8.88
C ARG C 219 5.23 -33.25 8.50
N ALA C 220 5.26 -32.90 7.21
CA ALA C 220 4.56 -31.72 6.73
C ALA C 220 3.11 -31.74 7.17
N ARG C 221 2.48 -32.90 6.99
CA ARG C 221 1.08 -33.12 7.34
C ARG C 221 0.88 -32.96 8.83
N GLY C 222 1.75 -33.59 9.61
CA GLY C 222 1.59 -33.47 11.05
C GLY C 222 1.66 -32.03 11.45
N ALA C 223 2.55 -31.30 10.80
CA ALA C 223 2.74 -29.88 11.09
C ALA C 223 1.44 -29.11 10.87
N LEU C 224 0.86 -29.31 9.68
CA LEU C 224 -0.39 -28.66 9.35
C LEU C 224 -1.42 -28.97 10.43
N LEU C 225 -1.67 -30.25 10.66
CA LEU C 225 -2.64 -30.65 11.66
C LEU C 225 -2.35 -30.03 13.01
N ALA C 226 -1.11 -30.12 13.46
CA ALA C 226 -0.71 -29.57 14.76
C ALA C 226 -1.05 -28.09 14.85
N TYR C 227 -0.55 -27.32 13.87
CA TYR C 227 -0.78 -25.88 13.82
C TYR C 227 -2.27 -25.49 13.76
N ALA C 228 -2.99 -26.02 12.77
CA ALA C 228 -4.40 -25.75 12.59
C ALA C 228 -5.26 -26.21 13.77
N GLN C 229 -4.95 -27.36 14.36
CA GLN C 229 -5.73 -27.84 15.51
C GLN C 229 -5.61 -26.87 16.69
N ARG C 230 -4.53 -26.11 16.67
CA ARG C 230 -4.25 -25.12 17.72
C ARG C 230 -5.05 -23.84 17.52
N THR C 231 -5.08 -23.35 16.28
CA THR C 231 -5.79 -22.11 15.96
C THR C 231 -7.31 -22.26 15.88
N GLN C 232 -7.78 -23.47 15.61
CA GLN C 232 -9.23 -23.70 15.54
C GLN C 232 -9.74 -23.79 16.96
N GLY C 233 -8.95 -24.41 17.82
CA GLY C 233 -9.34 -24.56 19.20
C GLY C 233 -10.25 -25.75 19.31
N GLY C 234 -9.84 -26.85 18.67
CA GLY C 234 -10.63 -28.07 18.69
C GLY C 234 -10.33 -28.89 17.46
N ALA C 235 -10.92 -30.07 17.36
CA ALA C 235 -10.69 -30.93 16.20
C ALA C 235 -11.07 -30.21 14.91
N LEU C 236 -10.36 -30.54 13.84
CA LEU C 236 -10.58 -29.92 12.54
C LEU C 236 -11.53 -30.72 11.66
N SER C 237 -12.16 -30.05 10.69
CA SER C 237 -13.06 -30.71 9.76
C SER C 237 -12.24 -30.99 8.52
N LEU C 238 -11.60 -32.15 8.49
CA LEU C 238 -10.74 -32.52 7.36
C LEU C 238 -11.45 -33.37 6.31
N GLN C 239 -10.92 -33.32 5.10
CA GLN C 239 -11.43 -34.11 3.99
C GLN C 239 -10.38 -35.18 3.74
N PRO C 240 -10.75 -36.27 3.06
CA PRO C 240 -9.75 -37.31 2.81
C PRO C 240 -8.47 -36.64 2.33
N PHE C 241 -7.33 -37.03 2.88
CA PHE C 241 -6.08 -36.43 2.46
C PHE C 241 -5.66 -36.99 1.09
N ARG C 242 -5.26 -36.10 0.19
CA ARG C 242 -4.84 -36.51 -1.14
C ARG C 242 -3.32 -36.47 -1.27
N PHE C 243 -2.75 -37.61 -1.61
CA PHE C 243 -1.32 -37.69 -1.83
C PHE C 243 -1.36 -37.76 -3.35
N TYR C 244 -1.27 -36.60 -3.98
CA TYR C 244 -1.35 -36.50 -5.43
C TYR C 244 0.00 -36.42 -6.07
N ASP C 245 0.02 -36.55 -7.39
CA ASP C 245 1.23 -36.50 -8.19
C ASP C 245 1.18 -35.45 -9.30
N PRO C 246 1.98 -34.37 -9.17
CA PRO C 246 2.03 -33.29 -10.15
C PRO C 246 2.54 -33.69 -11.54
N GLY C 247 2.88 -34.96 -11.71
CA GLY C 247 3.36 -35.41 -13.00
C GLY C 247 2.20 -35.84 -13.86
N ALA C 248 1.02 -35.90 -13.22
CA ALA C 248 -0.22 -36.30 -13.86
C ALA C 248 -0.94 -35.13 -14.55
N PHE C 249 -0.46 -33.91 -14.28
CA PHE C 249 -1.02 -32.70 -14.86
C PHE C 249 -0.01 -31.96 -15.73
N MET C 250 -0.48 -30.93 -16.43
CA MET C 250 0.41 -30.15 -17.28
C MET C 250 1.36 -29.35 -16.42
N ARG C 251 2.63 -29.30 -16.81
CA ARG C 251 3.63 -28.56 -16.05
C ARG C 251 3.58 -27.04 -16.27
N LEU C 252 3.26 -26.31 -15.22
CA LEU C 252 3.20 -24.85 -15.29
C LEU C 252 4.18 -24.23 -14.29
N PRO C 253 5.48 -24.17 -14.65
CA PRO C 253 6.52 -23.60 -13.80
C PRO C 253 6.18 -22.18 -13.36
N GLU C 254 6.89 -21.69 -12.35
CA GLU C 254 6.62 -20.34 -11.88
C GLU C 254 6.85 -19.31 -12.99
N ALA C 255 7.92 -19.47 -13.74
CA ALA C 255 8.23 -18.53 -14.81
C ALA C 255 7.18 -18.47 -15.90
N THR C 256 6.38 -19.52 -16.03
CA THR C 256 5.35 -19.55 -17.05
C THR C 256 4.11 -18.80 -16.57
N LEU C 257 3.69 -19.07 -15.34
CA LEU C 257 2.52 -18.43 -14.77
C LEU C 257 2.70 -16.91 -14.67
N ARG C 258 3.90 -16.53 -14.27
CA ARG C 258 4.24 -15.12 -14.14
C ARG C 258 4.27 -14.50 -15.51
N ALA C 259 5.21 -14.94 -16.35
CA ALA C 259 5.34 -14.42 -17.70
C ALA C 259 4.01 -14.45 -18.46
N LEU C 260 3.22 -15.49 -18.25
CA LEU C 260 1.92 -15.63 -18.91
C LEU C 260 0.80 -14.90 -18.19
N GLU C 261 1.11 -14.36 -17.02
CA GLU C 261 0.16 -13.62 -16.16
C GLU C 261 -1.13 -14.39 -15.94
N VAL C 262 -1.01 -15.68 -15.72
CA VAL C 262 -2.19 -16.51 -15.50
C VAL C 262 -2.99 -16.02 -14.30
N PHE C 263 -2.30 -15.76 -13.20
CA PHE C 263 -2.95 -15.33 -11.97
C PHE C 263 -2.59 -13.91 -11.53
N GLU C 264 -1.32 -13.52 -11.71
CA GLU C 264 -0.83 -12.19 -11.30
C GLU C 264 -0.34 -11.41 -12.51
N PRO C 265 -0.56 -10.08 -12.54
CA PRO C 265 -0.13 -9.27 -13.67
C PRO C 265 1.26 -8.70 -13.54
N LEU C 266 1.72 -8.11 -14.63
CA LEU C 266 3.02 -7.48 -14.67
C LEU C 266 2.82 -5.96 -14.61
N ARG C 267 1.82 -5.46 -15.32
CA ARG C 267 1.52 -4.03 -15.33
C ARG C 267 0.12 -3.74 -14.75
N GLY C 268 -0.09 -4.07 -13.48
CA GLY C 268 -1.37 -3.84 -12.80
C GLY C 268 -2.60 -3.97 -13.68
N GLN C 269 -2.47 -4.82 -14.70
CA GLN C 269 -3.53 -5.06 -15.66
C GLN C 269 -4.38 -6.25 -15.28
N ASP C 270 -4.91 -6.90 -16.30
CA ASP C 270 -5.75 -8.06 -16.13
C ASP C 270 -4.83 -9.27 -16.14
N THR C 271 -5.42 -10.43 -15.88
CA THR C 271 -4.69 -11.68 -15.86
C THR C 271 -5.57 -12.66 -16.58
N LEU C 272 -5.02 -13.81 -16.94
CA LEU C 272 -5.82 -14.82 -17.63
C LEU C 272 -7.01 -15.20 -16.78
N PHE C 273 -6.78 -15.32 -15.48
CA PHE C 273 -7.85 -15.71 -14.61
C PHE C 273 -8.95 -14.64 -14.57
N SER C 274 -8.52 -13.41 -14.35
CA SER C 274 -9.43 -12.27 -14.27
C SER C 274 -10.38 -12.26 -15.46
N VAL C 275 -9.80 -12.33 -16.66
CA VAL C 275 -10.56 -12.32 -17.91
C VAL C 275 -11.49 -13.49 -18.14
N LEU C 276 -11.06 -14.67 -17.69
CA LEU C 276 -11.80 -15.88 -17.88
C LEU C 276 -12.91 -16.12 -16.88
N ASP C 277 -12.63 -15.83 -15.61
CA ASP C 277 -13.58 -16.12 -14.55
C ASP C 277 -14.82 -15.28 -14.42
N GLU C 278 -15.96 -15.92 -14.69
CA GLU C 278 -17.25 -15.28 -14.58
C GLU C 278 -18.16 -16.09 -13.69
N THR C 279 -17.56 -17.00 -12.93
CA THR C 279 -18.31 -17.85 -12.01
C THR C 279 -19.18 -16.95 -11.15
N ARG C 280 -20.29 -17.49 -10.66
CA ARG C 280 -21.17 -16.72 -9.82
C ARG C 280 -20.98 -17.06 -8.36
N THR C 281 -20.63 -18.31 -8.11
CA THR C 281 -20.40 -18.82 -6.77
C THR C 281 -18.92 -18.85 -6.38
N ALA C 282 -18.62 -18.86 -5.09
CA ALA C 282 -17.23 -18.92 -4.65
C ALA C 282 -16.62 -20.31 -4.90
N PRO C 283 -17.32 -21.39 -4.51
CA PRO C 283 -16.74 -22.71 -4.75
C PRO C 283 -16.45 -22.86 -6.25
N GLY C 284 -17.26 -22.16 -7.05
CA GLY C 284 -17.09 -22.20 -8.49
C GLY C 284 -15.77 -21.54 -8.82
N ARG C 285 -15.58 -20.31 -8.36
CA ARG C 285 -14.34 -19.62 -8.64
C ARG C 285 -13.20 -20.50 -8.18
N ARG C 286 -13.36 -21.10 -7.01
CA ARG C 286 -12.30 -21.95 -6.53
C ARG C 286 -12.00 -23.09 -7.51
N LEU C 287 -13.04 -23.81 -7.93
CA LEU C 287 -12.85 -24.92 -8.85
C LEU C 287 -12.11 -24.47 -10.09
N LEU C 288 -12.61 -23.41 -10.73
CA LEU C 288 -11.97 -22.91 -11.94
C LEU C 288 -10.49 -22.66 -11.71
N GLN C 289 -10.18 -22.05 -10.56
CA GLN C 289 -8.79 -21.76 -10.20
C GLN C 289 -8.02 -23.08 -10.13
N SER C 290 -8.61 -24.07 -9.47
CA SER C 290 -7.98 -25.37 -9.33
C SER C 290 -7.64 -25.89 -10.71
N TRP C 291 -8.62 -25.82 -11.60
CA TRP C 291 -8.42 -26.31 -12.96
C TRP C 291 -7.27 -25.65 -13.69
N LEU C 292 -7.09 -24.35 -13.51
CA LEU C 292 -5.99 -23.65 -14.16
C LEU C 292 -4.67 -24.06 -13.56
N ARG C 293 -4.63 -24.18 -12.24
CA ARG C 293 -3.42 -24.58 -11.51
C ARG C 293 -2.82 -25.88 -12.03
N HIS C 294 -3.68 -26.79 -12.48
CA HIS C 294 -3.23 -28.07 -13.00
C HIS C 294 -4.08 -28.54 -14.20
N PRO C 295 -3.74 -28.07 -15.41
CA PRO C 295 -4.48 -28.45 -16.61
C PRO C 295 -4.37 -29.96 -16.79
N LEU C 296 -5.36 -30.55 -17.43
CA LEU C 296 -5.34 -31.99 -17.67
C LEU C 296 -4.44 -32.41 -18.84
N LEU C 297 -4.01 -33.66 -18.79
CA LEU C 297 -3.18 -34.22 -19.86
C LEU C 297 -4.03 -35.19 -20.65
N ASP C 298 -5.10 -35.67 -20.04
CA ASP C 298 -5.96 -36.66 -20.67
C ASP C 298 -7.10 -36.14 -21.54
N ARG C 299 -7.05 -36.54 -22.81
CA ARG C 299 -8.03 -36.19 -23.84
C ARG C 299 -9.48 -36.47 -23.41
N GLY C 300 -9.73 -37.68 -22.93
CA GLY C 300 -11.08 -38.04 -22.51
C GLY C 300 -11.80 -37.04 -21.61
N PRO C 301 -11.31 -36.83 -20.39
CA PRO C 301 -11.93 -35.89 -19.42
C PRO C 301 -12.08 -34.46 -19.94
N LEU C 302 -11.07 -33.96 -20.64
CA LEU C 302 -11.14 -32.62 -21.22
C LEU C 302 -12.32 -32.59 -22.19
N GLU C 303 -12.44 -33.62 -23.05
CA GLU C 303 -13.54 -33.72 -23.98
C GLU C 303 -14.81 -33.97 -23.15
N ALA C 304 -14.70 -34.53 -21.93
CA ALA C 304 -15.92 -34.48 -21.16
C ALA C 304 -16.23 -32.90 -20.85
N ARG C 305 -15.31 -32.15 -20.20
CA ARG C 305 -15.55 -30.72 -19.78
C ARG C 305 -16.10 -29.90 -20.97
N LEU C 306 -15.45 -30.05 -22.13
CA LEU C 306 -15.84 -29.34 -23.35
C LEU C 306 -17.26 -29.61 -23.83
N ASP C 307 -17.82 -30.77 -23.49
CA ASP C 307 -19.18 -31.07 -23.90
C ASP C 307 -20.11 -30.25 -23.04
N ARG C 308 -19.92 -30.34 -21.74
CA ARG C 308 -20.77 -29.60 -20.85
C ARG C 308 -20.66 -28.10 -21.09
N VAL C 309 -19.50 -27.62 -21.49
CA VAL C 309 -19.37 -26.19 -21.75
C VAL C 309 -20.22 -25.89 -22.97
N GLU C 310 -20.02 -26.68 -24.02
CA GLU C 310 -20.75 -26.52 -25.27
C GLU C 310 -22.23 -26.59 -25.00
N GLY C 311 -22.61 -27.40 -24.02
CA GLY C 311 -24.02 -27.52 -23.67
C GLY C 311 -24.62 -26.16 -23.40
N PHE C 312 -24.11 -25.46 -22.39
CA PHE C 312 -24.58 -24.13 -22.02
C PHE C 312 -24.39 -23.08 -23.11
N VAL C 313 -23.48 -23.34 -24.04
CA VAL C 313 -23.26 -22.38 -25.11
C VAL C 313 -24.46 -22.41 -26.02
N ARG C 314 -25.01 -23.59 -26.22
CA ARG C 314 -26.19 -23.75 -27.06
C ARG C 314 -27.42 -23.29 -26.28
N GLU C 315 -27.66 -23.89 -25.12
CA GLU C 315 -28.81 -23.54 -24.30
C GLU C 315 -28.75 -22.16 -23.61
N GLY C 316 -28.73 -21.10 -24.42
CA GLY C 316 -28.67 -19.77 -23.87
C GLY C 316 -29.69 -19.58 -22.76
N ALA C 317 -30.91 -20.03 -23.01
CA ALA C 317 -31.97 -19.91 -22.00
C ALA C 317 -31.44 -20.52 -20.72
N LEU C 318 -31.35 -21.83 -20.74
CA LEU C 318 -30.86 -22.59 -19.61
C LEU C 318 -29.64 -21.95 -18.96
N ARG C 319 -28.63 -21.65 -19.76
CA ARG C 319 -27.39 -21.06 -19.26
C ARG C 319 -27.65 -19.84 -18.37
N GLU C 320 -28.47 -18.92 -18.86
CA GLU C 320 -28.80 -17.69 -18.14
C GLU C 320 -29.66 -17.92 -16.90
N GLY C 321 -30.36 -19.06 -16.91
CA GLY C 321 -31.20 -19.41 -15.78
C GLY C 321 -30.32 -19.91 -14.65
N VAL C 322 -29.52 -20.92 -14.92
CA VAL C 322 -28.65 -21.45 -13.91
C VAL C 322 -27.80 -20.34 -13.30
N ARG C 323 -27.34 -19.41 -14.12
CA ARG C 323 -26.51 -18.31 -13.63
C ARG C 323 -27.35 -17.29 -12.83
N ARG C 324 -28.62 -17.15 -13.23
CA ARG C 324 -29.52 -16.23 -12.55
C ARG C 324 -29.76 -16.74 -11.12
N LEU C 325 -29.84 -18.07 -10.99
CA LEU C 325 -30.10 -18.71 -9.70
C LEU C 325 -28.86 -18.86 -8.83
N LEU C 326 -27.69 -19.00 -9.44
CA LEU C 326 -26.46 -19.16 -8.67
C LEU C 326 -26.04 -17.84 -8.04
N TYR C 327 -26.58 -16.74 -8.54
CA TYR C 327 -26.24 -15.43 -7.99
C TYR C 327 -26.54 -15.41 -6.48
N ARG C 328 -27.59 -16.15 -6.11
CA ARG C 328 -28.06 -16.23 -4.72
C ARG C 328 -27.49 -17.40 -3.94
N LEU C 329 -26.72 -18.25 -4.59
CA LEU C 329 -26.16 -19.40 -3.90
C LEU C 329 -25.02 -19.00 -2.97
N ALA C 330 -25.10 -19.42 -1.72
CA ALA C 330 -24.04 -19.11 -0.77
C ALA C 330 -22.96 -20.20 -0.81
N ASP C 331 -21.88 -19.96 -0.09
CA ASP C 331 -20.76 -20.89 -0.01
C ASP C 331 -21.15 -22.08 0.87
N LEU C 332 -21.88 -23.05 0.31
CA LEU C 332 -22.29 -24.21 1.08
C LEU C 332 -21.09 -25.03 1.61
N GLU C 333 -20.06 -25.14 0.78
CA GLU C 333 -18.85 -25.87 1.12
C GLU C 333 -18.26 -25.34 2.40
N ARG C 334 -18.19 -24.03 2.53
CA ARG C 334 -17.64 -23.43 3.74
C ARG C 334 -18.62 -23.45 4.88
N LEU C 335 -19.88 -23.24 4.54
CA LEU C 335 -20.96 -23.21 5.50
C LEU C 335 -21.02 -24.59 6.14
N ALA C 336 -20.84 -25.61 5.31
CA ALA C 336 -20.89 -26.97 5.80
C ALA C 336 -19.73 -27.21 6.76
N THR C 337 -18.63 -26.53 6.53
CA THR C 337 -17.46 -26.70 7.40
C THR C 337 -17.69 -26.02 8.73
N ARG C 338 -18.16 -24.79 8.69
CA ARG C 338 -18.45 -24.04 9.92
C ARG C 338 -19.46 -24.84 10.75
N LEU C 339 -20.46 -25.43 10.11
CA LEU C 339 -21.45 -26.23 10.82
C LEU C 339 -20.77 -27.37 11.58
N GLU C 340 -20.07 -28.23 10.85
CA GLU C 340 -19.38 -29.37 11.43
C GLU C 340 -18.49 -28.89 12.58
N LEU C 341 -17.88 -27.72 12.41
CA LEU C 341 -17.02 -27.16 13.44
C LEU C 341 -17.79 -26.52 14.58
N GLY C 342 -19.12 -26.55 14.48
CA GLY C 342 -19.94 -25.96 15.52
C GLY C 342 -19.72 -24.47 15.67
N ARG C 343 -19.61 -23.78 14.53
CA ARG C 343 -19.40 -22.34 14.49
C ARG C 343 -20.50 -21.62 13.71
N ALA C 344 -21.37 -22.40 13.07
CA ALA C 344 -22.47 -21.86 12.30
C ALA C 344 -23.32 -20.90 13.13
N SER C 345 -23.50 -19.68 12.61
CA SER C 345 -24.29 -18.66 13.29
C SER C 345 -25.68 -18.62 12.69
N PRO C 346 -26.57 -17.83 13.30
CA PRO C 346 -27.93 -17.77 12.74
C PRO C 346 -27.82 -17.17 11.33
N LYS C 347 -26.85 -16.27 11.16
CA LYS C 347 -26.63 -15.64 9.88
C LYS C 347 -26.37 -16.78 8.88
N ASP C 348 -25.44 -17.66 9.22
CA ASP C 348 -25.10 -18.79 8.36
C ASP C 348 -26.37 -19.55 8.00
N LEU C 349 -27.13 -19.96 9.01
CA LEU C 349 -28.37 -20.70 8.79
C LEU C 349 -29.35 -19.97 7.88
N GLY C 350 -29.48 -18.66 8.07
CA GLY C 350 -30.39 -17.92 7.23
C GLY C 350 -29.96 -18.12 5.80
N ALA C 351 -28.65 -17.98 5.58
CA ALA C 351 -28.04 -18.13 4.27
C ALA C 351 -28.29 -19.52 3.71
N LEU C 352 -28.08 -20.52 4.55
CA LEU C 352 -28.29 -21.90 4.15
C LEU C 352 -29.71 -22.01 3.70
N ARG C 353 -30.63 -21.39 4.43
CA ARG C 353 -32.03 -21.48 4.07
C ARG C 353 -32.30 -20.95 2.69
N ARG C 354 -31.65 -19.86 2.33
CA ARG C 354 -31.88 -19.30 1.00
C ARG C 354 -31.32 -20.22 -0.06
N SER C 355 -30.07 -20.61 0.11
CA SER C 355 -29.43 -21.48 -0.86
C SER C 355 -30.26 -22.73 -1.16
N LEU C 356 -30.67 -23.45 -0.12
CA LEU C 356 -31.46 -24.67 -0.31
C LEU C 356 -32.76 -24.47 -1.06
N GLN C 357 -33.29 -23.24 -1.03
CA GLN C 357 -34.55 -22.92 -1.69
C GLN C 357 -34.35 -22.79 -3.20
N ILE C 358 -33.11 -22.62 -3.60
CA ILE C 358 -32.77 -22.51 -5.01
C ILE C 358 -32.73 -23.88 -5.64
N LEU C 359 -32.19 -24.86 -4.91
CA LEU C 359 -32.08 -26.22 -5.42
C LEU C 359 -33.18 -26.71 -6.36
N PRO C 360 -34.44 -26.79 -5.88
CA PRO C 360 -35.54 -27.25 -6.73
C PRO C 360 -35.73 -26.56 -8.07
N GLU C 361 -35.47 -25.26 -8.12
CA GLU C 361 -35.62 -24.53 -9.36
C GLU C 361 -34.50 -24.95 -10.33
N LEU C 362 -33.33 -25.26 -9.78
CA LEU C 362 -32.20 -25.72 -10.58
C LEU C 362 -32.53 -27.12 -11.06
N ARG C 363 -33.08 -27.93 -10.17
CA ARG C 363 -33.45 -29.28 -10.51
C ARG C 363 -34.32 -29.22 -11.72
N ALA C 364 -35.39 -28.44 -11.65
CA ALA C 364 -36.32 -28.31 -12.76
C ALA C 364 -35.62 -27.91 -14.06
N LEU C 365 -34.93 -26.76 -14.01
CA LEU C 365 -34.21 -26.24 -15.18
C LEU C 365 -33.24 -27.20 -15.88
N LEU C 366 -32.56 -28.03 -15.10
CA LEU C 366 -31.60 -28.97 -15.67
C LEU C 366 -32.09 -30.40 -15.79
N GLY C 367 -33.06 -30.78 -14.98
CA GLY C 367 -33.55 -32.14 -15.03
C GLY C 367 -32.98 -32.88 -13.84
N GLU C 368 -33.69 -33.92 -13.41
CA GLU C 368 -33.29 -34.73 -12.26
C GLU C 368 -31.95 -35.44 -12.43
N GLU C 369 -31.28 -35.22 -13.56
CA GLU C 369 -30.02 -35.87 -13.81
C GLU C 369 -28.85 -35.20 -13.10
N VAL C 370 -29.03 -33.94 -12.69
CA VAL C 370 -27.96 -33.20 -12.01
C VAL C 370 -27.42 -33.95 -10.79
N GLY C 371 -28.28 -34.75 -10.16
CA GLY C 371 -27.84 -35.50 -9.00
C GLY C 371 -27.82 -34.71 -7.71
N LEU C 372 -28.39 -33.50 -7.74
CA LEU C 372 -28.44 -32.67 -6.54
C LEU C 372 -29.19 -33.41 -5.45
N PRO C 373 -28.62 -33.46 -4.24
CA PRO C 373 -29.19 -34.12 -3.07
C PRO C 373 -30.53 -33.50 -2.68
N ASP C 374 -31.42 -34.29 -2.11
CA ASP C 374 -32.74 -33.78 -1.73
C ASP C 374 -32.76 -33.26 -0.31
N LEU C 375 -32.50 -31.96 -0.16
CA LEU C 375 -32.47 -31.35 1.17
C LEU C 375 -33.77 -30.65 1.50
N SER C 376 -34.80 -30.87 0.68
CA SER C 376 -36.10 -30.27 0.95
C SER C 376 -36.46 -30.38 2.43
N PRO C 377 -36.20 -31.54 3.07
CA PRO C 377 -36.55 -31.62 4.50
C PRO C 377 -35.88 -30.52 5.30
N LEU C 378 -34.56 -30.48 5.26
CA LEU C 378 -33.82 -29.45 5.99
C LEU C 378 -34.32 -28.05 5.57
N LYS C 379 -34.36 -27.78 4.27
CA LYS C 379 -34.81 -26.48 3.80
C LYS C 379 -36.08 -26.03 4.48
N GLU C 380 -37.09 -26.89 4.48
CA GLU C 380 -38.37 -26.54 5.07
C GLU C 380 -38.31 -26.16 6.55
N GLU C 381 -37.78 -27.06 7.38
CA GLU C 381 -37.72 -26.79 8.81
C GLU C 381 -37.02 -25.47 9.11
N LEU C 382 -36.10 -25.07 8.25
CA LEU C 382 -35.42 -23.80 8.46
C LEU C 382 -36.43 -22.68 8.28
N GLU C 383 -37.20 -22.75 7.20
CA GLU C 383 -38.20 -21.73 6.91
C GLU C 383 -39.21 -21.69 8.05
N ALA C 384 -39.40 -22.83 8.73
CA ALA C 384 -40.36 -22.95 9.84
C ALA C 384 -39.79 -22.60 11.20
N ALA C 385 -38.49 -22.34 11.27
CA ALA C 385 -37.86 -22.00 12.54
C ALA C 385 -37.27 -20.61 12.56
N LEU C 386 -36.66 -20.21 11.47
CA LEU C 386 -36.03 -18.90 11.39
C LEU C 386 -36.92 -17.76 10.89
N VAL C 387 -36.61 -16.54 11.35
CA VAL C 387 -37.34 -15.35 10.95
C VAL C 387 -36.91 -15.02 9.52
N GLU C 388 -37.79 -14.36 8.77
CA GLU C 388 -37.48 -14.01 7.39
C GLU C 388 -36.12 -13.33 7.28
N ASP C 389 -35.66 -12.72 8.38
CA ASP C 389 -34.37 -12.04 8.37
C ASP C 389 -33.62 -12.29 9.67
N PRO C 390 -32.93 -13.42 9.76
CA PRO C 390 -32.16 -13.83 10.93
C PRO C 390 -31.14 -12.81 11.46
N PRO C 391 -31.20 -12.53 12.77
CA PRO C 391 -30.31 -11.58 13.47
C PRO C 391 -28.90 -12.14 13.55
N LEU C 392 -27.98 -11.35 14.10
CA LEU C 392 -26.59 -11.76 14.23
C LEU C 392 -26.36 -12.75 15.37
N LYS C 393 -26.62 -12.34 16.60
CA LYS C 393 -26.42 -13.21 17.76
C LYS C 393 -27.75 -13.63 18.35
N VAL C 394 -27.77 -14.76 19.05
CA VAL C 394 -28.99 -15.30 19.62
C VAL C 394 -29.61 -14.54 20.80
N SER C 395 -28.83 -14.34 21.86
CA SER C 395 -29.31 -13.63 23.04
C SER C 395 -30.09 -12.33 22.77
N GLU C 396 -29.89 -11.74 21.60
CA GLU C 396 -30.60 -10.51 21.28
C GLU C 396 -32.00 -10.85 20.76
N GLY C 397 -32.55 -9.97 19.92
CA GLY C 397 -33.88 -10.16 19.36
C GLY C 397 -34.32 -11.55 18.92
N GLY C 398 -35.50 -11.59 18.34
CA GLY C 398 -36.08 -12.83 17.87
C GLY C 398 -35.35 -13.49 16.72
N LEU C 399 -35.11 -14.78 16.90
CA LEU C 399 -34.41 -15.56 15.91
C LEU C 399 -35.36 -16.64 15.42
N ILE C 400 -36.03 -17.29 16.36
CA ILE C 400 -36.98 -18.36 16.07
C ILE C 400 -38.32 -17.75 15.78
N ARG C 401 -38.98 -18.25 14.74
CA ARG C 401 -40.30 -17.74 14.37
C ARG C 401 -41.34 -18.19 15.39
N GLU C 402 -42.37 -17.37 15.57
CA GLU C 402 -43.42 -17.71 16.50
C GLU C 402 -44.26 -18.86 15.96
N GLY C 403 -44.48 -19.87 16.79
CA GLY C 403 -45.26 -21.01 16.38
C GLY C 403 -44.41 -22.23 16.05
N TYR C 404 -43.15 -22.21 16.46
CA TYR C 404 -42.26 -23.32 16.19
C TYR C 404 -41.88 -24.04 17.46
N ASP C 405 -41.86 -23.35 18.58
CA ASP C 405 -41.48 -23.98 19.83
C ASP C 405 -42.56 -23.83 20.90
N PRO C 406 -43.21 -24.94 21.26
CA PRO C 406 -44.26 -24.85 22.27
C PRO C 406 -43.74 -24.12 23.52
N ASP C 407 -42.60 -24.58 24.01
CA ASP C 407 -41.96 -24.02 25.20
C ASP C 407 -41.67 -22.53 25.07
N LEU C 408 -41.41 -22.07 23.84
CA LEU C 408 -41.11 -20.66 23.59
C LEU C 408 -42.29 -19.76 23.22
N ASP C 409 -43.37 -20.36 22.74
CA ASP C 409 -44.55 -19.59 22.38
C ASP C 409 -45.32 -19.19 23.64
N ALA C 410 -45.14 -19.99 24.68
CA ALA C 410 -45.78 -19.76 25.96
C ALA C 410 -45.00 -18.64 26.65
N LEU C 411 -43.74 -18.53 26.28
CA LEU C 411 -42.86 -17.53 26.84
C LEU C 411 -43.18 -16.17 26.24
N ARG C 412 -43.33 -16.11 24.92
CA ARG C 412 -43.67 -14.84 24.26
C ARG C 412 -45.11 -14.50 24.66
N ALA C 413 -45.86 -15.53 25.03
CA ALA C 413 -47.23 -15.37 25.46
C ALA C 413 -47.23 -14.57 26.76
N ALA C 414 -46.64 -15.18 27.79
CA ALA C 414 -46.53 -14.56 29.10
C ALA C 414 -45.92 -13.18 29.04
N HIS C 415 -44.97 -12.99 28.13
CA HIS C 415 -44.33 -11.70 28.02
C HIS C 415 -45.24 -10.65 27.44
N ARG C 416 -46.03 -11.02 26.45
CA ARG C 416 -46.93 -10.05 25.86
C ARG C 416 -47.91 -9.51 26.89
N GLU C 417 -48.52 -10.42 27.66
CA GLU C 417 -49.47 -10.01 28.69
C GLU C 417 -48.76 -9.16 29.75
N GLY C 418 -47.60 -9.65 30.18
CA GLY C 418 -46.83 -8.95 31.19
C GLY C 418 -46.49 -7.52 30.82
N VAL C 419 -46.22 -7.27 29.55
CA VAL C 419 -45.90 -5.93 29.11
C VAL C 419 -47.21 -5.14 29.06
N ALA C 420 -48.26 -5.78 28.57
CA ALA C 420 -49.56 -5.14 28.49
C ALA C 420 -49.97 -4.65 29.87
N TYR C 421 -49.54 -5.38 30.90
CA TYR C 421 -49.85 -4.99 32.26
C TYR C 421 -49.56 -3.53 32.49
N PHE C 422 -48.28 -3.16 32.36
CA PHE C 422 -47.83 -1.79 32.58
C PHE C 422 -48.59 -0.77 31.75
N LEU C 423 -49.08 -1.19 30.60
CA LEU C 423 -49.83 -0.30 29.74
C LEU C 423 -51.19 -0.06 30.40
N GLU C 424 -51.84 -1.14 30.82
CA GLU C 424 -53.13 -1.04 31.49
C GLU C 424 -52.99 -0.10 32.69
N LEU C 425 -51.99 -0.38 33.52
CA LEU C 425 -51.70 0.41 34.72
C LEU C 425 -51.65 1.92 34.45
N GLU C 426 -51.02 2.32 33.36
CA GLU C 426 -50.92 3.74 33.02
C GLU C 426 -52.28 4.40 33.07
N GLU C 427 -53.24 3.78 32.40
CA GLU C 427 -54.58 4.32 32.33
C GLU C 427 -55.29 4.23 33.66
N ARG C 428 -54.98 3.20 34.44
CA ARG C 428 -55.63 3.06 35.73
C ARG C 428 -55.22 4.23 36.62
N GLU C 429 -53.92 4.55 36.58
CA GLU C 429 -53.39 5.63 37.38
C GLU C 429 -53.78 7.00 36.87
N ARG C 430 -53.78 7.17 35.56
CA ARG C 430 -54.18 8.46 35.01
C ARG C 430 -55.57 8.81 35.52
N GLU C 431 -56.33 7.80 35.94
CA GLU C 431 -57.68 8.06 36.43
C GLU C 431 -57.72 8.25 37.94
N ARG C 432 -57.21 7.26 38.68
CA ARG C 432 -57.20 7.38 40.11
C ARG C 432 -56.65 8.75 40.51
N THR C 433 -55.51 9.11 39.92
CA THR C 433 -54.83 10.37 40.22
C THR C 433 -55.39 11.59 39.56
N GLY C 434 -56.19 11.40 38.53
CA GLY C 434 -56.76 12.54 37.83
C GLY C 434 -55.70 13.28 37.03
N ILE C 435 -54.49 12.72 37.01
CA ILE C 435 -53.37 13.33 36.29
C ILE C 435 -53.37 12.82 34.86
N PRO C 436 -53.97 13.60 33.93
CA PRO C 436 -54.07 13.26 32.50
C PRO C 436 -52.79 12.83 31.79
N THR C 437 -51.70 13.54 32.05
CA THR C 437 -50.46 13.26 31.38
C THR C 437 -49.61 12.12 31.93
N LEU C 438 -49.91 11.64 33.14
CA LEU C 438 -49.12 10.56 33.76
C LEU C 438 -48.67 9.42 32.81
N LYS C 439 -47.37 9.27 32.64
CA LYS C 439 -46.81 8.23 31.78
C LYS C 439 -46.29 7.07 32.61
N VAL C 440 -46.11 5.94 31.94
CA VAL C 440 -45.55 4.76 32.58
C VAL C 440 -44.40 4.43 31.67
N GLY C 441 -43.17 4.61 32.17
CA GLY C 441 -42.01 4.35 31.35
C GLY C 441 -41.11 3.28 31.87
N TYR C 442 -39.97 3.15 31.21
CA TYR C 442 -38.99 2.16 31.59
C TYR C 442 -37.58 2.58 31.14
N ASN C 443 -36.58 2.03 31.81
CA ASN C 443 -35.18 2.25 31.48
C ASN C 443 -34.32 1.42 32.39
N ALA C 444 -33.25 0.91 31.79
CA ALA C 444 -32.30 0.05 32.45
C ALA C 444 -31.93 0.43 33.87
N VAL C 445 -31.72 1.71 34.14
CA VAL C 445 -31.32 2.11 35.48
C VAL C 445 -32.35 1.93 36.60
N PHE C 446 -33.63 2.22 36.33
CA PHE C 446 -34.63 2.12 37.38
C PHE C 446 -35.77 1.15 37.13
N GLY C 447 -35.83 0.61 35.91
CA GLY C 447 -36.89 -0.32 35.56
C GLY C 447 -38.19 0.38 35.22
N TYR C 448 -39.28 -0.37 35.26
CA TYR C 448 -40.58 0.21 34.96
C TYR C 448 -40.85 1.29 35.97
N TYR C 449 -41.48 2.36 35.53
CA TYR C 449 -41.78 3.47 36.42
C TYR C 449 -43.04 4.25 36.03
N LEU C 450 -43.54 5.05 36.97
CA LEU C 450 -44.70 5.91 36.76
C LEU C 450 -44.13 7.32 36.69
N GLU C 451 -44.50 8.08 35.67
CA GLU C 451 -43.96 9.42 35.51
C GLU C 451 -44.97 10.54 35.64
N VAL C 452 -44.56 11.61 36.32
CA VAL C 452 -45.43 12.75 36.53
C VAL C 452 -44.64 14.06 36.46
N THR C 453 -45.21 15.05 35.77
CA THR C 453 -44.58 16.36 35.61
C THR C 453 -44.70 17.26 36.82
N ARG C 454 -44.05 18.40 36.77
CA ARG C 454 -44.04 19.35 37.87
C ARG C 454 -45.41 19.91 38.28
N PRO C 455 -46.21 20.38 37.31
CA PRO C 455 -47.53 20.93 37.60
C PRO C 455 -48.43 19.99 38.42
N TYR C 456 -48.07 18.71 38.48
CA TYR C 456 -48.87 17.74 39.22
C TYR C 456 -48.15 17.12 40.40
N TYR C 457 -47.06 17.73 40.86
CA TYR C 457 -46.31 17.17 41.98
C TYR C 457 -47.12 17.10 43.27
N GLU C 458 -47.87 18.16 43.57
CA GLU C 458 -48.68 18.22 44.79
C GLU C 458 -49.89 17.33 44.64
N ARG C 459 -50.08 16.79 43.46
CA ARG C 459 -51.23 15.95 43.13
C ARG C 459 -50.94 14.44 43.16
N VAL C 460 -49.70 14.09 43.46
CA VAL C 460 -49.22 12.70 43.53
C VAL C 460 -49.63 12.09 44.86
N PRO C 461 -50.20 10.88 44.84
CA PRO C 461 -50.64 10.19 46.07
C PRO C 461 -49.52 9.70 46.99
N LYS C 462 -49.83 9.55 48.27
CA LYS C 462 -48.86 9.09 49.26
C LYS C 462 -48.14 7.82 48.80
N GLU C 463 -48.92 6.83 48.39
CA GLU C 463 -48.43 5.52 47.93
C GLU C 463 -47.26 5.55 46.94
N TYR C 464 -47.18 6.55 46.09
CA TYR C 464 -46.09 6.65 45.13
C TYR C 464 -44.73 6.77 45.80
N ARG C 465 -43.82 5.89 45.43
CA ARG C 465 -42.46 5.84 45.98
C ARG C 465 -41.50 6.52 45.00
N PRO C 466 -40.83 7.60 45.43
CA PRO C 466 -39.87 8.34 44.60
C PRO C 466 -38.75 7.43 44.17
N VAL C 467 -38.39 7.50 42.89
CA VAL C 467 -37.34 6.64 42.40
C VAL C 467 -36.31 7.47 41.68
N GLN C 468 -36.77 8.40 40.85
CA GLN C 468 -35.87 9.25 40.10
C GLN C 468 -36.42 10.65 39.92
N THR C 469 -35.54 11.65 40.06
CA THR C 469 -35.94 13.05 39.89
C THR C 469 -35.28 13.63 38.67
N LEU C 470 -36.00 14.49 37.97
CA LEU C 470 -35.49 15.13 36.77
C LEU C 470 -35.82 16.62 36.82
N LYS C 471 -35.26 17.38 35.87
CA LYS C 471 -35.46 18.81 35.82
C LYS C 471 -36.92 19.17 36.14
N ASP C 472 -37.87 18.59 35.41
CA ASP C 472 -39.27 18.88 35.67
C ASP C 472 -40.20 17.68 35.46
N ARG C 473 -39.77 16.56 36.02
CA ARG C 473 -40.48 15.29 36.00
C ARG C 473 -39.94 14.49 37.17
N GLN C 474 -40.81 13.71 37.79
CA GLN C 474 -40.47 12.87 38.92
C GLN C 474 -40.97 11.46 38.60
N ARG C 475 -40.27 10.42 39.04
CA ARG C 475 -40.71 9.05 38.76
C ARG C 475 -40.92 8.22 40.01
N TYR C 476 -42.10 7.62 40.12
CA TYR C 476 -42.49 6.81 41.28
C TYR C 476 -42.67 5.33 41.05
N THR C 477 -42.87 4.62 42.16
CA THR C 477 -43.07 3.19 42.10
C THR C 477 -44.16 2.70 43.04
N LEU C 478 -45.03 1.86 42.53
CA LEU C 478 -46.09 1.26 43.34
C LEU C 478 -45.59 -0.17 43.61
N PRO C 479 -46.07 -0.79 44.71
CA PRO C 479 -45.63 -2.15 45.00
C PRO C 479 -45.96 -3.16 43.90
N GLU C 480 -47.19 -3.10 43.39
CA GLU C 480 -47.64 -4.00 42.33
C GLU C 480 -46.58 -4.13 41.23
N MET C 481 -46.17 -2.98 40.70
CA MET C 481 -45.18 -2.94 39.65
C MET C 481 -43.96 -3.76 40.02
N LYS C 482 -43.30 -3.37 41.10
CA LYS C 482 -42.12 -4.06 41.60
C LYS C 482 -42.19 -5.57 41.35
N GLU C 483 -43.35 -6.13 41.60
CA GLU C 483 -43.56 -7.56 41.38
C GLU C 483 -43.66 -7.88 39.90
N LYS C 484 -44.65 -7.29 39.23
CA LYS C 484 -44.85 -7.54 37.81
C LYS C 484 -43.63 -7.22 36.97
N GLU C 485 -42.76 -6.35 37.46
CA GLU C 485 -41.57 -6.00 36.70
C GLU C 485 -40.58 -7.16 36.73
N ARG C 486 -40.59 -7.94 37.82
CA ARG C 486 -39.68 -9.09 37.95
C ARG C 486 -40.23 -10.31 37.25
N GLU C 487 -41.52 -10.30 36.97
CA GLU C 487 -42.16 -11.38 36.27
C GLU C 487 -41.78 -11.22 34.81
N VAL C 488 -41.57 -9.97 34.40
CA VAL C 488 -41.20 -9.71 33.02
C VAL C 488 -39.74 -10.06 32.82
N TYR C 489 -38.91 -9.70 33.77
CA TYR C 489 -37.50 -10.01 33.65
C TYR C 489 -37.26 -11.50 33.64
N ARG C 490 -38.00 -12.24 34.45
CA ARG C 490 -37.82 -13.69 34.47
C ARG C 490 -38.29 -14.30 33.15
N LEU C 491 -39.36 -13.76 32.57
CA LEU C 491 -39.82 -14.28 31.28
C LEU C 491 -38.70 -14.06 30.27
N GLU C 492 -38.30 -12.80 30.10
CA GLU C 492 -37.23 -12.42 29.18
C GLU C 492 -35.99 -13.31 29.32
N ALA C 493 -35.61 -13.59 30.56
CA ALA C 493 -34.45 -14.41 30.84
C ALA C 493 -34.68 -15.84 30.37
N LEU C 494 -35.92 -16.29 30.46
CA LEU C 494 -36.26 -17.63 30.02
C LEU C 494 -36.44 -17.69 28.51
N ILE C 495 -36.84 -16.57 27.93
CA ILE C 495 -37.03 -16.49 26.49
C ILE C 495 -35.69 -16.62 25.76
N ARG C 496 -34.64 -16.01 26.29
CA ARG C 496 -33.34 -16.13 25.65
C ARG C 496 -32.87 -17.59 25.72
N ARG C 497 -32.73 -18.10 26.94
CA ARG C 497 -32.28 -19.47 27.14
C ARG C 497 -32.91 -20.42 26.15
N ARG C 498 -34.22 -20.32 25.96
CA ARG C 498 -34.93 -21.22 25.06
C ARG C 498 -34.76 -20.92 23.57
N GLU C 499 -34.82 -19.65 23.22
CA GLU C 499 -34.66 -19.25 21.83
C GLU C 499 -33.29 -19.73 21.37
N GLU C 500 -32.33 -19.70 22.28
CA GLU C 500 -30.98 -20.14 21.93
C GLU C 500 -30.88 -21.67 21.85
N GLU C 501 -31.61 -22.37 22.71
CA GLU C 501 -31.55 -23.82 22.63
C GLU C 501 -32.17 -24.23 21.28
N VAL C 502 -33.34 -23.66 20.99
CA VAL C 502 -34.05 -23.97 19.75
C VAL C 502 -33.14 -23.72 18.57
N PHE C 503 -32.31 -22.69 18.70
CA PHE C 503 -31.39 -22.38 17.63
C PHE C 503 -30.38 -23.50 17.52
N LEU C 504 -29.69 -23.75 18.62
CA LEU C 504 -28.70 -24.80 18.70
C LEU C 504 -29.27 -26.13 18.24
N GLU C 505 -30.52 -26.40 18.62
CA GLU C 505 -31.21 -27.63 18.22
C GLU C 505 -31.34 -27.69 16.71
N VAL C 506 -31.87 -26.62 16.12
CA VAL C 506 -32.06 -26.52 14.68
C VAL C 506 -30.71 -26.59 13.95
N ARG C 507 -29.70 -25.95 14.53
CA ARG C 507 -28.38 -25.95 13.92
C ARG C 507 -27.89 -27.38 13.77
N GLU C 508 -27.85 -28.09 14.88
CA GLU C 508 -27.42 -29.48 14.89
C GLU C 508 -28.17 -30.25 13.83
N ARG C 509 -29.39 -29.82 13.55
CA ARG C 509 -30.19 -30.49 12.53
C ARG C 509 -29.49 -30.32 11.19
N ALA C 510 -29.03 -29.09 10.92
CA ALA C 510 -28.35 -28.80 9.67
C ALA C 510 -26.98 -29.43 9.67
N LYS C 511 -26.40 -29.61 10.84
CA LYS C 511 -25.08 -30.22 10.94
C LYS C 511 -25.07 -31.71 10.55
N ARG C 512 -26.22 -32.35 10.59
CA ARG C 512 -26.28 -33.76 10.22
C ARG C 512 -26.50 -33.86 8.73
N GLN C 513 -26.41 -32.73 8.05
CA GLN C 513 -26.60 -32.67 6.61
C GLN C 513 -25.36 -32.09 5.95
N ALA C 514 -24.33 -31.88 6.77
CA ALA C 514 -23.08 -31.33 6.29
C ALA C 514 -22.66 -32.02 5.00
N GLU C 515 -22.49 -33.34 5.08
CA GLU C 515 -22.08 -34.13 3.92
C GLU C 515 -22.97 -33.91 2.70
N ALA C 516 -24.28 -33.84 2.90
CA ALA C 516 -25.20 -33.61 1.80
C ALA C 516 -24.93 -32.22 1.27
N LEU C 517 -24.72 -31.29 2.21
CA LEU C 517 -24.45 -29.92 1.85
C LEU C 517 -23.19 -29.88 0.99
N ARG C 518 -22.16 -30.61 1.41
CA ARG C 518 -20.91 -30.66 0.67
C ARG C 518 -21.03 -31.19 -0.76
N GLU C 519 -21.83 -32.23 -0.97
CA GLU C 519 -21.91 -32.72 -2.33
C GLU C 519 -22.71 -31.79 -3.22
N ALA C 520 -23.71 -31.12 -2.66
CA ALA C 520 -24.48 -30.17 -3.45
C ALA C 520 -23.50 -29.07 -3.88
N ALA C 521 -22.59 -28.74 -2.98
CA ALA C 521 -21.57 -27.72 -3.26
C ALA C 521 -20.77 -28.09 -4.51
N ARG C 522 -20.23 -29.31 -4.55
CA ARG C 522 -19.42 -29.81 -5.68
C ARG C 522 -20.20 -29.73 -7.01
N ILE C 523 -21.39 -30.35 -7.03
CA ILE C 523 -22.24 -30.36 -8.22
C ILE C 523 -22.56 -28.95 -8.66
N LEU C 524 -22.98 -28.11 -7.73
CA LEU C 524 -23.31 -26.75 -8.09
C LEU C 524 -22.07 -25.98 -8.53
N ALA C 525 -20.91 -26.33 -7.97
CA ALA C 525 -19.69 -25.66 -8.33
C ALA C 525 -19.27 -25.96 -9.78
N GLU C 526 -19.43 -27.20 -10.22
CA GLU C 526 -19.07 -27.54 -11.60
C GLU C 526 -20.11 -26.88 -12.51
N LEU C 527 -21.34 -26.85 -12.03
CA LEU C 527 -22.42 -26.27 -12.75
C LEU C 527 -22.05 -24.83 -12.99
N ASP C 528 -21.50 -24.21 -11.95
CA ASP C 528 -21.13 -22.82 -12.01
C ASP C 528 -20.05 -22.57 -13.04
N VAL C 529 -18.99 -23.36 -12.98
CA VAL C 529 -17.88 -23.20 -13.90
C VAL C 529 -18.27 -23.45 -15.35
N TYR C 530 -19.00 -24.52 -15.57
CA TYR C 530 -19.43 -24.90 -16.92
C TYR C 530 -20.22 -23.81 -17.59
N ALA C 531 -21.13 -23.19 -16.85
CA ALA C 531 -21.96 -22.14 -17.40
C ALA C 531 -21.11 -20.89 -17.61
N ALA C 532 -20.22 -20.65 -16.66
CA ALA C 532 -19.32 -19.51 -16.69
C ALA C 532 -18.47 -19.56 -17.95
N LEU C 533 -17.74 -20.66 -18.11
CA LEU C 533 -16.87 -20.84 -19.27
C LEU C 533 -17.61 -20.63 -20.57
N ALA C 534 -18.89 -21.03 -20.59
CA ALA C 534 -19.74 -20.89 -21.77
C ALA C 534 -20.10 -19.42 -21.89
N GLU C 535 -20.41 -18.80 -20.76
CA GLU C 535 -20.74 -17.40 -20.78
C GLU C 535 -19.59 -16.65 -21.44
N VAL C 536 -18.35 -17.00 -21.07
CA VAL C 536 -17.17 -16.37 -21.62
C VAL C 536 -16.99 -16.66 -23.10
N ALA C 537 -17.31 -17.88 -23.52
CA ALA C 537 -17.20 -18.23 -24.92
C ALA C 537 -18.08 -17.29 -25.72
N VAL C 538 -19.38 -17.29 -25.37
CA VAL C 538 -20.38 -16.48 -26.06
C VAL C 538 -20.03 -15.01 -26.12
N ARG C 539 -19.73 -14.44 -24.98
CA ARG C 539 -19.41 -13.03 -24.93
C ARG C 539 -18.19 -12.70 -25.77
N TYR C 540 -17.16 -13.53 -25.71
CA TYR C 540 -15.93 -13.23 -26.44
C TYR C 540 -15.58 -14.00 -27.74
N GLY C 541 -16.51 -14.77 -28.27
CA GLY C 541 -16.23 -15.49 -29.50
C GLY C 541 -15.20 -16.59 -29.46
N TYR C 542 -15.23 -17.42 -28.43
CA TYR C 542 -14.29 -18.53 -28.34
C TYR C 542 -14.93 -19.71 -29.04
N VAL C 543 -14.14 -20.73 -29.31
CA VAL C 543 -14.63 -21.91 -30.01
C VAL C 543 -14.08 -23.16 -29.36
N ARG C 544 -14.73 -24.29 -29.61
CA ARG C 544 -14.27 -25.54 -29.03
C ARG C 544 -13.01 -26.05 -29.71
N PRO C 545 -11.98 -26.36 -28.91
CA PRO C 545 -10.74 -26.86 -29.49
C PRO C 545 -10.90 -28.36 -29.77
N ARG C 546 -10.10 -28.87 -30.70
CA ARG C 546 -10.10 -30.29 -31.05
C ARG C 546 -8.68 -30.75 -30.78
N PHE C 547 -8.50 -31.87 -30.09
CA PHE C 547 -7.15 -32.31 -29.80
C PHE C 547 -6.61 -33.31 -30.82
N GLY C 548 -5.29 -33.32 -30.97
CA GLY C 548 -4.63 -34.22 -31.91
C GLY C 548 -3.14 -34.04 -31.75
N ASP C 549 -2.34 -34.40 -32.76
CA ASP C 549 -0.89 -34.23 -32.63
C ASP C 549 -0.38 -32.97 -33.33
N ARG C 550 -1.14 -32.50 -34.31
CA ARG C 550 -0.79 -31.30 -35.06
C ARG C 550 -1.54 -30.11 -34.53
N LEU C 551 -0.80 -29.06 -34.28
CA LEU C 551 -1.41 -27.84 -33.80
C LEU C 551 -1.70 -26.98 -35.02
N GLN C 552 -2.96 -26.64 -35.22
CA GLN C 552 -3.35 -25.78 -36.34
C GLN C 552 -4.31 -24.78 -35.77
N ILE C 553 -3.85 -23.56 -35.51
CA ILE C 553 -4.75 -22.53 -35.01
C ILE C 553 -5.18 -21.58 -36.16
N ARG C 554 -6.45 -21.18 -36.17
CA ARG C 554 -6.93 -20.29 -37.19
C ARG C 554 -7.59 -19.07 -36.56
N ALA C 555 -6.98 -17.89 -36.90
CA ALA C 555 -7.24 -16.59 -36.40
C ALA C 555 -7.24 -16.38 -34.93
N GLY C 556 -6.01 -16.59 -34.46
CA GLY C 556 -5.72 -16.42 -33.11
C GLY C 556 -5.84 -15.11 -32.37
N ARG C 557 -6.21 -15.18 -31.10
CA ARG C 557 -6.28 -13.96 -30.33
C ARG C 557 -5.54 -14.23 -29.02
N HIS C 558 -4.88 -13.18 -28.46
CA HIS C 558 -4.22 -13.31 -27.14
C HIS C 558 -5.51 -13.01 -26.30
N PRO C 559 -6.00 -13.98 -25.51
CA PRO C 559 -7.21 -13.79 -24.69
C PRO C 559 -7.26 -12.55 -23.77
N VAL C 560 -6.09 -12.06 -23.32
CA VAL C 560 -6.04 -10.90 -22.43
C VAL C 560 -5.84 -9.54 -23.12
N VAL C 561 -4.95 -9.51 -24.13
CA VAL C 561 -4.66 -8.29 -24.87
C VAL C 561 -5.84 -7.82 -25.71
N GLU C 562 -6.53 -8.77 -26.34
CA GLU C 562 -7.67 -8.45 -27.18
C GLU C 562 -8.78 -7.85 -26.36
N ARG C 563 -8.65 -7.92 -25.04
CA ARG C 563 -9.64 -7.39 -24.12
C ARG C 563 -9.55 -5.87 -24.07
N ARG C 564 -8.40 -5.33 -24.46
CA ARG C 564 -8.21 -3.88 -24.42
C ARG C 564 -7.64 -3.31 -25.71
N THR C 565 -8.01 -3.88 -26.86
CA THR C 565 -7.49 -3.39 -28.13
C THR C 565 -8.02 -4.17 -29.31
N GLU C 566 -8.04 -3.52 -30.47
CA GLU C 566 -8.46 -4.19 -31.69
C GLU C 566 -7.29 -5.13 -31.96
N PHE C 567 -7.49 -6.42 -31.70
CA PHE C 567 -6.44 -7.40 -31.86
C PHE C 567 -6.51 -8.08 -33.20
N VAL C 568 -5.37 -8.12 -33.90
CA VAL C 568 -5.27 -8.75 -35.22
C VAL C 568 -5.05 -10.25 -35.08
N PRO C 569 -6.04 -11.06 -35.46
CA PRO C 569 -5.88 -12.52 -35.34
C PRO C 569 -4.71 -13.08 -36.15
N ASN C 570 -4.19 -14.23 -35.75
CA ASN C 570 -3.10 -14.87 -36.47
C ASN C 570 -3.16 -16.38 -36.47
N ASP C 571 -2.56 -16.99 -37.48
CA ASP C 571 -2.55 -18.45 -37.64
C ASP C 571 -1.26 -19.12 -37.18
N LEU C 572 -1.32 -20.44 -37.05
CA LEU C 572 -0.16 -21.23 -36.67
C LEU C 572 -0.35 -22.73 -36.92
N GLU C 573 0.68 -23.37 -37.49
CA GLU C 573 0.70 -24.81 -37.76
C GLU C 573 2.05 -25.34 -37.35
N MET C 574 2.08 -26.11 -36.27
CA MET C 574 3.31 -26.68 -35.75
C MET C 574 3.10 -28.14 -35.48
N ALA C 575 4.20 -28.85 -35.37
CA ALA C 575 4.13 -30.27 -35.08
C ALA C 575 5.53 -30.74 -34.72
N HIS C 576 5.90 -30.59 -33.45
CA HIS C 576 7.23 -31.02 -33.02
C HIS C 576 8.26 -30.34 -33.91
N GLU C 577 7.90 -29.18 -34.48
CA GLU C 577 8.78 -28.41 -35.36
C GLU C 577 9.48 -27.29 -34.58
N LEU C 578 10.52 -26.69 -35.17
CA LEU C 578 11.24 -25.59 -34.54
C LEU C 578 10.79 -24.36 -35.31
N VAL C 579 9.97 -23.52 -34.70
CA VAL C 579 9.46 -22.36 -35.41
C VAL C 579 10.05 -21.03 -34.95
N LEU C 580 10.95 -20.51 -35.78
CA LEU C 580 11.58 -19.24 -35.51
C LEU C 580 10.67 -18.16 -35.99
N ILE C 581 10.62 -17.08 -35.23
CA ILE C 581 9.79 -15.94 -35.55
C ILE C 581 10.71 -14.73 -35.56
N THR C 582 10.79 -14.09 -36.72
CA THR C 582 11.63 -12.91 -36.91
C THR C 582 10.78 -11.71 -37.32
N GLY C 583 11.42 -10.56 -37.47
CA GLY C 583 10.67 -9.39 -37.84
C GLY C 583 10.93 -8.26 -36.88
N PRO C 584 10.69 -7.02 -37.31
CA PRO C 584 10.89 -5.80 -36.54
C PRO C 584 10.21 -5.76 -35.19
N ASN C 585 10.88 -5.19 -34.20
CA ASN C 585 10.28 -5.06 -32.89
C ASN C 585 9.06 -4.13 -32.94
N MET C 586 8.12 -4.34 -32.04
CA MET C 586 6.88 -3.57 -31.99
C MET C 586 5.89 -4.14 -33.00
N ALA C 587 6.37 -5.18 -33.71
CA ALA C 587 5.57 -5.92 -34.70
C ALA C 587 4.68 -6.98 -34.18
N GLY C 588 5.10 -7.75 -33.23
CA GLY C 588 4.08 -8.67 -32.72
C GLY C 588 4.16 -10.06 -32.13
N LYS C 589 5.42 -10.48 -32.18
CA LYS C 589 6.25 -11.67 -31.96
C LYS C 589 5.89 -12.39 -30.76
N SER C 590 6.14 -11.66 -29.71
CA SER C 590 5.86 -12.04 -28.32
C SER C 590 4.36 -12.02 -27.99
N THR C 591 3.63 -11.10 -28.60
CA THR C 591 2.23 -11.02 -28.33
C THR C 591 1.72 -12.19 -29.17
N PHE C 592 2.64 -12.92 -29.83
CA PHE C 592 2.31 -14.09 -30.65
C PHE C 592 2.71 -15.32 -29.85
N LEU C 593 3.93 -15.39 -29.33
CA LEU C 593 4.38 -16.54 -28.52
C LEU C 593 3.44 -16.72 -27.33
N ARG C 594 3.20 -15.62 -26.61
CA ARG C 594 2.32 -15.69 -25.44
C ARG C 594 0.95 -16.17 -25.84
N GLN C 595 0.46 -15.67 -26.97
CA GLN C 595 -0.87 -16.04 -27.46
C GLN C 595 -1.02 -17.57 -27.60
N THR C 596 0.02 -18.17 -28.16
CA THR C 596 0.06 -19.61 -28.39
C THR C 596 -0.08 -20.39 -27.09
N ALA C 597 0.73 -20.01 -26.12
CA ALA C 597 0.75 -20.65 -24.81
C ALA C 597 -0.62 -20.64 -24.13
N LEU C 598 -1.22 -19.45 -24.01
CA LEU C 598 -2.52 -19.27 -23.38
C LEU C 598 -3.61 -20.08 -24.06
N ILE C 599 -3.60 -20.10 -25.38
CA ILE C 599 -4.58 -20.87 -26.11
C ILE C 599 -4.49 -22.33 -25.65
N ALA C 600 -3.26 -22.83 -25.64
CA ALA C 600 -2.98 -24.20 -25.23
C ALA C 600 -3.47 -24.41 -23.79
N LEU C 601 -3.12 -23.47 -22.93
CA LEU C 601 -3.49 -23.55 -21.52
C LEU C 601 -4.99 -23.61 -21.31
N LEU C 602 -5.74 -22.82 -22.09
CA LEU C 602 -7.19 -22.82 -21.95
C LEU C 602 -7.77 -24.16 -22.43
N ALA C 603 -7.35 -24.60 -23.61
CA ALA C 603 -7.86 -25.85 -24.16
C ALA C 603 -7.70 -27.00 -23.16
N GLN C 604 -6.49 -27.17 -22.64
CA GLN C 604 -6.20 -28.25 -21.69
C GLN C 604 -6.72 -27.97 -20.29
N VAL C 605 -7.78 -27.16 -20.21
CA VAL C 605 -8.40 -26.84 -18.92
C VAL C 605 -9.89 -27.05 -19.10
N GLY C 606 -10.30 -27.30 -20.34
CA GLY C 606 -11.70 -27.56 -20.62
C GLY C 606 -12.44 -26.35 -21.13
N SER C 607 -11.73 -25.29 -21.44
CA SER C 607 -12.38 -24.07 -21.94
C SER C 607 -12.29 -23.84 -23.43
N PHE C 608 -13.30 -23.17 -23.99
CA PHE C 608 -13.25 -22.83 -25.40
C PHE C 608 -12.12 -21.83 -25.54
N VAL C 609 -11.57 -21.67 -26.74
CA VAL C 609 -10.46 -20.74 -26.91
C VAL C 609 -10.69 -19.61 -27.93
N PRO C 610 -9.89 -18.53 -27.83
CA PRO C 610 -9.96 -17.37 -28.70
C PRO C 610 -9.39 -17.54 -30.11
N ALA C 611 -10.15 -18.24 -30.95
CA ALA C 611 -9.76 -18.48 -32.34
C ALA C 611 -10.97 -18.82 -33.20
N GLU C 612 -10.72 -19.16 -34.46
CA GLU C 612 -11.78 -19.51 -35.39
C GLU C 612 -11.89 -21.02 -35.45
N GLU C 613 -10.74 -21.67 -35.33
CA GLU C 613 -10.63 -23.12 -35.36
C GLU C 613 -9.31 -23.44 -34.67
N ALA C 614 -9.31 -24.37 -33.72
CA ALA C 614 -8.06 -24.68 -33.04
C ALA C 614 -7.89 -26.16 -32.82
N HIS C 615 -6.88 -26.72 -33.47
CA HIS C 615 -6.56 -28.12 -33.31
C HIS C 615 -5.30 -28.17 -32.49
N LEU C 616 -5.44 -28.63 -31.25
CA LEU C 616 -4.32 -28.68 -30.33
C LEU C 616 -3.93 -30.03 -29.75
N PRO C 617 -2.63 -30.22 -29.50
CA PRO C 617 -2.14 -31.47 -28.93
C PRO C 617 -2.21 -31.30 -27.42
N LEU C 618 -2.05 -32.41 -26.71
CA LEU C 618 -2.08 -32.37 -25.27
C LEU C 618 -0.66 -32.20 -24.81
N PHE C 619 -0.33 -30.97 -24.43
CA PHE C 619 1.02 -30.67 -23.99
C PHE C 619 1.24 -31.12 -22.55
N ASP C 620 2.41 -31.68 -22.32
CA ASP C 620 2.77 -32.16 -21.01
C ASP C 620 3.32 -31.01 -20.18
N GLY C 621 3.51 -29.87 -20.83
CA GLY C 621 4.03 -28.71 -20.13
C GLY C 621 4.31 -27.49 -21.01
N ILE C 622 4.10 -26.30 -20.46
CA ILE C 622 4.35 -25.07 -21.19
C ILE C 622 5.51 -24.40 -20.51
N TYR C 623 6.63 -24.27 -21.23
CA TYR C 623 7.82 -23.65 -20.67
C TYR C 623 8.14 -22.36 -21.38
N THR C 624 8.48 -21.32 -20.61
CA THR C 624 8.80 -20.04 -21.23
C THR C 624 10.06 -19.36 -20.78
N ARG C 625 10.64 -18.61 -21.71
CA ARG C 625 11.82 -17.82 -21.42
C ARG C 625 11.41 -16.49 -22.06
N ILE C 626 10.60 -15.73 -21.33
CA ILE C 626 10.07 -14.45 -21.81
C ILE C 626 10.08 -13.29 -20.81
N GLY C 627 10.58 -12.13 -21.25
CA GLY C 627 10.62 -10.96 -20.39
C GLY C 627 11.72 -10.84 -19.36
N ALA C 628 11.42 -11.18 -18.10
CA ALA C 628 12.38 -11.10 -16.99
C ALA C 628 13.67 -10.33 -17.31
N GLY C 635 22.66 -15.35 -10.36
CA GLY C 635 23.43 -14.75 -11.45
C GLY C 635 23.31 -13.24 -11.59
N LYS C 636 24.35 -12.52 -11.15
CA LYS C 636 24.40 -11.06 -11.17
C LYS C 636 23.95 -10.39 -12.47
N SER C 637 24.28 -11.01 -13.61
CA SER C 637 23.91 -10.43 -14.91
C SER C 637 22.60 -10.92 -15.50
N THR C 638 22.13 -10.24 -16.54
CA THR C 638 20.87 -10.61 -17.21
C THR C 638 21.09 -11.78 -18.12
N PHE C 639 22.28 -11.87 -18.69
CA PHE C 639 22.58 -12.97 -19.58
C PHE C 639 22.69 -14.29 -18.80
N MET C 640 23.17 -14.22 -17.56
CA MET C 640 23.29 -15.43 -16.75
C MET C 640 21.92 -15.91 -16.28
N VAL C 641 21.09 -14.96 -15.85
CA VAL C 641 19.73 -15.26 -15.40
C VAL C 641 18.96 -15.96 -16.51
N GLU C 642 18.95 -15.37 -17.69
CA GLU C 642 18.25 -15.98 -18.80
C GLU C 642 18.80 -17.36 -19.11
N MET C 643 20.12 -17.53 -19.04
CA MET C 643 20.73 -18.84 -19.31
C MET C 643 20.31 -19.84 -18.26
N GLU C 644 20.22 -19.40 -17.00
CA GLU C 644 19.78 -20.30 -15.95
C GLU C 644 18.41 -20.88 -16.33
N GLU C 645 17.57 -20.05 -16.93
CA GLU C 645 16.25 -20.49 -17.33
C GLU C 645 16.28 -21.48 -18.50
N VAL C 646 17.11 -21.19 -19.50
CA VAL C 646 17.23 -22.08 -20.65
C VAL C 646 17.71 -23.44 -20.15
N ALA C 647 18.54 -23.43 -19.11
CA ALA C 647 19.03 -24.69 -18.54
C ALA C 647 17.80 -25.46 -18.07
N LEU C 648 17.07 -24.88 -17.13
CA LEU C 648 15.87 -25.50 -16.60
C LEU C 648 15.03 -26.04 -17.73
N ILE C 649 14.57 -25.14 -18.62
CA ILE C 649 13.74 -25.53 -19.75
C ILE C 649 14.33 -26.69 -20.53
N LEU C 650 15.65 -26.70 -20.66
CA LEU C 650 16.31 -27.77 -21.40
C LEU C 650 16.39 -29.08 -20.64
N LYS C 651 16.22 -29.02 -19.33
CA LYS C 651 16.31 -30.24 -18.55
C LYS C 651 14.97 -30.91 -18.25
N GLU C 652 13.88 -30.37 -18.79
CA GLU C 652 12.55 -30.95 -18.53
C GLU C 652 11.62 -31.00 -19.71
N ALA C 653 11.93 -30.26 -20.76
CA ALA C 653 11.07 -30.26 -21.94
C ALA C 653 11.15 -31.64 -22.57
N THR C 654 10.03 -32.13 -23.07
CA THR C 654 10.02 -33.43 -23.73
C THR C 654 9.45 -33.15 -25.09
N GLU C 655 9.38 -34.18 -25.94
CA GLU C 655 8.83 -34.02 -27.27
C GLU C 655 7.35 -33.66 -27.19
N ASN C 656 6.84 -33.46 -25.97
CA ASN C 656 5.45 -33.14 -25.76
C ASN C 656 5.28 -31.81 -25.03
N SER C 657 6.36 -31.04 -24.99
CA SER C 657 6.31 -29.74 -24.33
C SER C 657 6.19 -28.61 -25.33
N LEU C 658 5.45 -27.57 -24.95
CA LEU C 658 5.30 -26.38 -25.77
C LEU C 658 6.39 -25.48 -25.20
N VAL C 659 7.32 -25.05 -26.05
CA VAL C 659 8.42 -24.23 -25.57
C VAL C 659 8.42 -22.89 -26.27
N LEU C 660 8.52 -21.82 -25.47
CA LEU C 660 8.50 -20.49 -26.02
C LEU C 660 9.75 -19.72 -25.63
N LEU C 661 10.56 -19.39 -26.64
CA LEU C 661 11.81 -18.66 -26.43
C LEU C 661 11.77 -17.28 -27.04
N ASP C 662 12.03 -16.27 -26.22
CA ASP C 662 12.02 -14.90 -26.65
C ASP C 662 13.40 -14.24 -26.54
N GLU C 663 14.06 -14.11 -27.69
CA GLU C 663 15.36 -13.48 -27.80
C GLU C 663 16.53 -14.18 -27.11
N VAL C 664 16.44 -15.49 -26.88
CA VAL C 664 17.53 -16.18 -26.20
C VAL C 664 18.85 -15.98 -26.93
N GLY C 665 19.86 -15.46 -26.21
CA GLY C 665 21.15 -15.22 -26.83
C GLY C 665 21.58 -13.76 -26.67
N ARG C 666 20.63 -12.93 -26.24
CA ARG C 666 20.90 -11.51 -26.02
C ARG C 666 21.62 -11.37 -24.70
N GLY C 667 22.34 -10.27 -24.52
CA GLY C 667 23.03 -10.07 -23.25
C GLY C 667 24.50 -10.41 -23.21
N THR C 668 25.11 -10.57 -24.38
CA THR C 668 26.54 -10.89 -24.47
C THR C 668 27.12 -10.36 -25.78
N SER C 669 28.13 -11.05 -26.28
CA SER C 669 28.79 -10.68 -27.53
C SER C 669 27.92 -11.20 -28.64
N SER C 670 28.00 -10.55 -29.81
CA SER C 670 27.20 -10.96 -30.96
C SER C 670 27.50 -12.41 -31.20
N LEU C 671 28.78 -12.71 -31.15
CA LEU C 671 29.27 -14.05 -31.38
C LEU C 671 28.68 -15.09 -30.41
N ASP C 672 29.02 -15.01 -29.13
CA ASP C 672 28.46 -15.97 -28.19
C ASP C 672 26.95 -15.96 -28.32
N GLY C 673 26.42 -14.85 -28.79
CA GLY C 673 24.98 -14.76 -28.96
C GLY C 673 24.50 -15.82 -29.92
N VAL C 674 24.79 -15.62 -31.19
CA VAL C 674 24.38 -16.57 -32.21
C VAL C 674 24.76 -18.01 -31.82
N ALA C 675 26.00 -18.17 -31.36
CA ALA C 675 26.46 -19.50 -30.96
C ALA C 675 25.46 -20.17 -30.01
N ILE C 676 25.29 -19.60 -28.82
CA ILE C 676 24.36 -20.16 -27.82
C ILE C 676 22.97 -20.36 -28.41
N ALA C 677 22.47 -19.35 -29.12
CA ALA C 677 21.15 -19.47 -29.72
C ALA C 677 21.10 -20.67 -30.65
N THR C 678 22.11 -20.79 -31.51
CA THR C 678 22.15 -21.89 -32.44
C THR C 678 22.25 -23.21 -31.70
N ALA C 679 23.13 -23.30 -30.71
CA ALA C 679 23.24 -24.56 -29.99
C ALA C 679 21.89 -24.91 -29.40
N VAL C 680 21.30 -23.96 -28.67
CA VAL C 680 19.99 -24.14 -28.03
C VAL C 680 18.87 -24.49 -29.00
N ALA C 681 18.80 -23.76 -30.11
CA ALA C 681 17.77 -24.01 -31.10
C ALA C 681 17.90 -25.44 -31.61
N GLU C 682 19.15 -25.88 -31.80
CA GLU C 682 19.44 -27.22 -32.29
C GLU C 682 19.05 -28.25 -31.25
N ALA C 683 19.20 -27.87 -29.98
CA ALA C 683 18.88 -28.76 -28.87
C ALA C 683 17.38 -29.02 -28.78
N LEU C 684 16.61 -27.96 -28.79
CA LEU C 684 15.18 -28.11 -28.71
C LEU C 684 14.66 -28.76 -29.98
N HIS C 685 15.47 -28.71 -31.02
CA HIS C 685 15.07 -29.30 -32.27
C HIS C 685 15.18 -30.81 -32.14
N GLU C 686 16.30 -31.27 -31.61
CA GLU C 686 16.47 -32.70 -31.46
C GLU C 686 15.43 -33.17 -30.46
N ARG C 687 15.29 -32.45 -29.34
CA ARG C 687 14.32 -32.83 -28.30
C ARG C 687 12.95 -33.13 -28.88
N ARG C 688 12.64 -32.46 -29.99
CA ARG C 688 11.39 -32.64 -30.73
C ARG C 688 10.16 -31.99 -30.12
N ALA C 689 10.39 -31.05 -29.21
CA ALA C 689 9.30 -30.33 -28.57
C ALA C 689 8.74 -29.28 -29.54
N TYR C 690 7.55 -28.77 -29.26
CA TYR C 690 7.01 -27.74 -30.12
C TYR C 690 7.72 -26.49 -29.60
N THR C 691 8.59 -25.90 -30.41
CA THR C 691 9.34 -24.75 -29.97
C THR C 691 9.15 -23.51 -30.83
N LEU C 692 8.74 -22.42 -30.20
CA LEU C 692 8.59 -21.15 -30.88
C LEU C 692 9.75 -20.33 -30.34
N PHE C 693 10.58 -19.84 -31.26
CA PHE C 693 11.76 -19.05 -30.90
C PHE C 693 11.73 -17.71 -31.63
N ALA C 694 11.57 -16.63 -30.87
CA ALA C 694 11.53 -15.28 -31.47
C ALA C 694 12.94 -14.75 -31.34
N THR C 695 13.57 -14.46 -32.46
CA THR C 695 14.95 -14.02 -32.42
C THR C 695 15.24 -12.83 -33.32
N HIS C 696 16.49 -12.37 -33.24
CA HIS C 696 17.00 -11.26 -34.05
C HIS C 696 18.23 -11.73 -34.86
N TYR C 697 18.66 -12.97 -34.61
CA TYR C 697 19.76 -13.55 -35.33
C TYR C 697 19.12 -14.21 -36.52
N PHE C 698 19.23 -13.57 -37.69
CA PHE C 698 18.62 -14.09 -38.91
C PHE C 698 19.27 -15.40 -39.26
N GLU C 699 20.48 -15.59 -38.74
CA GLU C 699 21.22 -16.79 -38.99
C GLU C 699 20.43 -18.04 -38.58
N LEU C 700 19.92 -18.05 -37.36
CA LEU C 700 19.15 -19.19 -36.88
C LEU C 700 18.08 -19.62 -37.89
N THR C 701 17.60 -18.70 -38.71
CA THR C 701 16.57 -18.99 -39.72
C THR C 701 17.11 -19.79 -40.91
N ALA C 702 18.40 -19.64 -41.17
CA ALA C 702 19.01 -20.32 -42.29
C ALA C 702 19.56 -21.68 -41.92
N LEU C 703 19.66 -21.95 -40.63
CA LEU C 703 20.20 -23.22 -40.16
C LEU C 703 19.81 -24.43 -41.00
N GLY C 704 20.66 -25.44 -40.95
CA GLY C 704 20.39 -26.65 -41.70
C GLY C 704 19.69 -27.65 -40.80
N LEU C 705 18.40 -27.41 -40.54
CA LEU C 705 17.60 -28.31 -39.71
C LEU C 705 16.40 -28.77 -40.51
N PRO C 706 16.08 -30.07 -40.45
CA PRO C 706 14.96 -30.67 -41.16
C PRO C 706 13.57 -30.22 -40.72
N ARG C 707 13.36 -30.08 -39.41
CA ARG C 707 12.06 -29.68 -38.91
C ARG C 707 12.02 -28.21 -38.51
N LEU C 708 12.68 -27.36 -39.29
CA LEU C 708 12.71 -25.96 -38.99
C LEU C 708 11.75 -25.17 -39.87
N LYS C 709 10.85 -24.42 -39.26
CA LYS C 709 9.88 -23.63 -40.01
C LYS C 709 10.18 -22.16 -39.70
N ASN C 710 9.77 -21.25 -40.58
CA ASN C 710 10.02 -19.82 -40.38
C ASN C 710 8.79 -18.96 -40.47
N LEU C 711 8.68 -18.00 -39.56
CA LEU C 711 7.55 -17.07 -39.55
C LEU C 711 8.09 -15.68 -39.28
N HIS C 712 7.34 -14.65 -39.66
CA HIS C 712 7.80 -13.29 -39.47
C HIS C 712 6.66 -12.28 -39.40
N VAL C 713 6.94 -11.14 -38.78
CA VAL C 713 6.00 -10.03 -38.70
C VAL C 713 6.66 -8.91 -39.50
N ALA C 714 5.90 -7.94 -39.98
CA ALA C 714 6.56 -6.91 -40.78
C ALA C 714 6.18 -5.47 -40.52
N ALA C 715 6.93 -4.59 -41.18
CA ALA C 715 6.70 -3.17 -41.09
C ALA C 715 6.71 -2.66 -42.51
N ARG C 716 6.06 -1.51 -42.72
CA ARG C 716 6.00 -0.90 -44.03
C ARG C 716 6.39 0.55 -43.82
N GLU C 717 7.46 0.96 -44.48
CA GLU C 717 7.90 2.33 -44.35
C GLU C 717 6.96 3.15 -45.22
N GLU C 718 6.02 3.83 -44.58
CA GLU C 718 5.03 4.64 -45.29
C GLU C 718 5.06 6.12 -44.89
N ALA C 719 4.16 6.90 -45.48
CA ALA C 719 4.03 8.33 -45.23
C ALA C 719 4.79 8.80 -43.98
N GLY C 720 4.20 8.58 -42.81
CA GLY C 720 4.84 8.99 -41.57
C GLY C 720 5.77 7.97 -40.91
N GLY C 721 6.87 7.64 -41.59
CA GLY C 721 7.81 6.68 -41.04
C GLY C 721 7.46 5.21 -41.24
N LEU C 722 7.51 4.44 -40.17
CA LEU C 722 7.21 3.00 -40.21
C LEU C 722 5.90 2.68 -39.55
N VAL C 723 5.15 1.78 -40.17
CA VAL C 723 3.86 1.34 -39.63
C VAL C 723 3.95 -0.15 -39.42
N PHE C 724 3.76 -0.60 -38.18
CA PHE C 724 3.82 -2.01 -37.88
C PHE C 724 2.47 -2.72 -37.95
N TYR C 725 2.35 -3.67 -38.88
CA TYR C 725 1.13 -4.46 -38.99
C TYR C 725 1.41 -5.71 -38.16
N HIS C 726 0.37 -6.46 -37.82
CA HIS C 726 0.60 -7.64 -36.98
C HIS C 726 0.35 -8.99 -37.64
N GLN C 727 0.25 -9.01 -38.96
CA GLN C 727 0.06 -10.29 -39.64
C GLN C 727 1.33 -11.10 -39.39
N VAL C 728 1.17 -12.34 -38.94
CA VAL C 728 2.31 -13.20 -38.71
C VAL C 728 2.44 -14.01 -39.99
N LEU C 729 3.09 -13.41 -40.98
CA LEU C 729 3.28 -14.04 -42.28
C LEU C 729 4.35 -15.13 -42.31
N PRO C 730 4.21 -16.08 -43.25
CA PRO C 730 5.12 -17.21 -43.44
C PRO C 730 6.43 -16.80 -44.07
N GLY C 731 7.49 -17.52 -43.75
CA GLY C 731 8.80 -17.20 -44.29
C GLY C 731 9.54 -16.32 -43.31
N PRO C 732 10.87 -16.17 -43.47
CA PRO C 732 11.66 -15.34 -42.56
C PRO C 732 11.57 -13.84 -42.82
N ALA C 733 11.97 -13.06 -41.83
CA ALA C 733 11.99 -11.63 -41.93
C ALA C 733 13.13 -11.36 -42.90
N SER C 734 12.96 -10.33 -43.73
CA SER C 734 13.94 -9.98 -44.74
C SER C 734 15.08 -9.10 -44.23
N LYS C 735 14.72 -7.97 -43.62
CA LYS C 735 15.71 -7.05 -43.10
C LYS C 735 15.38 -6.57 -41.71
N SER C 736 16.36 -5.90 -41.10
CA SER C 736 16.21 -5.35 -39.76
C SER C 736 15.84 -3.86 -39.91
N TYR C 737 14.97 -3.35 -39.03
CA TYR C 737 14.58 -1.94 -39.10
C TYR C 737 15.19 -1.06 -37.98
N GLY C 738 16.32 -1.52 -37.44
CA GLY C 738 16.99 -0.78 -36.38
C GLY C 738 17.25 0.66 -36.74
N VAL C 739 18.09 0.89 -37.74
CA VAL C 739 18.42 2.24 -38.16
C VAL C 739 17.15 3.04 -38.41
N GLU C 740 16.19 2.41 -39.07
CA GLU C 740 14.91 3.06 -39.38
C GLU C 740 14.21 3.49 -38.11
N VAL C 741 14.23 2.61 -37.11
CA VAL C 741 13.60 2.92 -35.84
C VAL C 741 14.38 4.03 -35.17
N ALA C 742 15.69 3.86 -35.05
CA ALA C 742 16.53 4.88 -34.43
C ALA C 742 16.14 6.22 -35.02
N ALA C 743 16.08 6.27 -36.34
CA ALA C 743 15.72 7.48 -37.07
C ALA C 743 14.39 7.99 -36.54
N MET C 744 13.42 7.10 -36.55
CA MET C 744 12.10 7.38 -36.07
C MET C 744 12.15 7.90 -34.62
N ALA C 745 13.15 7.43 -33.88
CA ALA C 745 13.33 7.83 -32.49
C ALA C 745 13.95 9.20 -32.33
N GLY C 746 14.30 9.84 -33.44
CA GLY C 746 14.88 11.17 -33.39
C GLY C 746 16.38 11.29 -33.55
N LEU C 747 17.09 10.17 -33.75
CA LEU C 747 18.53 10.23 -33.93
C LEU C 747 18.82 11.26 -35.00
N PRO C 748 19.87 12.08 -34.83
CA PRO C 748 20.24 13.10 -35.80
C PRO C 748 20.38 12.51 -37.21
N LYS C 749 19.80 13.19 -38.21
CA LYS C 749 19.88 12.67 -39.55
C LYS C 749 21.27 12.34 -40.06
N GLU C 750 22.28 13.11 -39.68
CA GLU C 750 23.64 12.80 -40.14
C GLU C 750 24.13 11.50 -39.50
N VAL C 751 23.77 11.32 -38.24
CA VAL C 751 24.19 10.14 -37.50
C VAL C 751 23.51 8.89 -38.05
N VAL C 752 22.29 9.03 -38.53
CA VAL C 752 21.60 7.87 -39.08
C VAL C 752 22.23 7.54 -40.44
N ALA C 753 22.38 8.58 -41.26
CA ALA C 753 22.95 8.42 -42.59
C ALA C 753 24.27 7.66 -42.49
N ARG C 754 25.10 8.05 -41.52
CA ARG C 754 26.40 7.43 -41.27
C ARG C 754 26.19 5.96 -40.97
N ALA C 755 25.16 5.66 -40.20
CA ALA C 755 24.84 4.29 -39.85
C ALA C 755 24.44 3.48 -41.09
N ARG C 756 23.67 4.10 -41.98
CA ARG C 756 23.22 3.44 -43.22
C ARG C 756 24.43 3.11 -44.10
N ALA C 757 25.37 4.03 -44.15
CA ALA C 757 26.58 3.84 -44.93
C ALA C 757 27.39 2.68 -44.38
N LEU C 758 27.44 2.58 -43.05
CA LEU C 758 28.20 1.52 -42.39
C LEU C 758 27.54 0.18 -42.64
N LEU C 759 26.21 0.16 -42.58
CA LEU C 759 25.47 -1.08 -42.82
C LEU C 759 25.76 -1.61 -44.23
N GLN C 760 25.68 -0.70 -45.20
CA GLN C 760 25.89 -1.03 -46.61
C GLN C 760 27.35 -1.32 -46.91
N ALA C 761 28.24 -0.91 -46.04
CA ALA C 761 29.66 -1.18 -46.25
C ALA C 761 29.94 -2.59 -45.77
N MET C 762 29.38 -2.94 -44.61
CA MET C 762 29.57 -4.26 -44.03
C MET C 762 28.85 -5.28 -44.90
N ALA C 763 27.79 -4.85 -45.54
CA ALA C 763 27.02 -5.72 -46.41
C ALA C 763 27.84 -6.15 -47.62
N ALA C 764 28.66 -5.24 -48.12
CA ALA C 764 29.50 -5.50 -49.28
C ALA C 764 30.63 -6.48 -48.98
N ARG C 765 30.62 -7.01 -47.77
CA ARG C 765 31.63 -7.96 -47.31
C ARG C 765 33.01 -7.31 -47.32
N MET D 1 -25.06 18.14 -7.45
CA MET D 1 -26.33 18.76 -7.09
C MET D 1 -26.17 19.71 -5.91
N GLU D 2 -26.60 20.95 -6.10
CA GLU D 2 -26.50 21.95 -5.05
C GLU D 2 -27.75 21.83 -4.17
N GLY D 3 -27.56 21.95 -2.86
CA GLY D 3 -28.69 21.83 -1.95
C GLY D 3 -29.26 20.42 -1.85
N MET D 4 -28.75 19.51 -2.67
CA MET D 4 -29.23 18.12 -2.66
C MET D 4 -28.31 17.16 -1.91
N LEU D 5 -28.92 16.37 -1.03
CA LEU D 5 -28.19 15.40 -0.24
C LEU D 5 -28.71 14.00 -0.55
N LYS D 6 -27.80 13.08 -0.81
CA LYS D 6 -28.17 11.72 -1.13
C LYS D 6 -28.80 11.07 0.11
N GLY D 7 -30.13 11.05 0.17
CA GLY D 7 -30.79 10.45 1.31
C GLY D 7 -32.25 10.10 1.02
N GLU D 8 -33.00 9.71 2.05
CA GLU D 8 -34.40 9.36 1.86
C GLU D 8 -35.32 10.19 2.76
N GLY D 9 -36.37 10.74 2.16
CA GLY D 9 -37.31 11.58 2.88
C GLY D 9 -37.53 12.90 2.14
N PRO D 10 -38.69 13.53 2.30
CA PRO D 10 -39.01 14.80 1.64
C PRO D 10 -38.41 16.01 2.33
N GLY D 11 -39.15 16.52 3.32
CA GLY D 11 -38.80 17.69 4.12
C GLY D 11 -37.41 18.24 3.94
N PRO D 12 -37.25 19.58 4.02
CA PRO D 12 -35.99 20.31 3.87
C PRO D 12 -34.84 19.77 4.70
N LEU D 13 -33.64 20.20 4.34
CA LEU D 13 -32.47 19.80 5.08
C LEU D 13 -32.56 20.48 6.46
N PRO D 14 -32.50 19.70 7.53
CA PRO D 14 -32.57 20.28 8.88
C PRO D 14 -31.54 21.39 8.95
N PRO D 15 -31.57 22.21 10.02
CA PRO D 15 -30.61 23.32 10.14
C PRO D 15 -29.14 22.93 9.95
N LEU D 16 -28.71 21.90 10.68
CA LEU D 16 -27.33 21.46 10.61
C LEU D 16 -26.93 21.06 9.19
N LEU D 17 -27.53 19.99 8.68
CA LEU D 17 -27.22 19.50 7.34
C LEU D 17 -27.35 20.60 6.30
N GLN D 18 -28.17 21.59 6.59
CA GLN D 18 -28.35 22.70 5.65
C GLN D 18 -27.06 23.46 5.61
N GLN D 19 -26.45 23.65 6.78
CA GLN D 19 -25.20 24.38 6.86
C GLN D 19 -24.21 23.56 6.05
N TYR D 20 -24.08 22.30 6.42
CA TYR D 20 -23.17 21.37 5.77
C TYR D 20 -23.17 21.51 4.26
N VAL D 21 -24.35 21.31 3.67
CA VAL D 21 -24.50 21.37 2.23
C VAL D 21 -24.10 22.72 1.65
N GLU D 22 -24.24 23.77 2.45
CA GLU D 22 -23.89 25.12 1.99
C GLU D 22 -22.38 25.23 1.75
N LEU D 23 -21.58 24.68 2.65
CA LEU D 23 -20.15 24.74 2.49
C LEU D 23 -19.79 23.68 1.46
N ARG D 24 -20.28 22.46 1.69
CA ARG D 24 -19.99 21.36 0.78
C ARG D 24 -20.04 21.85 -0.65
N ASP D 25 -21.05 22.67 -0.95
CA ASP D 25 -21.23 23.17 -2.31
C ASP D 25 -20.23 24.23 -2.76
N GLN D 26 -19.60 24.89 -1.81
CA GLN D 26 -18.63 25.92 -2.15
C GLN D 26 -17.32 25.30 -2.62
N TYR D 27 -16.90 24.18 -2.04
CA TYR D 27 -15.66 23.57 -2.50
C TYR D 27 -15.89 22.21 -3.13
N PRO D 28 -16.61 22.19 -4.26
CA PRO D 28 -16.98 21.02 -5.07
C PRO D 28 -15.93 19.93 -5.30
N ASP D 29 -14.77 20.30 -5.83
CA ASP D 29 -13.72 19.31 -6.09
C ASP D 29 -13.04 18.74 -4.85
N TYR D 30 -13.53 19.12 -3.66
CA TYR D 30 -12.93 18.66 -2.41
C TYR D 30 -13.90 17.85 -1.55
N LEU D 31 -13.37 17.01 -0.69
CA LEU D 31 -14.19 16.22 0.22
C LEU D 31 -14.30 17.08 1.47
N LEU D 32 -15.51 17.54 1.77
CA LEU D 32 -15.73 18.40 2.92
C LEU D 32 -15.88 17.63 4.22
N LEU D 33 -14.96 17.90 5.15
CA LEU D 33 -14.96 17.28 6.48
C LEU D 33 -15.55 18.27 7.46
N PHE D 34 -16.77 17.99 7.89
CA PHE D 34 -17.56 18.84 8.78
C PHE D 34 -17.37 18.48 10.25
N GLN D 35 -17.14 19.48 11.10
CA GLN D 35 -16.97 19.22 12.52
C GLN D 35 -18.31 19.16 13.22
N VAL D 36 -18.47 18.13 14.04
CA VAL D 36 -19.66 17.89 14.82
C VAL D 36 -19.18 17.32 16.15
N GLY D 37 -19.02 18.19 17.14
CA GLY D 37 -18.55 17.72 18.42
C GLY D 37 -17.10 17.32 18.32
N ASP D 38 -16.78 16.08 18.67
CA ASP D 38 -15.41 15.65 18.61
C ASP D 38 -15.07 14.85 17.36
N PHE D 39 -15.88 15.02 16.31
CA PHE D 39 -15.65 14.29 15.07
C PHE D 39 -15.76 15.15 13.83
N TYR D 40 -15.19 14.65 12.74
CA TYR D 40 -15.26 15.31 11.45
C TYR D 40 -16.23 14.40 10.70
N GLU D 41 -17.34 14.97 10.26
CA GLU D 41 -18.39 14.20 9.60
C GLU D 41 -18.60 14.51 8.12
N CYS D 42 -19.08 13.51 7.40
CA CYS D 42 -19.38 13.64 5.97
C CYS D 42 -20.76 13.07 5.79
N PHE D 43 -21.55 13.65 4.91
CA PHE D 43 -22.89 13.13 4.74
C PHE D 43 -23.24 12.77 3.30
N GLY D 44 -24.39 12.13 3.15
CA GLY D 44 -24.85 11.75 1.82
C GLY D 44 -23.91 10.84 1.07
N GLU D 45 -23.64 11.18 -0.18
CA GLU D 45 -22.76 10.41 -1.05
C GLU D 45 -21.31 10.50 -0.59
N ASP D 46 -20.90 11.67 -0.13
CA ASP D 46 -19.54 11.86 0.35
C ASP D 46 -19.23 10.94 1.51
N ALA D 47 -20.20 10.75 2.39
CA ALA D 47 -20.01 9.91 3.56
C ALA D 47 -19.77 8.47 3.13
N GLU D 48 -20.36 8.10 2.01
CA GLU D 48 -20.18 6.76 1.50
C GLU D 48 -18.77 6.59 0.97
N ARG D 49 -18.19 7.67 0.46
CA ARG D 49 -16.80 7.59 -0.02
C ARG D 49 -15.88 7.52 1.19
N LEU D 50 -16.05 8.46 2.12
CA LEU D 50 -15.21 8.46 3.31
C LEU D 50 -15.23 7.09 3.94
N ALA D 51 -16.41 6.49 4.00
CA ALA D 51 -16.53 5.17 4.60
C ALA D 51 -15.78 4.16 3.78
N ARG D 52 -15.91 4.27 2.45
CA ARG D 52 -15.27 3.34 1.52
C ARG D 52 -13.74 3.38 1.61
N ALA D 53 -13.17 4.56 1.33
CA ALA D 53 -11.73 4.78 1.33
C ALA D 53 -10.99 4.50 2.64
N LEU D 54 -11.69 4.57 3.75
CA LEU D 54 -11.04 4.31 5.04
C LEU D 54 -11.68 3.09 5.70
N GLY D 55 -12.66 2.52 5.01
CA GLY D 55 -13.35 1.37 5.53
C GLY D 55 -13.95 1.72 6.88
N LEU D 56 -14.86 2.70 6.88
CA LEU D 56 -15.46 3.11 8.12
C LEU D 56 -16.84 2.49 8.35
N VAL D 57 -17.46 2.88 9.46
CA VAL D 57 -18.77 2.40 9.85
C VAL D 57 -19.88 3.26 9.26
N LEU D 58 -20.44 2.84 8.12
CA LEU D 58 -21.51 3.62 7.54
C LEU D 58 -22.72 3.54 8.46
N THR D 59 -23.35 4.69 8.70
CA THR D 59 -24.54 4.81 9.54
C THR D 59 -25.39 5.93 8.99
N HIS D 60 -26.37 6.41 9.77
CA HIS D 60 -27.24 7.49 9.31
C HIS D 60 -27.47 8.66 10.26
N LYS D 61 -27.80 9.80 9.66
CA LYS D 61 -28.10 11.05 10.36
C LYS D 61 -29.58 11.20 10.09
N THR D 62 -30.38 11.17 11.13
CA THR D 62 -31.82 11.24 10.96
C THR D 62 -32.52 12.44 11.58
N SER D 63 -33.51 12.95 10.85
CA SER D 63 -34.33 14.07 11.28
C SER D 63 -35.71 13.60 10.85
N LYS D 64 -36.76 14.25 11.34
CA LYS D 64 -38.10 13.82 10.96
C LYS D 64 -38.26 13.61 9.45
N ASP D 65 -38.02 14.65 8.67
CA ASP D 65 -38.23 14.53 7.24
C ASP D 65 -37.06 14.16 6.32
N PHE D 66 -35.98 13.66 6.89
CA PHE D 66 -34.84 13.29 6.05
C PHE D 66 -33.76 12.53 6.79
N THR D 67 -33.30 11.45 6.18
CA THR D 67 -32.26 10.65 6.78
C THR D 67 -31.23 10.37 5.70
N THR D 68 -29.98 10.72 5.98
CA THR D 68 -28.91 10.52 5.03
C THR D 68 -27.76 9.81 5.71
N PRO D 69 -26.99 9.03 4.95
CA PRO D 69 -25.86 8.29 5.50
C PRO D 69 -24.75 9.23 5.96
N MET D 70 -24.10 8.86 7.04
CA MET D 70 -23.01 9.66 7.59
C MET D 70 -21.88 8.71 7.92
N ALA D 71 -20.70 9.27 8.12
CA ALA D 71 -19.51 8.51 8.46
C ALA D 71 -18.56 9.57 8.92
N GLY D 72 -17.62 9.20 9.79
CA GLY D 72 -16.69 10.20 10.27
C GLY D 72 -15.42 9.71 10.93
N ILE D 73 -14.56 10.67 11.28
CA ILE D 73 -13.31 10.35 11.93
C ILE D 73 -13.12 11.29 13.09
N PRO D 74 -12.59 10.78 14.21
CA PRO D 74 -12.33 11.53 15.44
C PRO D 74 -11.52 12.79 15.18
N LEU D 75 -12.04 13.91 15.65
CA LEU D 75 -11.40 15.20 15.49
C LEU D 75 -9.88 15.09 15.78
N ARG D 76 -9.54 14.18 16.69
CA ARG D 76 -8.15 13.97 17.07
C ARG D 76 -7.38 13.28 15.95
N ALA D 77 -7.78 12.06 15.60
CA ALA D 77 -7.12 11.27 14.55
C ALA D 77 -6.97 11.96 13.19
N PHE D 78 -7.59 13.12 13.05
CA PHE D 78 -7.57 13.90 11.82
C PHE D 78 -6.29 13.82 10.98
N GLU D 79 -5.23 14.50 11.42
CA GLU D 79 -3.99 14.51 10.67
C GLU D 79 -3.46 13.13 10.27
N ALA D 80 -3.98 12.08 10.86
CA ALA D 80 -3.54 10.74 10.52
C ALA D 80 -4.34 10.18 9.34
N TYR D 81 -5.62 10.52 9.28
CA TYR D 81 -6.49 10.06 8.21
C TYR D 81 -6.31 10.97 7.01
N ALA D 82 -6.06 12.25 7.28
CA ALA D 82 -5.83 13.23 6.23
C ALA D 82 -4.74 12.69 5.33
N GLU D 83 -3.69 12.16 5.95
CA GLU D 83 -2.58 11.60 5.22
C GLU D 83 -3.03 10.46 4.31
N ARG D 84 -3.77 9.49 4.85
CA ARG D 84 -4.26 8.39 4.04
C ARG D 84 -5.13 8.91 2.91
N LEU D 85 -6.04 9.82 3.27
CA LEU D 85 -6.98 10.41 2.31
C LEU D 85 -6.28 11.27 1.25
N LEU D 86 -5.18 11.91 1.65
CA LEU D 86 -4.42 12.73 0.71
C LEU D 86 -3.72 11.81 -0.29
N LYS D 87 -3.03 10.80 0.24
CA LYS D 87 -2.31 9.84 -0.58
C LYS D 87 -3.22 9.13 -1.56
N MET D 88 -4.51 9.06 -1.22
CA MET D 88 -5.49 8.41 -2.08
C MET D 88 -5.99 9.35 -3.15
N GLY D 89 -5.35 10.52 -3.24
CA GLY D 89 -5.75 11.49 -4.23
C GLY D 89 -6.92 12.36 -3.80
N PHE D 90 -7.20 12.43 -2.51
CA PHE D 90 -8.30 13.24 -2.01
C PHE D 90 -7.86 14.67 -1.63
N ARG D 91 -8.67 15.65 -2.01
CA ARG D 91 -8.41 17.03 -1.65
C ARG D 91 -9.39 17.32 -0.50
N LEU D 92 -8.89 17.86 0.59
CA LEU D 92 -9.74 18.08 1.73
C LEU D 92 -10.10 19.50 2.08
N ALA D 93 -11.37 19.67 2.46
CA ALA D 93 -11.88 20.97 2.86
C ALA D 93 -12.32 20.84 4.30
N VAL D 94 -11.62 21.49 5.23
CA VAL D 94 -11.97 21.38 6.63
C VAL D 94 -12.89 22.47 7.15
N ALA D 95 -13.95 22.06 7.82
CA ALA D 95 -14.93 22.97 8.39
C ALA D 95 -14.90 22.77 9.90
N ASP D 96 -14.60 23.85 10.62
CA ASP D 96 -14.52 23.80 12.07
C ASP D 96 -15.58 24.67 12.70
N GLN D 97 -16.11 24.21 13.83
CA GLN D 97 -17.14 24.92 14.58
C GLN D 97 -16.48 26.13 15.24
N VAL D 98 -16.73 27.32 14.71
CA VAL D 98 -16.18 28.55 15.27
C VAL D 98 -16.36 28.51 16.78
N GLU D 99 -15.24 28.45 17.52
CA GLU D 99 -15.28 28.39 18.98
C GLU D 99 -16.51 29.07 19.55
N PRO D 100 -17.48 28.27 20.04
CA PRO D 100 -18.72 28.80 20.61
C PRO D 100 -18.70 30.29 20.97
N LEU D 107 -25.96 28.39 13.92
CA LEU D 107 -26.23 28.05 15.30
C LEU D 107 -25.19 27.14 15.95
N VAL D 108 -24.03 27.28 15.37
CA VAL D 108 -22.72 26.88 15.85
C VAL D 108 -22.42 27.92 14.80
N ARG D 109 -21.55 27.72 13.83
CA ARG D 109 -21.34 28.83 12.88
C ARG D 109 -20.39 28.34 11.81
N ARG D 110 -20.09 27.06 11.94
CA ARG D 110 -19.18 26.34 11.07
C ARG D 110 -18.80 27.01 9.76
N GLU D 111 -17.50 27.00 9.52
CA GLU D 111 -16.88 27.58 8.35
C GLU D 111 -15.66 26.77 7.97
N VAL D 112 -15.24 26.93 6.71
CA VAL D 112 -14.10 26.21 6.16
C VAL D 112 -12.76 26.81 6.62
N THR D 113 -12.12 26.16 7.59
CA THR D 113 -10.85 26.65 8.08
C THR D 113 -9.74 26.50 7.04
N GLN D 114 -9.27 25.26 6.84
CA GLN D 114 -8.19 24.96 5.89
C GLN D 114 -8.69 24.31 4.61
N LEU D 115 -7.71 23.94 3.76
CA LEU D 115 -7.92 23.22 2.51
C LEU D 115 -6.67 22.37 2.30
N LEU D 116 -6.75 21.09 2.67
CA LEU D 116 -5.60 20.20 2.53
C LEU D 116 -5.40 19.67 1.12
N THR D 117 -4.27 20.05 0.53
CA THR D 117 -3.93 19.67 -0.81
C THR D 117 -2.47 19.23 -0.87
N PRO D 118 -2.17 18.19 -1.68
CA PRO D 118 -0.83 17.61 -1.87
C PRO D 118 0.34 18.59 -1.95
N GLY D 119 0.22 19.62 -2.80
CA GLY D 119 1.28 20.59 -2.95
C GLY D 119 1.10 21.94 -2.28
N THR D 120 0.32 21.98 -1.20
CA THR D 120 0.07 23.21 -0.48
C THR D 120 -0.03 22.97 1.01
N LEU D 121 0.34 21.76 1.43
CA LEU D 121 0.29 21.41 2.84
C LEU D 121 1.12 22.38 3.68
N LEU D 122 0.57 22.73 4.83
CA LEU D 122 1.20 23.67 5.73
C LEU D 122 1.50 22.97 7.05
N GLN D 123 0.75 21.92 7.35
CA GLN D 123 0.90 21.18 8.59
C GLN D 123 2.14 20.30 8.62
N GLU D 124 3.01 20.55 9.60
CA GLU D 124 4.28 19.82 9.71
C GLU D 124 4.20 18.30 9.71
N SER D 125 3.21 17.74 10.41
CA SER D 125 3.08 16.28 10.48
C SER D 125 2.70 15.67 9.14
N LEU D 126 2.35 16.49 8.16
CA LEU D 126 2.00 15.97 6.85
C LEU D 126 3.07 16.27 5.82
N LEU D 127 4.09 17.02 6.21
CA LEU D 127 5.18 17.38 5.29
C LEU D 127 6.50 16.65 5.55
N PRO D 128 7.31 16.47 4.51
CA PRO D 128 8.61 15.79 4.63
C PRO D 128 9.64 16.88 4.95
N ARG D 129 10.82 16.50 5.42
CA ARG D 129 11.83 17.51 5.72
C ARG D 129 12.12 18.30 4.45
N GLU D 130 12.07 17.58 3.34
CA GLU D 130 12.33 18.16 2.03
C GLU D 130 11.30 19.19 1.61
N ALA D 131 11.61 19.93 0.54
CA ALA D 131 10.69 20.95 0.05
C ALA D 131 9.47 20.27 -0.55
N ASN D 132 8.36 20.97 -0.53
CA ASN D 132 7.13 20.44 -1.07
C ASN D 132 6.60 21.49 -2.05
N TYR D 133 6.69 21.23 -3.35
CA TYR D 133 6.26 22.22 -4.32
C TYR D 133 4.89 22.04 -4.95
N LEU D 134 4.35 23.17 -5.38
CA LEU D 134 3.09 23.25 -6.10
C LEU D 134 3.63 23.82 -7.40
N ALA D 135 3.39 23.14 -8.51
CA ALA D 135 3.89 23.60 -9.80
C ALA D 135 2.77 24.02 -10.72
N ALA D 136 3.09 24.96 -11.61
CA ALA D 136 2.13 25.42 -12.58
C ALA D 136 2.93 25.53 -13.85
N ILE D 137 2.32 25.16 -14.97
CA ILE D 137 2.94 25.22 -16.29
C ILE D 137 1.96 25.92 -17.24
N ALA D 138 2.46 26.88 -17.99
CA ALA D 138 1.62 27.60 -18.92
C ALA D 138 2.36 27.69 -20.25
N THR D 139 1.77 28.37 -21.24
CA THR D 139 2.39 28.48 -22.57
C THR D 139 2.40 29.92 -23.13
N GLY D 140 3.35 30.24 -24.03
CA GLY D 140 3.42 31.57 -24.62
C GLY D 140 4.82 32.10 -24.94
N ASP D 141 5.48 31.42 -25.89
CA ASP D 141 6.87 31.57 -26.41
C ASP D 141 7.68 30.89 -25.36
N GLY D 142 7.64 29.57 -25.50
CA GLY D 142 8.32 28.71 -24.58
C GLY D 142 7.35 28.38 -23.47
N TRP D 143 7.77 27.45 -22.64
CA TRP D 143 6.97 27.03 -21.50
C TRP D 143 7.23 27.84 -20.24
N GLY D 144 6.18 28.01 -19.46
CA GLY D 144 6.29 28.74 -18.22
C GLY D 144 6.21 27.74 -17.08
N LEU D 145 7.25 27.74 -16.26
CA LEU D 145 7.33 26.84 -15.12
C LEU D 145 7.53 27.69 -13.88
N ALA D 146 6.68 27.50 -12.89
CA ALA D 146 6.79 28.24 -11.64
C ALA D 146 6.50 27.29 -10.50
N PHE D 147 7.37 27.30 -9.48
CA PHE D 147 7.19 26.46 -8.31
C PHE D 147 6.94 27.30 -7.06
N LEU D 148 6.15 26.74 -6.15
CA LEU D 148 5.79 27.40 -4.91
C LEU D 148 5.73 26.33 -3.81
N ASP D 149 6.18 26.69 -2.62
CA ASP D 149 6.14 25.80 -1.46
C ASP D 149 5.50 26.60 -0.35
N VAL D 150 4.18 26.65 -0.30
CA VAL D 150 3.51 27.43 0.72
C VAL D 150 4.05 27.33 2.14
N SER D 151 4.75 26.23 2.45
CA SER D 151 5.29 26.04 3.81
C SER D 151 6.57 26.81 4.10
N THR D 152 7.20 27.30 3.03
CA THR D 152 8.47 27.99 3.13
C THR D 152 8.44 29.39 2.58
N GLY D 153 7.63 29.59 1.57
CA GLY D 153 7.54 30.89 0.95
C GLY D 153 8.36 30.90 -0.32
N GLU D 154 9.08 29.81 -0.57
CA GLU D 154 9.93 29.69 -1.76
C GLU D 154 9.07 29.91 -2.99
N PHE D 155 9.47 30.83 -3.84
CA PHE D 155 8.70 31.16 -5.03
C PHE D 155 9.71 31.34 -6.15
N LYS D 156 9.76 30.40 -7.08
CA LYS D 156 10.70 30.53 -8.18
C LYS D 156 10.10 30.06 -9.49
N GLY D 157 10.79 30.35 -10.57
CA GLY D 157 10.30 29.95 -11.87
C GLY D 157 11.31 30.23 -12.95
N THR D 158 11.00 29.76 -14.15
CA THR D 158 11.87 29.91 -15.30
C THR D 158 11.03 29.73 -16.53
N VAL D 159 11.63 29.98 -17.69
CA VAL D 159 10.96 29.81 -18.98
C VAL D 159 11.79 28.86 -19.82
N LEU D 160 11.18 27.76 -20.24
CA LEU D 160 11.90 26.77 -21.02
C LEU D 160 11.52 26.80 -22.49
N LYS D 161 12.47 26.50 -23.36
CA LYS D 161 12.27 26.50 -24.81
C LYS D 161 11.70 25.22 -25.39
N SER D 162 12.06 24.09 -24.80
CA SER D 162 11.57 22.81 -25.30
C SER D 162 10.74 22.09 -24.27
N LYS D 163 9.75 21.34 -24.74
CA LYS D 163 8.92 20.58 -23.82
C LYS D 163 9.84 19.56 -23.13
N SER D 164 10.97 19.27 -23.76
CA SER D 164 11.93 18.33 -23.23
C SER D 164 12.57 18.92 -21.97
N ALA D 165 12.97 20.18 -22.05
CA ALA D 165 13.60 20.85 -20.92
C ALA D 165 12.57 21.05 -19.83
N LEU D 166 11.32 21.22 -20.24
CA LEU D 166 10.22 21.41 -19.31
C LEU D 166 10.20 20.23 -18.35
N TYR D 167 9.90 19.06 -18.89
CA TYR D 167 9.84 17.84 -18.09
C TYR D 167 11.03 17.77 -17.16
N ASP D 168 12.22 17.96 -17.69
CA ASP D 168 13.40 17.91 -16.85
C ASP D 168 13.27 18.77 -15.60
N GLU D 169 13.07 20.07 -15.78
CA GLU D 169 12.94 20.98 -14.65
C GLU D 169 11.80 20.59 -13.76
N LEU D 170 10.79 19.97 -14.35
CA LEU D 170 9.65 19.55 -13.56
C LEU D 170 10.08 18.33 -12.75
N PHE D 171 10.96 17.55 -13.31
CA PHE D 171 11.41 16.37 -12.60
C PHE D 171 12.48 16.66 -11.54
N ARG D 172 13.33 17.66 -11.76
CA ARG D 172 14.38 17.96 -10.79
C ARG D 172 13.75 18.31 -9.45
N HIS D 173 12.58 18.92 -9.55
CA HIS D 173 11.83 19.41 -8.38
C HIS D 173 10.81 18.47 -7.76
N ARG D 174 10.45 17.42 -8.48
CA ARG D 174 9.49 16.49 -7.93
C ARG D 174 8.29 17.15 -7.30
N PRO D 175 7.50 17.88 -8.09
CA PRO D 175 6.32 18.53 -7.53
C PRO D 175 5.37 17.53 -6.88
N ALA D 176 4.50 18.06 -6.01
CA ALA D 176 3.52 17.27 -5.29
C ALA D 176 2.18 17.43 -5.96
N GLU D 177 2.02 18.55 -6.65
CA GLU D 177 0.78 18.85 -7.33
C GLU D 177 1.12 19.81 -8.44
N VAL D 178 0.51 19.61 -9.60
CA VAL D 178 0.77 20.46 -10.76
C VAL D 178 -0.48 21.17 -11.25
N LEU D 179 -0.29 22.34 -11.83
CA LEU D 179 -1.41 23.08 -12.34
C LEU D 179 -1.15 23.35 -13.80
N LEU D 180 -1.87 22.66 -14.68
CA LEU D 180 -1.66 22.88 -16.10
C LEU D 180 -2.61 23.98 -16.57
N ALA D 181 -2.12 24.87 -17.43
CA ALA D 181 -2.95 25.93 -17.98
C ALA D 181 -4.05 25.30 -18.83
N PRO D 182 -5.12 26.06 -19.15
CA PRO D 182 -6.19 25.47 -19.98
C PRO D 182 -5.76 24.94 -21.35
N GLU D 183 -4.88 25.66 -22.04
CA GLU D 183 -4.41 25.23 -23.35
C GLU D 183 -3.86 23.82 -23.23
N LEU D 184 -3.14 23.56 -22.15
CA LEU D 184 -2.57 22.23 -21.94
C LEU D 184 -3.60 21.18 -21.54
N LEU D 185 -4.58 21.56 -20.75
CA LEU D 185 -5.58 20.60 -20.31
C LEU D 185 -6.49 20.16 -21.45
N GLU D 186 -6.67 21.04 -22.41
CA GLU D 186 -7.52 20.75 -23.55
C GLU D 186 -6.79 19.95 -24.61
N ASN D 187 -5.48 20.13 -24.70
CA ASN D 187 -4.68 19.39 -25.67
C ASN D 187 -4.62 17.92 -25.30
N GLY D 188 -5.59 17.15 -25.77
CA GLY D 188 -5.63 15.73 -25.46
C GLY D 188 -4.33 14.94 -25.51
N ALA D 189 -3.45 15.24 -26.46
CA ALA D 189 -2.19 14.51 -26.59
C ALA D 189 -1.21 14.81 -25.46
N PHE D 190 -1.00 16.09 -25.19
CA PHE D 190 -0.10 16.51 -24.12
C PHE D 190 -0.56 15.87 -22.82
N LEU D 191 -1.79 16.17 -22.42
CA LEU D 191 -2.34 15.63 -21.19
C LEU D 191 -2.19 14.11 -21.12
N ASP D 192 -2.44 13.44 -22.23
CA ASP D 192 -2.32 11.99 -22.25
C ASP D 192 -0.86 11.60 -22.01
N GLU D 193 0.05 12.45 -22.45
CA GLU D 193 1.48 12.21 -22.27
C GLU D 193 1.94 12.60 -20.87
N PHE D 194 1.58 13.81 -20.45
CA PHE D 194 1.94 14.32 -19.13
C PHE D 194 1.57 13.31 -18.04
N ARG D 195 0.33 12.85 -18.03
CA ARG D 195 -0.08 11.88 -17.01
C ARG D 195 0.79 10.65 -17.04
N LYS D 196 0.96 10.08 -18.24
CA LYS D 196 1.77 8.88 -18.40
C LYS D 196 3.20 9.06 -17.88
N ARG D 197 3.82 10.19 -18.20
CA ARG D 197 5.18 10.43 -17.74
C ARG D 197 5.31 11.07 -16.36
N PHE D 198 4.28 11.80 -15.92
CA PHE D 198 4.31 12.44 -14.60
C PHE D 198 3.10 12.11 -13.76
N PRO D 199 3.08 10.91 -13.16
CA PRO D 199 1.95 10.49 -12.31
C PRO D 199 1.89 11.37 -11.07
N VAL D 200 1.05 12.39 -11.12
CA VAL D 200 0.92 13.31 -10.01
C VAL D 200 -0.40 14.01 -10.13
N MET D 201 -0.94 14.47 -9.01
CA MET D 201 -2.23 15.17 -9.00
C MET D 201 -2.26 16.43 -9.82
N LEU D 202 -3.24 16.51 -10.70
CA LEU D 202 -3.44 17.68 -11.54
C LEU D 202 -4.69 18.40 -11.06
N SER D 203 -4.54 19.69 -10.78
CA SER D 203 -5.64 20.51 -10.31
C SER D 203 -5.93 21.65 -11.27
N GLU D 204 -7.17 22.13 -11.22
CA GLU D 204 -7.62 23.24 -12.05
C GLU D 204 -7.31 24.56 -11.32
N ALA D 205 -7.02 25.61 -12.08
CA ALA D 205 -6.75 26.90 -11.47
C ALA D 205 -6.65 28.02 -12.48
N PRO D 206 -7.21 29.19 -12.15
CA PRO D 206 -7.14 30.30 -13.08
C PRO D 206 -5.68 30.66 -13.39
N PHE D 207 -5.42 31.13 -14.62
CA PHE D 207 -4.08 31.53 -15.03
C PHE D 207 -3.96 32.98 -15.48
N GLU D 208 -4.68 33.89 -14.81
CA GLU D 208 -4.60 35.30 -15.17
C GLU D 208 -3.21 35.79 -14.78
N PRO D 209 -2.45 36.31 -15.75
CA PRO D 209 -1.10 36.80 -15.47
C PRO D 209 -0.96 37.55 -14.15
N GLU D 210 0.26 37.54 -13.63
CA GLU D 210 0.60 38.19 -12.38
C GLU D 210 2.02 38.69 -12.53
N GLY D 211 2.27 39.91 -12.07
CA GLY D 211 3.62 40.43 -12.18
C GLY D 211 4.14 40.78 -13.57
N GLU D 212 5.46 40.70 -13.72
CA GLU D 212 6.13 41.03 -14.97
C GLU D 212 6.89 39.88 -15.62
N GLY D 213 7.59 40.19 -16.71
CA GLY D 213 8.35 39.17 -17.42
C GLY D 213 7.47 38.47 -18.43
N PRO D 214 7.95 37.37 -19.04
CA PRO D 214 7.22 36.58 -20.04
C PRO D 214 5.77 36.35 -19.70
N LEU D 215 4.92 36.26 -20.70
CA LEU D 215 3.49 36.05 -20.48
C LEU D 215 3.28 34.69 -19.86
N ALA D 216 4.02 33.70 -20.34
CA ALA D 216 3.85 32.35 -19.82
C ALA D 216 4.25 32.25 -18.35
N LEU D 217 5.18 33.09 -17.92
CA LEU D 217 5.57 33.02 -16.54
C LEU D 217 4.49 33.65 -15.68
N ARG D 218 4.25 34.93 -15.90
CA ARG D 218 3.23 35.64 -15.16
C ARG D 218 1.97 34.79 -15.02
N ARG D 219 1.57 34.13 -16.10
CA ARG D 219 0.37 33.30 -16.04
C ARG D 219 0.51 32.14 -15.08
N ALA D 220 1.66 31.50 -15.13
CA ALA D 220 1.93 30.36 -14.26
C ALA D 220 2.03 30.85 -12.84
N ARG D 221 2.74 31.96 -12.69
CA ARG D 221 2.94 32.59 -11.42
C ARG D 221 1.56 32.89 -10.84
N GLY D 222 0.67 33.37 -11.69
CA GLY D 222 -0.68 33.68 -11.24
C GLY D 222 -1.50 32.49 -10.78
N ALA D 223 -1.37 31.39 -11.50
CA ALA D 223 -2.11 30.20 -11.15
C ALA D 223 -1.69 29.81 -9.74
N LEU D 224 -0.39 29.83 -9.50
CA LEU D 224 0.15 29.48 -8.20
C LEU D 224 -0.50 30.35 -7.14
N LEU D 225 -0.19 31.64 -7.16
CA LEU D 225 -0.74 32.55 -6.16
C LEU D 225 -2.23 32.37 -5.94
N ALA D 226 -2.99 32.45 -7.03
CA ALA D 226 -4.45 32.31 -6.97
C ALA D 226 -4.86 31.01 -6.29
N TYR D 227 -4.25 29.91 -6.71
CA TYR D 227 -4.59 28.62 -6.13
C TYR D 227 -4.20 28.50 -4.68
N ALA D 228 -2.95 28.82 -4.38
CA ALA D 228 -2.43 28.70 -3.04
C ALA D 228 -3.17 29.55 -2.03
N GLN D 229 -3.62 30.72 -2.44
CA GLN D 229 -4.34 31.55 -1.49
C GLN D 229 -5.67 30.90 -1.11
N ARG D 230 -6.32 30.25 -2.07
CA ARG D 230 -7.57 29.55 -1.81
C ARG D 230 -7.36 28.57 -0.66
N THR D 231 -6.21 27.90 -0.67
CA THR D 231 -5.82 26.91 0.31
C THR D 231 -5.55 27.49 1.70
N GLN D 232 -4.62 28.44 1.75
CA GLN D 232 -4.22 29.12 2.97
C GLN D 232 -5.15 30.32 3.11
N GLY D 233 -6.44 30.01 3.00
CA GLY D 233 -7.51 31.00 3.08
C GLY D 233 -7.17 32.44 3.37
N GLY D 234 -6.33 33.05 2.54
CA GLY D 234 -5.94 34.43 2.76
C GLY D 234 -4.58 34.73 2.17
N ALA D 235 -4.08 35.94 2.37
CA ALA D 235 -2.78 36.30 1.84
C ALA D 235 -1.73 35.25 2.17
N LEU D 236 -0.83 35.03 1.22
CA LEU D 236 0.23 34.04 1.36
C LEU D 236 1.46 34.69 1.90
N SER D 237 2.30 33.88 2.51
CA SER D 237 3.55 34.41 3.02
C SER D 237 4.56 33.83 2.07
N LEU D 238 5.16 34.70 1.26
CA LEU D 238 6.14 34.24 0.30
C LEU D 238 7.33 35.17 0.16
N GLN D 239 8.49 34.57 -0.12
CA GLN D 239 9.69 35.34 -0.32
C GLN D 239 9.67 35.74 -1.78
N PRO D 240 10.42 36.79 -2.15
CA PRO D 240 10.55 37.35 -3.51
C PRO D 240 10.65 36.30 -4.60
N PHE D 241 9.82 36.43 -5.62
CA PHE D 241 9.87 35.48 -6.73
C PHE D 241 11.27 35.45 -7.32
N ARG D 242 11.83 34.27 -7.46
CA ARG D 242 13.17 34.14 -8.01
C ARG D 242 13.08 33.54 -9.40
N PHE D 243 13.48 34.31 -10.41
CA PHE D 243 13.48 33.81 -11.79
C PHE D 243 14.87 33.22 -12.01
N TYR D 244 14.94 32.00 -12.51
CA TYR D 244 16.24 31.37 -12.74
C TYR D 244 16.41 30.81 -14.15
N ASP D 245 17.66 30.52 -14.48
CA ASP D 245 18.00 29.98 -15.77
C ASP D 245 18.63 28.61 -15.58
N PRO D 246 18.01 27.58 -16.18
CA PRO D 246 18.56 26.23 -16.03
C PRO D 246 19.92 26.15 -16.71
N GLY D 247 20.16 27.07 -17.63
CA GLY D 247 21.42 27.06 -18.35
C GLY D 247 22.55 27.63 -17.54
N ALA D 248 22.24 28.21 -16.40
CA ALA D 248 23.26 28.79 -15.56
C ALA D 248 23.91 27.74 -14.72
N PHE D 249 23.36 26.55 -14.75
CA PHE D 249 23.90 25.46 -13.96
C PHE D 249 24.26 24.26 -14.80
N MET D 250 24.78 23.24 -14.13
CA MET D 250 25.12 22.02 -14.80
C MET D 250 23.78 21.39 -15.16
N ARG D 251 23.69 20.79 -16.34
CA ARG D 251 22.45 20.16 -16.77
C ARG D 251 22.37 18.76 -16.16
N LEU D 252 21.22 18.46 -15.56
CA LEU D 252 20.96 17.16 -14.93
C LEU D 252 19.58 16.71 -15.36
N PRO D 253 19.50 16.12 -16.54
CA PRO D 253 18.21 15.64 -17.05
C PRO D 253 17.66 14.43 -16.28
N GLU D 254 16.36 14.18 -16.43
CA GLU D 254 15.69 13.07 -15.74
C GLU D 254 16.38 11.73 -15.97
N ALA D 255 16.91 11.53 -17.18
CA ALA D 255 17.58 10.27 -17.49
C ALA D 255 18.75 10.06 -16.53
N THR D 256 19.58 11.10 -16.42
CA THR D 256 20.73 11.08 -15.56
C THR D 256 20.34 11.00 -14.07
N LEU D 257 19.30 11.73 -13.69
CA LEU D 257 18.86 11.75 -12.30
C LEU D 257 18.40 10.39 -11.80
N ARG D 258 17.80 9.64 -12.71
CA ARG D 258 17.32 8.31 -12.38
C ARG D 258 18.47 7.32 -12.51
N ALA D 259 19.16 7.37 -13.64
CA ALA D 259 20.28 6.47 -13.89
C ALA D 259 21.27 6.49 -12.72
N LEU D 260 21.59 7.70 -12.26
CA LEU D 260 22.53 7.91 -11.18
C LEU D 260 21.90 7.80 -9.81
N GLU D 261 20.57 7.71 -9.76
CA GLU D 261 19.87 7.58 -8.49
C GLU D 261 20.21 8.70 -7.52
N VAL D 262 20.31 9.92 -8.03
CA VAL D 262 20.64 11.05 -7.19
C VAL D 262 19.65 11.20 -6.03
N PHE D 263 18.36 11.18 -6.34
CA PHE D 263 17.33 11.33 -5.32
C PHE D 263 16.50 10.10 -5.02
N GLU D 264 16.21 9.29 -6.05
CA GLU D 264 15.43 8.07 -5.83
C GLU D 264 16.09 6.83 -6.42
N PRO D 265 16.05 5.73 -5.67
CA PRO D 265 16.64 4.45 -6.08
C PRO D 265 15.78 3.71 -7.07
N LEU D 266 16.42 2.88 -7.88
CA LEU D 266 15.74 2.06 -8.87
C LEU D 266 15.20 0.87 -8.08
N ARG D 267 14.82 1.14 -6.84
CA ARG D 267 14.33 0.13 -5.91
C ARG D 267 15.58 -0.64 -5.51
N GLY D 268 15.76 -0.80 -4.21
CA GLY D 268 16.96 -1.43 -3.71
C GLY D 268 17.66 -0.20 -3.19
N GLN D 269 17.13 0.29 -2.09
CA GLN D 269 17.54 1.50 -1.40
C GLN D 269 18.96 2.09 -1.56
N ASP D 270 19.13 3.26 -0.97
CA ASP D 270 20.37 4.02 -0.98
C ASP D 270 20.54 4.84 -2.25
N THR D 271 20.50 6.15 -2.06
CA THR D 271 20.65 7.11 -3.13
C THR D 271 21.90 7.89 -2.84
N LEU D 272 22.35 8.64 -3.84
CA LEU D 272 23.53 9.45 -3.66
C LEU D 272 23.18 10.35 -2.51
N PHE D 273 21.97 10.87 -2.55
CA PHE D 273 21.51 11.76 -1.52
C PHE D 273 21.54 11.18 -0.12
N SER D 274 20.92 10.01 0.09
CA SER D 274 20.93 9.44 1.43
C SER D 274 22.35 9.22 1.98
N VAL D 275 23.22 8.69 1.13
CA VAL D 275 24.58 8.47 1.54
C VAL D 275 25.24 9.78 1.89
N LEU D 276 25.00 10.77 1.06
CA LEU D 276 25.57 12.10 1.19
C LEU D 276 24.96 12.89 2.33
N ASP D 277 23.63 12.88 2.38
CA ASP D 277 22.90 13.63 3.39
C ASP D 277 23.20 13.20 4.81
N GLU D 278 23.71 14.15 5.57
CA GLU D 278 24.10 13.97 6.96
C GLU D 278 23.79 15.26 7.73
N THR D 279 22.87 16.06 7.20
CA THR D 279 22.51 17.31 7.85
C THR D 279 21.72 17.02 9.12
N ARG D 280 21.59 18.03 9.98
CA ARG D 280 20.87 17.87 11.23
C ARG D 280 19.53 18.61 11.28
N THR D 281 19.31 19.53 10.34
CA THR D 281 18.08 20.30 10.29
C THR D 281 17.40 20.17 8.94
N ALA D 282 16.14 20.60 8.87
CA ALA D 282 15.38 20.54 7.64
C ALA D 282 15.91 21.58 6.68
N PRO D 283 15.96 22.84 7.12
CA PRO D 283 16.49 23.85 6.21
C PRO D 283 17.77 23.37 5.56
N GLY D 284 18.62 22.70 6.34
CA GLY D 284 19.87 22.17 5.82
C GLY D 284 19.66 21.13 4.71
N ARG D 285 18.87 20.10 5.04
CA ARG D 285 18.56 19.04 4.10
C ARG D 285 18.00 19.66 2.84
N ARG D 286 17.22 20.72 3.01
CA ARG D 286 16.63 21.38 1.85
C ARG D 286 17.70 22.12 1.06
N LEU D 287 18.64 22.73 1.76
CA LEU D 287 19.70 23.44 1.08
C LEU D 287 20.48 22.44 0.24
N LEU D 288 21.06 21.45 0.90
CA LEU D 288 21.85 20.43 0.22
C LEU D 288 21.12 19.81 -0.95
N GLN D 289 19.82 19.59 -0.81
CA GLN D 289 19.05 19.01 -1.89
C GLN D 289 19.07 20.03 -3.01
N SER D 290 18.87 21.29 -2.66
CA SER D 290 18.88 22.38 -3.63
C SER D 290 20.15 22.36 -4.50
N TRP D 291 21.29 22.17 -3.84
CA TRP D 291 22.59 22.14 -4.51
C TRP D 291 22.71 20.99 -5.47
N LEU D 292 22.35 19.81 -4.97
CA LEU D 292 22.40 18.61 -5.76
C LEU D 292 21.54 18.75 -7.01
N ARG D 293 20.42 19.46 -6.85
CA ARG D 293 19.47 19.67 -7.93
C ARG D 293 20.04 20.53 -9.05
N HIS D 294 20.91 21.48 -8.69
CA HIS D 294 21.55 22.35 -9.68
C HIS D 294 23.03 22.57 -9.37
N PRO D 295 23.90 21.67 -9.86
CA PRO D 295 25.35 21.76 -9.65
C PRO D 295 25.89 22.98 -10.37
N LEU D 296 26.96 23.57 -9.84
CA LEU D 296 27.53 24.79 -10.43
C LEU D 296 28.50 24.63 -11.57
N LEU D 297 28.63 25.70 -12.34
CA LEU D 297 29.54 25.74 -13.48
C LEU D 297 30.76 26.52 -13.05
N ASP D 298 30.50 27.66 -12.43
CA ASP D 298 31.51 28.58 -11.98
C ASP D 298 32.44 28.07 -10.87
N ARG D 299 33.73 28.22 -11.10
CA ARG D 299 34.74 27.79 -10.16
C ARG D 299 34.79 28.69 -8.93
N GLY D 300 34.51 29.97 -9.12
CA GLY D 300 34.55 30.88 -8.00
C GLY D 300 33.76 30.30 -6.84
N PRO D 301 32.45 30.27 -6.97
CA PRO D 301 31.55 29.76 -5.94
C PRO D 301 31.89 28.36 -5.45
N LEU D 302 32.14 27.45 -6.39
CA LEU D 302 32.48 26.08 -6.03
C LEU D 302 33.64 26.04 -5.05
N GLU D 303 34.70 26.77 -5.39
CA GLU D 303 35.91 26.82 -4.58
C GLU D 303 35.58 27.47 -3.22
N ALA D 304 34.56 28.33 -3.23
CA ALA D 304 34.15 29.00 -2.02
C ALA D 304 33.50 27.98 -1.12
N ARG D 305 32.64 27.14 -1.68
CA ARG D 305 32.00 26.11 -0.88
C ARG D 305 33.03 25.13 -0.37
N LEU D 306 33.93 24.70 -1.24
CA LEU D 306 34.98 23.76 -0.85
C LEU D 306 35.81 24.35 0.29
N ASP D 307 36.01 25.67 0.25
CA ASP D 307 36.74 26.32 1.33
C ASP D 307 36.00 26.17 2.63
N ARG D 308 34.70 26.47 2.63
CA ARG D 308 33.87 26.36 3.82
C ARG D 308 33.88 24.95 4.38
N VAL D 309 33.82 23.96 3.48
CA VAL D 309 33.81 22.56 3.86
C VAL D 309 35.11 22.18 4.52
N GLU D 310 36.22 22.62 3.91
CA GLU D 310 37.55 22.34 4.45
C GLU D 310 37.64 22.91 5.85
N GLY D 311 37.04 24.09 6.03
CA GLY D 311 37.02 24.75 7.32
C GLY D 311 36.67 23.73 8.38
N PHE D 312 35.52 23.08 8.24
CA PHE D 312 35.08 22.10 9.22
C PHE D 312 35.86 20.79 9.20
N VAL D 313 36.58 20.52 8.13
CA VAL D 313 37.37 19.31 8.07
C VAL D 313 38.57 19.53 8.95
N ARG D 314 38.97 20.79 9.05
CA ARG D 314 40.08 21.15 9.89
C ARG D 314 39.54 21.21 11.32
N GLU D 315 38.69 22.21 11.58
CA GLU D 315 38.10 22.41 12.91
C GLU D 315 37.16 21.34 13.42
N GLY D 316 37.71 20.16 13.71
CA GLY D 316 36.90 19.07 14.21
C GLY D 316 36.08 19.43 15.44
N ALA D 317 36.70 20.14 16.39
CA ALA D 317 36.00 20.54 17.61
C ALA D 317 34.83 21.46 17.31
N LEU D 318 35.01 22.26 16.29
CA LEU D 318 33.97 23.18 15.89
C LEU D 318 32.91 22.40 15.15
N ARG D 319 33.35 21.56 14.23
CA ARG D 319 32.41 20.77 13.47
C ARG D 319 31.55 19.95 14.41
N GLU D 320 32.19 19.20 15.28
CA GLU D 320 31.48 18.35 16.21
C GLU D 320 30.59 19.13 17.17
N GLY D 321 31.01 20.35 17.52
CA GLY D 321 30.23 21.17 18.44
C GLY D 321 28.98 21.71 17.80
N VAL D 322 29.07 22.01 16.51
CA VAL D 322 27.94 22.56 15.80
C VAL D 322 26.93 21.48 15.48
N ARG D 323 27.43 20.33 15.08
CA ARG D 323 26.55 19.23 14.75
C ARG D 323 25.76 18.79 15.94
N ARG D 324 26.40 18.84 17.11
CA ARG D 324 25.74 18.46 18.36
C ARG D 324 24.56 19.38 18.68
N LEU D 325 24.83 20.67 18.64
CA LEU D 325 23.85 21.71 18.91
C LEU D 325 22.66 21.69 17.96
N LEU D 326 22.92 21.48 16.68
CA LEU D 326 21.84 21.47 15.70
C LEU D 326 20.93 20.25 15.79
N TYR D 327 21.37 19.18 16.46
CA TYR D 327 20.57 17.96 16.57
C TYR D 327 19.15 18.20 17.01
N ARG D 328 18.23 17.87 16.10
CA ARG D 328 16.80 18.00 16.32
C ARG D 328 16.31 19.45 16.40
N LEU D 329 17.22 20.40 16.25
CA LEU D 329 16.90 21.83 16.27
C LEU D 329 15.70 22.00 15.33
N ALA D 330 14.74 22.83 15.68
CA ALA D 330 13.56 22.97 14.83
C ALA D 330 13.75 23.69 13.51
N ASP D 331 12.76 23.53 12.63
CA ASP D 331 12.74 24.15 11.31
C ASP D 331 12.28 25.60 11.40
N LEU D 332 13.21 26.50 11.70
CA LEU D 332 12.87 27.91 11.83
C LEU D 332 12.17 28.51 10.62
N GLU D 333 12.58 28.12 9.42
CA GLU D 333 11.96 28.64 8.22
C GLU D 333 10.46 28.32 8.18
N ARG D 334 10.10 27.06 8.38
CA ARG D 334 8.69 26.74 8.35
C ARG D 334 7.97 27.37 9.54
N LEU D 335 8.64 27.44 10.68
CA LEU D 335 8.02 28.00 11.86
C LEU D 335 7.71 29.45 11.64
N ALA D 336 8.62 30.13 10.98
CA ALA D 336 8.44 31.54 10.71
C ALA D 336 7.23 31.73 9.82
N THR D 337 7.09 30.88 8.81
CA THR D 337 5.95 31.00 7.90
C THR D 337 4.63 30.81 8.62
N ARG D 338 4.52 29.77 9.44
CA ARG D 338 3.30 29.50 10.18
C ARG D 338 2.91 30.72 10.99
N LEU D 339 3.91 31.38 11.57
CA LEU D 339 3.65 32.58 12.35
C LEU D 339 3.11 33.66 11.44
N GLU D 340 3.74 33.82 10.28
CA GLU D 340 3.34 34.84 9.34
C GLU D 340 1.95 34.54 8.79
N LEU D 341 1.64 33.26 8.67
CA LEU D 341 0.34 32.86 8.16
C LEU D 341 -0.69 32.91 9.26
N GLY D 342 -0.24 33.18 10.49
CA GLY D 342 -1.14 33.25 11.61
C GLY D 342 -1.69 31.87 11.98
N ARG D 343 -0.87 30.84 11.77
CA ARG D 343 -1.25 29.46 12.08
C ARG D 343 -0.45 28.76 13.18
N ALA D 344 0.57 29.44 13.72
CA ALA D 344 1.42 28.90 14.78
C ALA D 344 0.68 28.43 16.02
N SER D 345 0.90 27.18 16.40
CA SER D 345 0.24 26.60 17.56
C SER D 345 1.00 26.91 18.82
N PRO D 346 0.36 26.70 19.99
CA PRO D 346 1.04 26.96 21.25
C PRO D 346 2.26 26.04 21.22
N LYS D 347 2.01 24.79 20.86
CA LYS D 347 3.08 23.85 20.78
C LYS D 347 4.21 24.47 19.93
N ASP D 348 3.86 25.14 18.83
CA ASP D 348 4.87 25.74 17.98
C ASP D 348 5.72 26.72 18.73
N LEU D 349 5.08 27.63 19.45
CA LEU D 349 5.84 28.60 20.21
C LEU D 349 6.74 27.86 21.19
N GLY D 350 6.25 26.75 21.72
CA GLY D 350 7.06 25.98 22.63
C GLY D 350 8.33 25.52 21.94
N ALA D 351 8.18 24.96 20.73
CA ALA D 351 9.32 24.48 19.96
C ALA D 351 10.29 25.61 19.67
N LEU D 352 9.73 26.77 19.32
CA LEU D 352 10.49 27.94 19.00
C LEU D 352 11.38 28.41 20.16
N ARG D 353 10.84 28.42 21.38
CA ARG D 353 11.66 28.90 22.48
C ARG D 353 12.81 27.96 22.70
N ARG D 354 12.55 26.66 22.57
CA ARG D 354 13.60 25.67 22.75
C ARG D 354 14.70 26.02 21.78
N SER D 355 14.32 26.26 20.54
CA SER D 355 15.29 26.60 19.52
C SER D 355 16.06 27.85 19.89
N LEU D 356 15.33 28.86 20.35
CA LEU D 356 15.96 30.11 20.73
C LEU D 356 16.93 29.95 21.89
N GLN D 357 16.66 28.98 22.75
CA GLN D 357 17.53 28.74 23.89
C GLN D 357 18.87 28.21 23.42
N ILE D 358 18.84 27.39 22.37
CA ILE D 358 20.06 26.83 21.83
C ILE D 358 20.83 27.79 20.94
N LEU D 359 20.15 28.77 20.36
CA LEU D 359 20.81 29.74 19.49
C LEU D 359 22.03 30.41 20.14
N PRO D 360 21.93 30.81 21.41
CA PRO D 360 23.02 31.47 22.15
C PRO D 360 24.30 30.64 22.20
N GLU D 361 24.14 29.32 22.34
CA GLU D 361 25.27 28.39 22.40
C GLU D 361 26.01 28.27 21.08
N LEU D 362 25.27 28.27 19.98
CA LEU D 362 25.83 28.21 18.63
C LEU D 362 26.61 29.48 18.33
N ARG D 363 26.12 30.63 18.80
CA ARG D 363 26.83 31.88 18.54
C ARG D 363 28.12 31.94 19.34
N ALA D 364 28.12 31.24 20.48
CA ALA D 364 29.30 31.21 21.33
C ALA D 364 30.38 30.54 20.49
N LEU D 365 30.06 29.32 20.06
CA LEU D 365 30.95 28.48 19.24
C LEU D 365 31.50 29.15 18.00
N LEU D 366 30.60 29.72 17.21
CA LEU D 366 30.96 30.35 15.96
C LEU D 366 31.55 31.76 16.15
N GLY D 367 30.70 32.70 16.54
CA GLY D 367 31.15 34.06 16.74
C GLY D 367 30.47 35.04 15.80
N GLU D 368 30.61 36.32 16.14
CA GLU D 368 30.02 37.42 15.38
C GLU D 368 30.14 37.28 13.85
N GLU D 369 31.23 36.67 13.40
CA GLU D 369 31.44 36.49 11.97
C GLU D 369 30.16 36.00 11.31
N VAL D 370 29.61 34.91 11.86
CA VAL D 370 28.41 34.27 11.34
C VAL D 370 27.23 35.20 11.07
N GLY D 371 26.87 36.04 12.04
CA GLY D 371 25.77 36.96 11.80
C GLY D 371 24.37 36.53 12.22
N LEU D 372 24.28 35.58 13.15
CA LEU D 372 22.99 35.13 13.64
C LEU D 372 22.35 36.33 14.38
N PRO D 373 21.02 36.41 14.39
CA PRO D 373 20.36 37.52 15.07
C PRO D 373 20.21 37.23 16.56
N ASP D 374 20.33 38.26 17.39
CA ASP D 374 20.18 38.07 18.83
C ASP D 374 18.71 38.11 19.15
N LEU D 375 18.14 36.96 19.47
CA LEU D 375 16.74 36.91 19.77
C LEU D 375 16.46 36.62 21.23
N SER D 376 17.47 36.84 22.08
CA SER D 376 17.30 36.60 23.51
C SER D 376 16.03 37.26 24.06
N PRO D 377 15.69 38.48 23.58
CA PRO D 377 14.48 39.14 24.08
C PRO D 377 13.23 38.28 23.86
N LEU D 378 13.09 37.75 22.64
CA LEU D 378 11.97 36.91 22.28
C LEU D 378 11.98 35.62 23.10
N LYS D 379 13.18 35.09 23.37
CA LYS D 379 13.31 33.89 24.15
C LYS D 379 12.95 34.12 25.62
N GLU D 380 13.28 35.32 26.13
CA GLU D 380 12.97 35.64 27.52
C GLU D 380 11.46 35.73 27.64
N GLU D 381 10.83 36.37 26.66
CA GLU D 381 9.37 36.50 26.65
C GLU D 381 8.70 35.12 26.65
N LEU D 382 9.10 34.28 25.71
CA LEU D 382 8.53 32.95 25.58
C LEU D 382 8.80 32.12 26.83
N GLU D 383 9.90 32.39 27.52
CA GLU D 383 10.21 31.65 28.74
C GLU D 383 9.33 32.17 29.87
N ALA D 384 8.91 33.42 29.74
CA ALA D 384 8.08 34.06 30.74
C ALA D 384 6.60 33.74 30.64
N ALA D 385 6.12 33.46 29.44
CA ALA D 385 4.70 33.22 29.28
C ALA D 385 4.21 31.80 29.06
N LEU D 386 5.04 30.94 28.50
CA LEU D 386 4.60 29.60 28.21
C LEU D 386 4.96 28.56 29.24
N VAL D 387 4.05 27.61 29.42
CA VAL D 387 4.26 26.51 30.35
C VAL D 387 5.39 25.68 29.75
N GLU D 388 6.10 24.94 30.59
CA GLU D 388 7.21 24.13 30.07
C GLU D 388 6.71 22.94 29.27
N ASP D 389 5.60 23.14 28.58
CA ASP D 389 4.99 22.10 27.76
C ASP D 389 3.65 22.57 27.20
N PRO D 390 3.66 23.67 26.44
CA PRO D 390 2.39 24.16 25.89
C PRO D 390 1.62 23.03 25.21
N PRO D 391 0.28 23.05 25.32
CA PRO D 391 -0.61 22.05 24.73
C PRO D 391 -1.58 22.63 23.71
N LEU D 392 -1.22 22.54 22.42
CA LEU D 392 -2.10 23.05 21.37
C LEU D 392 -3.46 22.40 21.45
N LYS D 393 -3.44 21.13 21.82
CA LYS D 393 -4.64 20.30 21.89
C LYS D 393 -5.52 20.47 23.13
N VAL D 394 -4.90 20.49 24.31
CA VAL D 394 -5.66 20.60 25.55
C VAL D 394 -6.37 21.95 25.76
N SER D 395 -7.50 22.13 25.09
CA SER D 395 -8.33 23.34 25.17
C SER D 395 -7.70 24.57 24.54
N GLU D 396 -6.75 25.12 25.29
CA GLU D 396 -5.96 26.30 24.96
C GLU D 396 -5.65 26.92 26.32
N GLY D 397 -6.06 26.17 27.37
CA GLY D 397 -5.84 26.57 28.76
C GLY D 397 -4.66 25.80 29.30
N GLY D 398 -4.18 26.17 30.48
CA GLY D 398 -3.01 25.49 31.02
C GLY D 398 -1.90 25.79 30.03
N LEU D 399 -2.06 26.94 29.39
CA LEU D 399 -1.14 27.43 28.38
C LEU D 399 -0.23 28.55 28.89
N ILE D 400 -0.80 29.54 29.55
CA ILE D 400 0.00 30.62 30.10
C ILE D 400 0.35 30.28 31.55
N ARG D 401 1.61 30.45 31.92
CA ARG D 401 2.04 30.13 33.27
C ARG D 401 1.63 31.19 34.27
N GLU D 402 1.70 30.82 35.55
CA GLU D 402 1.35 31.76 36.60
C GLU D 402 2.37 32.87 36.66
N GLY D 403 1.92 34.04 37.08
CA GLY D 403 2.82 35.17 37.23
C GLY D 403 3.25 35.89 35.97
N TYR D 404 2.73 35.48 34.83
CA TYR D 404 3.12 36.14 33.61
C TYR D 404 2.22 37.34 33.37
N ASP D 405 0.93 37.12 33.47
CA ASP D 405 -0.04 38.18 33.27
C ASP D 405 -0.94 38.33 34.48
N PRO D 406 -0.83 39.47 35.19
CA PRO D 406 -1.63 39.70 36.39
C PRO D 406 -3.14 39.51 36.21
N ASP D 407 -3.73 40.15 35.21
CA ASP D 407 -5.17 40.00 34.97
C ASP D 407 -5.56 38.53 34.99
N LEU D 408 -4.95 37.73 34.11
CA LEU D 408 -5.25 36.31 34.06
C LEU D 408 -5.01 35.72 35.43
N ASP D 409 -3.88 36.06 36.03
CA ASP D 409 -3.53 35.55 37.36
C ASP D 409 -4.61 35.75 38.41
N ALA D 410 -5.20 36.93 38.43
CA ALA D 410 -6.24 37.24 39.40
C ALA D 410 -7.47 36.37 39.22
N LEU D 411 -7.85 36.15 37.96
CA LEU D 411 -9.02 35.33 37.61
C LEU D 411 -8.84 33.88 37.99
N ARG D 412 -7.67 33.33 37.65
CA ARG D 412 -7.38 31.94 37.98
C ARG D 412 -7.43 31.77 39.48
N ALA D 413 -6.86 32.73 40.19
CA ALA D 413 -6.84 32.72 41.65
C ALA D 413 -8.26 32.71 42.21
N ALA D 414 -9.09 33.63 41.72
CA ALA D 414 -10.47 33.71 42.16
C ALA D 414 -11.12 32.36 41.88
N HIS D 415 -11.01 31.91 40.64
CA HIS D 415 -11.57 30.63 40.24
C HIS D 415 -11.23 29.62 41.32
N ARG D 416 -9.93 29.37 41.49
CA ARG D 416 -9.45 28.41 42.48
C ARG D 416 -10.14 28.48 43.85
N GLU D 417 -10.37 29.68 44.35
CA GLU D 417 -11.04 29.80 45.62
C GLU D 417 -12.39 29.10 45.52
N GLY D 418 -13.14 29.38 44.46
CA GLY D 418 -14.42 28.74 44.26
C GLY D 418 -14.30 27.23 44.42
N VAL D 419 -13.38 26.62 43.69
CA VAL D 419 -13.16 25.19 43.77
C VAL D 419 -12.95 24.81 45.22
N ALA D 420 -12.22 25.65 45.94
CA ALA D 420 -11.95 25.39 47.35
C ALA D 420 -13.29 25.35 48.06
N TYR D 421 -14.08 26.40 47.89
CA TYR D 421 -15.40 26.47 48.51
C TYR D 421 -16.13 25.14 48.31
N PHE D 422 -16.17 24.69 47.06
CA PHE D 422 -16.83 23.44 46.72
C PHE D 422 -15.99 22.23 47.10
N LEU D 423 -15.22 22.39 48.17
CA LEU D 423 -14.38 21.33 48.69
C LEU D 423 -14.49 21.44 50.20
N GLU D 424 -15.07 22.56 50.62
CA GLU D 424 -15.32 22.84 52.03
C GLU D 424 -16.75 22.40 52.31
N LEU D 425 -17.64 22.70 51.36
CA LEU D 425 -19.05 22.32 51.48
C LEU D 425 -19.08 20.81 51.68
N GLU D 426 -18.10 20.14 51.10
CA GLU D 426 -17.98 18.70 51.17
C GLU D 426 -17.54 18.29 52.58
N GLU D 427 -16.38 18.77 53.00
CA GLU D 427 -15.82 18.45 54.31
C GLU D 427 -16.73 18.91 55.43
N ARG D 428 -17.32 20.09 55.26
CA ARG D 428 -18.21 20.65 56.25
C ARG D 428 -19.50 19.85 56.40
N GLU D 429 -20.15 19.58 55.28
CA GLU D 429 -21.39 18.84 55.34
C GLU D 429 -21.25 17.46 55.96
N ARG D 430 -20.52 16.54 55.33
CA ARG D 430 -20.39 15.22 55.92
C ARG D 430 -19.95 15.29 57.37
N GLU D 431 -19.58 16.49 57.81
CA GLU D 431 -19.19 16.72 59.18
C GLU D 431 -20.36 17.31 59.94
N ARG D 432 -21.56 16.96 59.49
CA ARG D 432 -22.81 17.43 60.08
C ARG D 432 -23.90 16.41 59.79
N THR D 433 -23.76 15.69 58.68
CA THR D 433 -24.73 14.69 58.26
C THR D 433 -24.21 13.29 58.61
N GLY D 434 -22.93 13.21 58.96
CA GLY D 434 -22.33 11.93 59.29
C GLY D 434 -22.05 11.08 58.08
N ILE D 435 -22.35 11.61 56.89
CA ILE D 435 -22.14 10.90 55.63
C ILE D 435 -20.76 11.23 55.06
N PRO D 436 -19.70 10.60 55.60
CA PRO D 436 -18.35 10.89 55.09
C PRO D 436 -18.18 10.46 53.63
N THR D 437 -19.31 10.12 52.99
CA THR D 437 -19.34 9.70 51.58
C THR D 437 -19.75 10.90 50.71
N LEU D 438 -20.89 11.50 51.07
CA LEU D 438 -21.45 12.67 50.39
C LEU D 438 -20.45 13.42 49.50
N LYS D 439 -20.75 13.49 48.21
CA LYS D 439 -19.87 14.16 47.23
C LYS D 439 -20.36 15.52 46.77
N VAL D 440 -19.42 16.29 46.21
CA VAL D 440 -19.70 17.62 45.69
C VAL D 440 -19.09 17.72 44.29
N GLY D 441 -19.74 17.08 43.32
CA GLY D 441 -19.26 17.13 41.94
C GLY D 441 -20.09 18.04 41.07
N TYR D 442 -19.61 18.34 39.87
CA TYR D 442 -20.38 19.21 39.00
C TYR D 442 -20.61 18.60 37.63
N ASN D 443 -21.66 19.09 36.97
CA ASN D 443 -22.07 18.60 35.66
C ASN D 443 -22.64 19.77 34.87
N ALA D 444 -22.40 19.80 33.57
CA ALA D 444 -22.89 20.86 32.70
C ALA D 444 -24.40 21.09 32.86
N VAL D 445 -25.15 20.00 32.83
CA VAL D 445 -26.62 20.05 32.93
C VAL D 445 -27.20 20.95 34.03
N PHE D 446 -26.69 20.82 35.25
CA PHE D 446 -27.19 21.63 36.36
C PHE D 446 -26.11 22.48 37.00
N GLY D 447 -24.85 22.21 36.65
CA GLY D 447 -23.75 22.95 37.23
C GLY D 447 -23.15 22.18 38.39
N TYR D 448 -23.28 22.73 39.60
CA TYR D 448 -22.75 22.05 40.79
C TYR D 448 -23.85 21.32 41.54
N TYR D 449 -23.46 20.46 42.47
CA TYR D 449 -24.43 19.68 43.22
C TYR D 449 -23.82 18.90 44.35
N LEU D 450 -24.67 18.10 45.00
CA LEU D 450 -24.28 17.23 46.11
C LEU D 450 -24.64 15.83 45.65
N GLU D 451 -23.74 14.87 45.90
CA GLU D 451 -23.98 13.50 45.49
C GLU D 451 -23.95 12.55 46.69
N VAL D 452 -25.07 11.84 46.89
CA VAL D 452 -25.19 10.89 48.00
C VAL D 452 -25.45 9.49 47.46
N THR D 453 -24.83 8.49 48.07
CA THR D 453 -25.01 7.11 47.67
C THR D 453 -26.33 6.54 48.22
N ARG D 454 -26.79 5.44 47.62
CA ARG D 454 -28.03 4.78 48.00
C ARG D 454 -28.18 4.53 49.51
N PRO D 455 -27.17 3.97 50.16
CA PRO D 455 -27.25 3.70 51.59
C PRO D 455 -27.69 4.86 52.49
N TYR D 456 -27.14 6.05 52.26
CA TYR D 456 -27.42 7.22 53.09
C TYR D 456 -28.66 8.07 52.84
N TYR D 457 -29.67 7.54 52.15
CA TYR D 457 -30.87 8.32 51.89
C TYR D 457 -31.63 8.65 53.17
N GLU D 458 -31.43 7.83 54.20
CA GLU D 458 -32.08 8.04 55.50
C GLU D 458 -31.39 9.16 56.29
N ARG D 459 -30.10 9.36 56.03
CA ARG D 459 -29.33 10.40 56.70
C ARG D 459 -29.27 11.67 55.87
N VAL D 460 -30.02 11.71 54.76
CA VAL D 460 -30.04 12.90 53.90
C VAL D 460 -31.08 13.90 54.38
N PRO D 461 -30.63 15.07 54.87
CA PRO D 461 -31.50 16.14 55.37
C PRO D 461 -32.40 16.76 54.31
N LYS D 462 -33.30 17.62 54.77
CA LYS D 462 -34.28 18.29 53.91
C LYS D 462 -33.85 19.62 53.33
N GLU D 463 -32.83 20.23 53.91
CA GLU D 463 -32.31 21.51 53.41
C GLU D 463 -31.98 21.31 51.92
N TYR D 464 -31.89 20.04 51.52
CA TYR D 464 -31.59 19.66 50.14
C TYR D 464 -32.80 19.72 49.22
N ARG D 465 -32.56 19.36 47.98
CA ARG D 465 -33.57 19.36 46.92
C ARG D 465 -33.01 18.51 45.79
N PRO D 466 -33.35 17.21 45.77
CA PRO D 466 -32.86 16.33 44.70
C PRO D 466 -33.05 16.95 43.32
N VAL D 467 -32.11 16.69 42.43
CA VAL D 467 -32.18 17.25 41.08
C VAL D 467 -31.99 16.16 40.05
N GLN D 468 -31.39 15.05 40.50
CA GLN D 468 -31.09 13.95 39.60
C GLN D 468 -30.75 12.68 40.39
N THR D 469 -31.36 11.56 39.99
CA THR D 469 -31.11 10.28 40.66
C THR D 469 -30.39 9.32 39.71
N LEU D 470 -29.42 8.58 40.25
CA LEU D 470 -28.66 7.62 39.47
C LEU D 470 -28.83 6.21 40.02
N LYS D 471 -28.20 5.25 39.37
CA LYS D 471 -28.28 3.84 39.76
C LYS D 471 -27.98 3.59 41.23
N ASP D 472 -26.78 3.97 41.66
CA ASP D 472 -26.39 3.76 43.05
C ASP D 472 -26.30 5.03 43.91
N ARG D 473 -26.59 6.18 43.32
CA ARG D 473 -26.54 7.44 44.09
C ARG D 473 -27.42 8.53 43.47
N GLN D 474 -27.73 9.56 44.25
CA GLN D 474 -28.59 10.66 43.81
C GLN D 474 -27.97 12.01 44.16
N ARG D 475 -27.98 12.92 43.21
CA ARG D 475 -27.40 14.25 43.39
C ARG D 475 -28.41 15.32 43.80
N TYR D 476 -28.13 16.01 44.91
CA TYR D 476 -29.02 17.07 45.42
C TYR D 476 -28.46 18.49 45.20
N THR D 477 -29.27 19.48 45.57
CA THR D 477 -28.95 20.91 45.45
C THR D 477 -29.11 21.59 46.82
N LEU D 478 -28.69 22.85 46.92
CA LEU D 478 -28.80 23.62 48.15
C LEU D 478 -28.99 25.09 47.77
N PRO D 479 -29.56 25.90 48.66
CA PRO D 479 -29.78 27.32 48.35
C PRO D 479 -28.50 28.17 48.26
N GLU D 480 -27.58 27.96 49.20
CA GLU D 480 -26.33 28.71 49.23
C GLU D 480 -25.27 28.14 48.27
N MET D 481 -25.70 27.49 47.19
CA MET D 481 -24.79 26.90 46.20
C MET D 481 -24.88 27.45 44.78
N LYS D 482 -26.00 28.05 44.41
CA LYS D 482 -26.16 28.57 43.05
C LYS D 482 -25.23 29.74 42.74
N GLU D 483 -25.23 30.76 43.60
CA GLU D 483 -24.36 31.91 43.39
C GLU D 483 -22.94 31.44 43.15
N LYS D 484 -22.44 30.62 44.07
CA LYS D 484 -21.07 30.09 43.98
C LYS D 484 -20.82 29.20 42.77
N GLU D 485 -21.85 29.01 41.94
CA GLU D 485 -21.70 28.22 40.74
C GLU D 485 -21.67 29.23 39.59
N ARG D 486 -22.70 30.06 39.53
CA ARG D 486 -22.82 31.09 38.50
C ARG D 486 -21.59 31.99 38.56
N GLU D 487 -20.69 31.69 39.48
CA GLU D 487 -19.48 32.47 39.63
C GLU D 487 -18.29 31.67 39.14
N VAL D 488 -18.14 30.44 39.62
CA VAL D 488 -17.03 29.60 39.18
C VAL D 488 -17.02 29.59 37.66
N TYR D 489 -18.22 29.55 37.07
CA TYR D 489 -18.34 29.52 35.62
C TYR D 489 -18.01 30.86 34.97
N ARG D 490 -18.63 31.94 35.43
CA ARG D 490 -18.36 33.26 34.86
C ARG D 490 -16.85 33.44 34.75
N LEU D 491 -16.12 32.78 35.64
CA LEU D 491 -14.67 32.85 35.68
C LEU D 491 -14.02 31.90 34.69
N GLU D 492 -14.44 30.63 34.70
CA GLU D 492 -13.88 29.65 33.78
C GLU D 492 -14.01 30.19 32.37
N ALA D 493 -15.07 30.97 32.13
CA ALA D 493 -15.28 31.59 30.85
C ALA D 493 -14.20 32.64 30.67
N LEU D 494 -14.21 33.64 31.55
CA LEU D 494 -13.22 34.72 31.49
C LEU D 494 -11.79 34.22 31.40
N ILE D 495 -11.47 33.14 32.11
CA ILE D 495 -10.12 32.58 32.06
C ILE D 495 -9.75 32.19 30.63
N ARG D 496 -10.74 31.69 29.89
CA ARG D 496 -10.56 31.30 28.49
C ARG D 496 -10.38 32.57 27.66
N ARG D 497 -11.32 33.50 27.81
CA ARG D 497 -11.27 34.75 27.08
C ARG D 497 -9.91 35.44 27.25
N ARG D 498 -9.47 35.56 28.51
CA ARG D 498 -8.20 36.22 28.79
C ARG D 498 -6.97 35.41 28.36
N GLU D 499 -6.87 34.18 28.79
CA GLU D 499 -5.72 33.40 28.41
C GLU D 499 -5.49 33.43 26.90
N GLU D 500 -6.57 33.41 26.11
CA GLU D 500 -6.40 33.42 24.67
C GLU D 500 -5.84 34.76 24.22
N GLU D 501 -6.27 35.83 24.88
CA GLU D 501 -5.77 37.15 24.53
C GLU D 501 -4.26 37.10 24.65
N VAL D 502 -3.79 36.86 25.88
CA VAL D 502 -2.36 36.78 26.18
C VAL D 502 -1.60 35.91 25.17
N PHE D 503 -2.10 34.69 24.93
CA PHE D 503 -1.47 33.79 23.98
C PHE D 503 -1.32 34.49 22.64
N LEU D 504 -2.39 35.12 22.19
CA LEU D 504 -2.36 35.84 20.94
C LEU D 504 -1.33 36.96 21.00
N GLU D 505 -1.35 37.71 22.09
CA GLU D 505 -0.41 38.80 22.31
C GLU D 505 1.00 38.25 22.18
N VAL D 506 1.25 37.12 22.82
CA VAL D 506 2.55 36.46 22.81
C VAL D 506 2.92 35.98 21.40
N ARG D 507 2.00 35.25 20.78
CA ARG D 507 2.23 34.74 19.44
C ARG D 507 2.64 35.89 18.52
N GLU D 508 2.00 37.03 18.69
CA GLU D 508 2.29 38.18 17.85
C GLU D 508 3.71 38.67 17.98
N ARG D 509 4.24 38.66 19.21
CA ARG D 509 5.59 39.13 19.48
C ARG D 509 6.56 38.26 18.75
N ALA D 510 6.21 36.98 18.65
CA ALA D 510 7.05 36.03 17.95
C ALA D 510 6.96 36.34 16.45
N LYS D 511 5.74 36.56 15.98
CA LYS D 511 5.50 36.84 14.57
C LYS D 511 6.25 38.07 14.07
N ARG D 512 6.58 38.97 14.96
CA ARG D 512 7.31 40.16 14.57
C ARG D 512 8.79 39.83 14.34
N GLN D 513 9.20 38.63 14.70
CA GLN D 513 10.59 38.26 14.51
C GLN D 513 10.74 37.28 13.36
N ALA D 514 9.72 37.23 12.52
CA ALA D 514 9.72 36.34 11.37
C ALA D 514 11.03 36.39 10.56
N GLU D 515 11.47 37.59 10.18
CA GLU D 515 12.71 37.70 9.42
C GLU D 515 13.92 37.24 10.19
N ALA D 516 14.06 37.69 11.42
CA ALA D 516 15.20 37.29 12.22
C ALA D 516 15.25 35.78 12.24
N LEU D 517 14.07 35.17 12.35
CA LEU D 517 13.94 33.72 12.35
C LEU D 517 14.32 33.10 11.02
N ARG D 518 13.95 33.76 9.92
CA ARG D 518 14.29 33.27 8.60
C ARG D 518 15.78 33.46 8.31
N GLU D 519 16.36 34.56 8.82
CA GLU D 519 17.76 34.83 8.61
C GLU D 519 18.55 33.80 9.42
N ALA D 520 18.12 33.57 10.66
CA ALA D 520 18.80 32.59 11.49
C ALA D 520 18.76 31.24 10.76
N ALA D 521 17.55 30.79 10.48
CA ALA D 521 17.32 29.51 9.80
C ALA D 521 18.27 29.31 8.65
N ARG D 522 18.39 30.35 7.83
CA ARG D 522 19.24 30.31 6.65
C ARG D 522 20.71 30.16 6.94
N ILE D 523 21.23 30.92 7.90
CA ILE D 523 22.65 30.81 8.21
C ILE D 523 22.94 29.41 8.74
N LEU D 524 22.14 28.98 9.70
CA LEU D 524 22.32 27.68 10.28
C LEU D 524 22.26 26.62 9.18
N ALA D 525 21.34 26.79 8.23
CA ALA D 525 21.21 25.83 7.12
C ALA D 525 22.56 25.66 6.40
N GLU D 526 23.27 26.76 6.13
CA GLU D 526 24.55 26.65 5.48
C GLU D 526 25.51 25.92 6.39
N LEU D 527 25.69 26.46 7.59
CA LEU D 527 26.57 25.86 8.55
C LEU D 527 26.26 24.39 8.63
N ASP D 528 24.99 24.07 8.79
CA ASP D 528 24.59 22.69 8.91
C ASP D 528 25.10 21.90 7.70
N VAL D 529 24.91 22.45 6.50
CA VAL D 529 25.35 21.78 5.29
C VAL D 529 26.87 21.64 5.20
N TYR D 530 27.62 22.74 5.28
CA TYR D 530 29.09 22.67 5.22
C TYR D 530 29.63 21.70 6.24
N ALA D 531 29.11 21.80 7.46
CA ALA D 531 29.51 20.93 8.57
C ALA D 531 29.20 19.45 8.31
N ALA D 532 28.13 19.17 7.56
CA ALA D 532 27.78 17.79 7.25
C ALA D 532 28.60 17.29 6.07
N LEU D 533 28.88 18.15 5.10
CA LEU D 533 29.67 17.71 3.97
C LEU D 533 31.06 17.40 4.46
N ALA D 534 31.41 18.03 5.58
CA ALA D 534 32.72 17.79 6.21
C ALA D 534 32.65 16.41 6.89
N GLU D 535 31.68 16.24 7.79
CA GLU D 535 31.50 14.97 8.48
C GLU D 535 31.62 13.79 7.51
N VAL D 536 30.92 13.88 6.40
CA VAL D 536 30.96 12.82 5.41
C VAL D 536 32.36 12.60 4.84
N ALA D 537 33.04 13.68 4.49
CA ALA D 537 34.37 13.54 3.93
C ALA D 537 35.27 12.79 4.92
N VAL D 538 35.19 13.19 6.18
CA VAL D 538 35.99 12.63 7.25
C VAL D 538 35.70 11.16 7.51
N ARG D 539 34.42 10.80 7.44
CA ARG D 539 34.02 9.44 7.72
C ARG D 539 34.37 8.41 6.65
N TYR D 540 34.02 8.71 5.39
CA TYR D 540 34.25 7.81 4.27
C TYR D 540 35.42 8.15 3.39
N GLY D 541 36.26 9.05 3.86
CA GLY D 541 37.45 9.42 3.10
C GLY D 541 37.25 10.07 1.74
N TYR D 542 36.70 11.27 1.77
CA TYR D 542 36.52 12.01 0.54
C TYR D 542 37.62 13.06 0.48
N VAL D 543 38.07 13.37 -0.72
CA VAL D 543 39.13 14.34 -0.94
C VAL D 543 38.60 15.57 -1.69
N ARG D 544 39.20 16.73 -1.42
CA ARG D 544 38.79 17.94 -2.12
C ARG D 544 39.19 17.80 -3.59
N PRO D 545 38.30 18.21 -4.50
CA PRO D 545 38.60 18.11 -5.93
C PRO D 545 39.25 19.40 -6.43
N ARG D 546 39.97 19.31 -7.55
CA ARG D 546 40.62 20.46 -8.18
C ARG D 546 40.00 20.55 -9.56
N PHE D 547 39.81 21.75 -10.10
CA PHE D 547 39.21 21.87 -11.43
C PHE D 547 40.17 22.30 -12.53
N GLY D 548 40.09 21.61 -13.67
CA GLY D 548 40.96 21.93 -14.80
C GLY D 548 40.49 21.20 -16.05
N ASP D 549 40.90 21.64 -17.23
CA ASP D 549 40.44 20.97 -18.45
C ASP D 549 40.73 19.49 -18.60
N ARG D 550 41.41 18.87 -17.64
CA ARG D 550 41.66 17.44 -17.74
C ARG D 550 41.01 16.69 -16.59
N LEU D 551 40.48 15.52 -16.88
CA LEU D 551 39.85 14.73 -15.84
C LEU D 551 40.89 13.71 -15.39
N GLN D 552 41.17 13.70 -14.09
CA GLN D 552 42.15 12.76 -13.55
C GLN D 552 41.69 12.35 -12.18
N ILE D 553 41.25 11.11 -12.07
CA ILE D 553 40.78 10.63 -10.80
C ILE D 553 41.64 9.46 -10.37
N ARG D 554 42.24 9.58 -9.20
CA ARG D 554 43.10 8.54 -8.63
C ARG D 554 42.36 7.76 -7.57
N ALA D 555 42.19 6.46 -7.81
CA ALA D 555 41.49 5.58 -6.88
C ALA D 555 40.13 6.11 -6.47
N GLY D 556 39.22 6.21 -7.45
CA GLY D 556 37.86 6.68 -7.18
C GLY D 556 36.92 5.53 -6.89
N ARG D 557 35.92 5.76 -6.04
CA ARG D 557 34.96 4.72 -5.70
C ARG D 557 33.56 5.26 -5.87
N HIS D 558 32.63 4.35 -6.15
CA HIS D 558 31.24 4.73 -6.28
C HIS D 558 30.79 5.11 -4.85
N PRO D 559 30.47 6.39 -4.62
CA PRO D 559 30.05 6.80 -3.27
C PRO D 559 28.95 5.96 -2.61
N VAL D 560 27.92 5.56 -3.36
CA VAL D 560 26.83 4.79 -2.79
C VAL D 560 27.13 3.31 -2.68
N VAL D 561 27.59 2.71 -3.77
CA VAL D 561 27.89 1.27 -3.79
C VAL D 561 28.80 0.79 -2.68
N GLU D 562 29.89 1.51 -2.44
CA GLU D 562 30.87 1.15 -1.43
C GLU D 562 30.31 1.04 -0.01
N ARG D 563 29.36 1.88 0.35
CA ARG D 563 28.81 1.80 1.70
C ARG D 563 28.24 0.40 1.95
N ARG D 564 28.11 -0.41 0.91
CA ARG D 564 27.55 -1.77 1.04
C ARG D 564 28.50 -2.93 0.80
N THR D 565 29.72 -2.65 0.32
CA THR D 565 30.70 -3.71 0.09
C THR D 565 32.12 -3.20 -0.03
N GLU D 566 33.06 -4.14 -0.07
CA GLU D 566 34.46 -3.82 -0.21
C GLU D 566 34.58 -3.41 -1.66
N PHE D 567 34.81 -2.12 -1.90
CA PHE D 567 34.91 -1.59 -3.25
C PHE D 567 36.35 -1.48 -3.72
N VAL D 568 36.58 -1.75 -4.99
CA VAL D 568 37.90 -1.66 -5.54
C VAL D 568 37.96 -0.33 -6.26
N PRO D 569 38.81 0.59 -5.78
CA PRO D 569 38.89 1.90 -6.44
C PRO D 569 39.57 1.71 -7.78
N ASN D 570 39.40 2.70 -8.66
CA ASN D 570 39.98 2.68 -9.98
C ASN D 570 40.40 4.07 -10.44
N ASP D 571 41.30 4.11 -11.42
CA ASP D 571 41.75 5.38 -11.94
C ASP D 571 41.11 5.72 -13.26
N LEU D 572 41.19 7.01 -13.61
CA LEU D 572 40.66 7.48 -14.88
C LEU D 572 41.36 8.77 -15.30
N GLU D 573 41.77 8.82 -16.58
CA GLU D 573 42.43 9.99 -17.16
C GLU D 573 41.82 10.31 -18.51
N MET D 574 40.87 11.26 -18.52
CA MET D 574 40.19 11.66 -19.75
C MET D 574 40.50 13.09 -20.13
N ALA D 575 40.14 13.46 -21.35
CA ALA D 575 40.38 14.80 -21.84
C ALA D 575 39.77 14.94 -23.21
N HIS D 576 38.45 15.12 -23.27
CA HIS D 576 37.75 15.27 -24.55
C HIS D 576 37.98 14.06 -25.45
N GLU D 577 38.14 12.90 -24.82
CA GLU D 577 38.39 11.67 -25.56
C GLU D 577 37.22 10.69 -25.50
N LEU D 578 37.18 9.81 -26.50
CA LEU D 578 36.17 8.79 -26.56
C LEU D 578 36.82 7.61 -25.83
N VAL D 579 36.35 7.30 -24.63
CA VAL D 579 36.93 6.19 -23.88
C VAL D 579 36.03 4.97 -23.83
N LEU D 580 36.32 3.97 -24.66
CA LEU D 580 35.55 2.74 -24.68
C LEU D 580 35.94 1.84 -23.54
N ILE D 581 34.98 1.09 -23.03
CA ILE D 581 35.25 0.15 -21.96
C ILE D 581 34.61 -1.17 -22.35
N THR D 582 35.45 -2.18 -22.55
CA THR D 582 34.98 -3.52 -22.90
C THR D 582 35.27 -4.41 -21.69
N GLY D 583 34.92 -5.68 -21.79
CA GLY D 583 35.14 -6.56 -20.66
C GLY D 583 33.91 -7.39 -20.36
N PRO D 584 34.08 -8.50 -19.64
CA PRO D 584 32.95 -9.37 -19.31
C PRO D 584 31.97 -8.73 -18.35
N ASN D 585 30.68 -9.02 -18.55
CA ASN D 585 29.65 -8.49 -17.66
C ASN D 585 29.95 -9.02 -16.25
N MET D 586 29.39 -8.40 -15.24
CA MET D 586 29.60 -8.83 -13.85
C MET D 586 31.00 -8.44 -13.36
N ALA D 587 31.74 -7.73 -14.21
CA ALA D 587 33.09 -7.30 -13.84
C ALA D 587 33.15 -5.86 -13.35
N GLY D 588 32.24 -5.00 -13.82
CA GLY D 588 32.24 -3.63 -13.34
C GLY D 588 32.15 -2.45 -14.31
N LYS D 589 31.93 -2.69 -15.59
CA LYS D 589 31.82 -1.60 -16.58
C LYS D 589 30.83 -0.51 -16.20
N SER D 590 29.58 -0.90 -16.00
CA SER D 590 28.55 0.06 -15.67
C SER D 590 28.74 0.83 -14.36
N THR D 591 29.25 0.17 -13.33
CA THR D 591 29.47 0.82 -12.05
C THR D 591 30.52 1.92 -12.24
N PHE D 592 31.55 1.58 -13.01
CA PHE D 592 32.64 2.51 -13.28
C PHE D 592 32.10 3.78 -13.90
N LEU D 593 31.27 3.65 -14.94
CA LEU D 593 30.71 4.82 -15.60
C LEU D 593 30.00 5.66 -14.56
N ARG D 594 29.23 4.99 -13.71
CA ARG D 594 28.45 5.68 -12.69
C ARG D 594 29.28 6.37 -11.62
N GLN D 595 30.36 5.74 -11.17
CA GLN D 595 31.16 6.40 -10.15
C GLN D 595 31.74 7.68 -10.80
N THR D 596 32.22 7.55 -12.03
CA THR D 596 32.79 8.68 -12.75
C THR D 596 31.78 9.83 -12.76
N ALA D 597 30.53 9.49 -13.04
CA ALA D 597 29.46 10.49 -13.09
C ALA D 597 29.15 11.09 -11.70
N LEU D 598 29.08 10.22 -10.69
CA LEU D 598 28.75 10.70 -9.37
C LEU D 598 29.84 11.61 -8.80
N ILE D 599 31.09 11.29 -9.10
CA ILE D 599 32.22 12.10 -8.64
C ILE D 599 32.15 13.51 -9.21
N ALA D 600 31.85 13.57 -10.50
CA ALA D 600 31.74 14.84 -11.21
C ALA D 600 30.64 15.69 -10.57
N LEU D 601 29.56 15.02 -10.18
CA LEU D 601 28.43 15.68 -9.54
C LEU D 601 28.84 16.18 -8.15
N LEU D 602 29.31 15.29 -7.29
CA LEU D 602 29.70 15.74 -5.97
C LEU D 602 30.60 16.94 -6.07
N ALA D 603 31.61 16.89 -6.95
CA ALA D 603 32.52 18.03 -7.09
C ALA D 603 31.79 19.34 -7.43
N GLN D 604 30.95 19.34 -8.47
CA GLN D 604 30.24 20.57 -8.87
C GLN D 604 29.04 20.92 -7.99
N VAL D 605 28.95 20.27 -6.83
CA VAL D 605 27.88 20.54 -5.86
C VAL D 605 28.60 21.20 -4.69
N GLY D 606 29.93 21.13 -4.71
CA GLY D 606 30.74 21.72 -3.67
C GLY D 606 31.11 20.74 -2.56
N SER D 607 31.00 19.45 -2.84
CA SER D 607 31.33 18.43 -1.84
C SER D 607 32.66 17.78 -2.15
N PHE D 608 33.22 17.06 -1.18
CA PHE D 608 34.48 16.36 -1.44
C PHE D 608 34.09 15.10 -2.19
N VAL D 609 35.04 14.39 -2.75
CA VAL D 609 34.72 13.20 -3.54
C VAL D 609 35.32 11.89 -3.04
N PRO D 610 34.74 10.73 -3.44
CA PRO D 610 35.26 9.43 -3.00
C PRO D 610 36.46 9.00 -3.85
N ALA D 611 37.63 9.54 -3.52
CA ALA D 611 38.85 9.21 -4.24
C ALA D 611 40.06 9.69 -3.45
N GLU D 612 41.24 9.65 -4.06
CA GLU D 612 42.43 10.12 -3.39
C GLU D 612 42.82 11.44 -4.04
N GLU D 613 42.79 11.46 -5.37
CA GLU D 613 43.14 12.64 -6.12
C GLU D 613 42.09 12.78 -7.17
N ALA D 614 41.52 13.98 -7.30
CA ALA D 614 40.48 14.22 -8.30
C ALA D 614 40.55 15.59 -8.94
N HIS D 615 41.13 15.67 -10.14
CA HIS D 615 41.21 16.94 -10.86
C HIS D 615 40.17 16.83 -11.95
N LEU D 616 39.10 17.59 -11.80
CA LEU D 616 37.99 17.53 -12.72
C LEU D 616 37.63 18.80 -13.48
N PRO D 617 37.15 18.64 -14.73
CA PRO D 617 36.75 19.79 -15.54
C PRO D 617 35.33 20.19 -15.12
N LEU D 618 34.99 21.45 -15.29
CA LEU D 618 33.65 21.88 -14.92
C LEU D 618 32.71 21.57 -16.09
N PHE D 619 32.09 20.39 -16.03
CA PHE D 619 31.17 19.95 -17.05
C PHE D 619 29.94 20.82 -17.07
N ASP D 620 29.34 20.94 -18.24
CA ASP D 620 28.14 21.76 -18.40
C ASP D 620 26.89 20.91 -18.25
N GLY D 621 27.09 19.60 -18.21
CA GLY D 621 25.99 18.66 -18.05
C GLY D 621 26.48 17.22 -18.08
N ILE D 622 25.79 16.35 -17.34
CA ILE D 622 26.16 14.93 -17.31
C ILE D 622 24.98 14.21 -17.95
N TYR D 623 25.19 13.67 -19.14
CA TYR D 623 24.14 12.97 -19.86
C TYR D 623 24.39 11.47 -19.91
N THR D 624 23.55 10.72 -19.22
CA THR D 624 23.69 9.28 -19.16
C THR D 624 22.71 8.59 -20.07
N ARG D 625 22.99 7.32 -20.30
CA ARG D 625 22.19 6.42 -21.09
C ARG D 625 22.63 5.16 -20.41
N ILE D 626 22.43 5.12 -19.10
CA ILE D 626 22.76 3.92 -18.39
C ILE D 626 21.42 3.23 -18.34
N GLY D 627 21.48 2.03 -18.89
CA GLY D 627 20.35 1.14 -19.09
C GLY D 627 19.29 0.79 -18.08
N ALA D 628 18.16 0.41 -18.64
CA ALA D 628 16.98 0.02 -17.88
C ALA D 628 15.92 -0.26 -18.93
N SER D 629 15.54 0.79 -19.64
CA SER D 629 14.55 0.76 -20.72
C SER D 629 13.36 -0.18 -20.58
N ASP D 630 12.26 0.19 -21.26
CA ASP D 630 11.01 -0.56 -21.26
C ASP D 630 10.33 -0.66 -19.90
N ASP D 631 10.13 0.48 -19.24
CA ASP D 631 9.50 0.51 -17.93
C ASP D 631 8.05 1.00 -17.99
N LEU D 632 7.69 1.73 -19.04
CA LEU D 632 6.29 2.12 -19.18
C LEU D 632 5.83 0.73 -19.58
N ALA D 633 6.75 0.07 -20.29
CA ALA D 633 6.63 -1.30 -20.81
C ALA D 633 5.52 -1.52 -21.81
N GLY D 634 5.27 -0.50 -22.62
CA GLY D 634 4.23 -0.60 -23.63
C GLY D 634 4.78 -0.83 -25.02
N GLY D 635 3.96 -0.46 -26.00
CA GLY D 635 4.30 -0.63 -27.41
C GLY D 635 5.74 -0.46 -27.84
N LYS D 636 6.36 0.60 -27.35
CA LYS D 636 7.75 0.92 -27.68
C LYS D 636 8.78 -0.14 -27.30
N SER D 637 9.55 -0.61 -28.29
CA SER D 637 10.57 -1.59 -28.03
C SER D 637 11.61 -0.93 -27.14
N THR D 638 12.38 -1.70 -26.40
CA THR D 638 13.41 -1.13 -25.55
C THR D 638 14.37 -0.34 -26.42
N PHE D 639 14.67 -0.91 -27.58
CA PHE D 639 15.56 -0.26 -28.52
C PHE D 639 15.08 1.17 -28.79
N MET D 640 13.83 1.32 -29.21
CA MET D 640 13.29 2.64 -29.51
C MET D 640 13.49 3.57 -28.36
N VAL D 641 13.16 3.12 -27.16
CA VAL D 641 13.34 3.98 -25.99
C VAL D 641 14.80 4.36 -25.82
N GLU D 642 15.71 3.42 -26.01
CA GLU D 642 17.12 3.74 -25.85
C GLU D 642 17.60 4.73 -26.89
N MET D 643 17.08 4.66 -28.11
CA MET D 643 17.50 5.59 -29.16
C MET D 643 17.02 6.99 -28.85
N GLU D 644 15.75 7.14 -28.46
CA GLU D 644 15.21 8.45 -28.13
C GLU D 644 16.16 9.13 -27.14
N GLU D 645 16.62 8.38 -26.14
CA GLU D 645 17.54 8.92 -25.14
C GLU D 645 18.85 9.35 -25.79
N VAL D 646 19.40 8.50 -26.65
CA VAL D 646 20.64 8.83 -27.35
C VAL D 646 20.45 10.11 -28.17
N ALA D 647 19.36 10.17 -28.93
CA ALA D 647 19.09 11.35 -29.75
C ALA D 647 19.17 12.58 -28.88
N LEU D 648 18.59 12.49 -27.67
CA LEU D 648 18.58 13.57 -26.69
C LEU D 648 20.02 14.02 -26.41
N ILE D 649 20.87 13.07 -26.04
CA ILE D 649 22.27 13.36 -25.78
C ILE D 649 22.95 14.01 -27.01
N LEU D 650 22.83 13.39 -28.18
CA LEU D 650 23.46 13.98 -29.34
C LEU D 650 23.02 15.43 -29.59
N LYS D 651 21.79 15.76 -29.22
CA LYS D 651 21.30 17.11 -29.43
C LYS D 651 21.65 18.06 -28.29
N GLU D 652 22.22 17.52 -27.23
CA GLU D 652 22.59 18.30 -26.05
C GLU D 652 24.07 18.41 -25.79
N ALA D 653 24.73 17.27 -25.73
CA ALA D 653 26.15 17.21 -25.43
C ALA D 653 27.03 18.21 -26.17
N THR D 654 27.93 18.86 -25.45
CA THR D 654 28.87 19.80 -26.06
C THR D 654 30.24 19.31 -25.68
N GLU D 655 31.28 20.01 -26.10
CA GLU D 655 32.60 19.54 -25.77
C GLU D 655 32.86 19.57 -24.27
N ASN D 656 32.01 20.23 -23.51
CA ASN D 656 32.22 20.29 -22.05
C ASN D 656 31.20 19.46 -21.28
N SER D 657 30.64 18.46 -21.95
CA SER D 657 29.63 17.58 -21.35
C SER D 657 30.29 16.27 -21.03
N LEU D 658 29.82 15.61 -19.98
CA LEU D 658 30.32 14.29 -19.61
C LEU D 658 29.22 13.35 -20.06
N VAL D 659 29.52 12.51 -21.04
CA VAL D 659 28.52 11.59 -21.53
C VAL D 659 28.87 10.15 -21.15
N LEU D 660 27.88 9.41 -20.71
CA LEU D 660 28.09 8.03 -20.31
C LEU D 660 27.20 7.11 -21.12
N LEU D 661 27.76 6.45 -22.12
CA LEU D 661 26.99 5.50 -22.92
C LEU D 661 27.26 4.09 -22.42
N ASP D 662 26.19 3.40 -22.03
CA ASP D 662 26.28 2.03 -21.53
C ASP D 662 25.62 1.04 -22.48
N GLU D 663 26.45 0.37 -23.26
CA GLU D 663 26.00 -0.65 -24.20
C GLU D 663 25.06 -0.15 -25.28
N VAL D 664 25.14 1.12 -25.61
CA VAL D 664 24.26 1.65 -26.64
C VAL D 664 24.36 0.80 -27.90
N GLY D 665 23.20 0.48 -28.47
CA GLY D 665 23.19 -0.30 -29.71
C GLY D 665 22.48 -1.62 -29.58
N ARG D 666 22.35 -2.10 -28.36
CA ARG D 666 21.70 -3.37 -28.12
C ARG D 666 20.22 -3.26 -28.50
N GLY D 667 19.50 -4.38 -28.40
CA GLY D 667 18.08 -4.34 -28.67
C GLY D 667 17.68 -4.46 -30.11
N THR D 668 18.58 -4.91 -30.99
CA THR D 668 18.22 -5.06 -32.39
C THR D 668 19.14 -6.04 -33.12
N SER D 669 19.20 -5.94 -34.45
CA SER D 669 20.05 -6.82 -35.25
C SER D 669 21.49 -6.53 -34.89
N SER D 670 22.35 -7.53 -35.01
CA SER D 670 23.75 -7.34 -34.68
C SER D 670 24.39 -6.27 -35.57
N LEU D 671 23.91 -6.18 -36.81
CA LEU D 671 24.44 -5.23 -37.77
C LEU D 671 24.05 -3.80 -37.45
N ASP D 672 22.76 -3.51 -37.53
CA ASP D 672 22.27 -2.19 -37.22
C ASP D 672 22.92 -1.85 -35.86
N GLY D 673 22.93 -2.85 -34.99
CA GLY D 673 23.53 -2.66 -33.69
C GLY D 673 24.89 -1.99 -33.81
N VAL D 674 25.88 -2.72 -34.31
CA VAL D 674 27.21 -2.14 -34.45
C VAL D 674 27.19 -0.87 -35.31
N ALA D 675 26.37 -0.87 -36.35
CA ALA D 675 26.32 0.29 -37.22
C ALA D 675 25.94 1.55 -36.43
N ILE D 676 24.77 1.50 -35.79
CA ILE D 676 24.32 2.64 -34.99
C ILE D 676 25.36 3.01 -33.92
N ALA D 677 25.81 2.00 -33.18
CA ALA D 677 26.80 2.19 -32.14
C ALA D 677 28.08 2.83 -32.63
N THR D 678 28.44 2.63 -33.89
CA THR D 678 29.67 3.25 -34.39
C THR D 678 29.46 4.70 -34.76
N ALA D 679 28.32 4.99 -35.40
CA ALA D 679 27.98 6.36 -35.82
C ALA D 679 27.85 7.29 -34.60
N VAL D 680 27.29 6.75 -33.52
CA VAL D 680 27.12 7.52 -32.30
C VAL D 680 28.47 7.78 -31.68
N ALA D 681 29.28 6.73 -31.56
CA ALA D 681 30.60 6.89 -30.98
C ALA D 681 31.37 7.94 -31.79
N GLU D 682 31.20 7.90 -33.09
CA GLU D 682 31.88 8.85 -33.94
C GLU D 682 31.36 10.29 -33.72
N ALA D 683 30.04 10.42 -33.68
CA ALA D 683 29.42 11.72 -33.46
C ALA D 683 29.90 12.33 -32.15
N LEU D 684 30.06 11.51 -31.12
CA LEU D 684 30.53 12.03 -29.83
C LEU D 684 32.02 12.31 -29.86
N HIS D 685 32.72 11.67 -30.79
CA HIS D 685 34.13 11.90 -30.90
C HIS D 685 34.32 13.29 -31.48
N GLU D 686 33.64 13.56 -32.59
CA GLU D 686 33.77 14.86 -33.20
C GLU D 686 33.23 15.93 -32.27
N ARG D 687 32.30 15.55 -31.40
CA ARG D 687 31.69 16.52 -30.50
C ARG D 687 32.71 17.02 -29.52
N ARG D 688 33.67 16.18 -29.21
CA ARG D 688 34.73 16.51 -28.28
C ARG D 688 34.28 16.55 -26.82
N ALA D 689 33.22 15.82 -26.50
CA ALA D 689 32.72 15.77 -25.13
C ALA D 689 33.40 14.59 -24.40
N TYR D 690 33.38 14.63 -23.06
CA TYR D 690 33.98 13.55 -22.29
C TYR D 690 33.02 12.37 -22.35
N THR D 691 33.36 11.40 -23.19
CA THR D 691 32.54 10.21 -23.41
C THR D 691 33.08 8.91 -22.86
N LEU D 692 32.28 8.25 -22.03
CA LEU D 692 32.65 6.95 -21.51
C LEU D 692 31.61 6.04 -22.14
N PHE D 693 32.06 5.10 -22.98
CA PHE D 693 31.17 4.23 -23.69
C PHE D 693 31.51 2.79 -23.40
N ALA D 694 30.71 2.16 -22.55
CA ALA D 694 30.92 0.76 -22.22
C ALA D 694 30.16 0.06 -23.33
N THR D 695 30.79 -0.91 -23.99
CA THR D 695 30.13 -1.61 -25.08
C THR D 695 30.63 -3.03 -25.23
N HIS D 696 29.94 -3.76 -26.10
CA HIS D 696 30.28 -5.15 -26.40
C HIS D 696 30.76 -5.31 -27.82
N TYR D 697 30.63 -4.25 -28.61
CA TYR D 697 31.06 -4.28 -30.00
C TYR D 697 32.53 -3.95 -30.02
N PHE D 698 33.38 -4.96 -30.08
CA PHE D 698 34.82 -4.72 -30.11
C PHE D 698 35.21 -3.83 -31.28
N GLU D 699 34.35 -3.77 -32.30
CA GLU D 699 34.61 -2.95 -33.47
C GLU D 699 34.96 -1.52 -33.03
N LEU D 700 34.13 -0.98 -32.14
CA LEU D 700 34.34 0.37 -31.64
C LEU D 700 35.72 0.45 -31.04
N THR D 701 36.15 -0.63 -30.42
CA THR D 701 37.47 -0.68 -29.79
C THR D 701 38.58 -0.37 -30.77
N ALA D 702 38.32 -0.52 -32.06
CA ALA D 702 39.36 -0.26 -33.04
C ALA D 702 39.02 0.73 -34.14
N LEU D 703 38.22 1.75 -33.84
CA LEU D 703 37.88 2.69 -34.90
C LEU D 703 39.12 3.49 -35.33
N GLY D 704 40.09 3.61 -34.46
CA GLY D 704 41.30 4.32 -34.82
C GLY D 704 41.16 5.82 -34.96
N LEU D 705 40.23 6.38 -34.21
CA LEU D 705 40.03 7.82 -34.23
C LEU D 705 41.12 8.44 -33.36
N PRO D 706 41.58 9.64 -33.70
CA PRO D 706 42.61 10.36 -32.97
C PRO D 706 42.46 10.48 -31.45
N ARG D 707 41.25 10.74 -30.98
CA ARG D 707 41.02 10.88 -29.54
C ARG D 707 40.33 9.67 -28.88
N LEU D 708 40.37 8.51 -29.54
CA LEU D 708 39.78 7.28 -29.02
C LEU D 708 40.76 6.59 -28.08
N LYS D 709 40.25 5.92 -27.06
CA LYS D 709 41.09 5.28 -26.06
C LYS D 709 40.41 4.03 -25.45
N ASN D 710 41.17 2.98 -25.18
CA ASN D 710 40.58 1.76 -24.63
C ASN D 710 40.86 1.45 -23.16
N LEU D 711 39.88 0.80 -22.53
CA LEU D 711 39.97 0.38 -21.15
C LEU D 711 39.10 -0.86 -21.02
N HIS D 712 39.40 -1.70 -20.05
CA HIS D 712 38.60 -2.89 -19.87
C HIS D 712 38.82 -3.54 -18.51
N VAL D 713 37.86 -4.37 -18.15
CA VAL D 713 37.86 -5.11 -16.90
C VAL D 713 38.06 -6.55 -17.34
N ALA D 714 38.37 -7.45 -16.40
CA ALA D 714 38.58 -8.85 -16.77
C ALA D 714 38.14 -9.84 -15.71
N ALA D 715 38.24 -11.11 -16.06
CA ALA D 715 37.86 -12.19 -15.15
C ALA D 715 38.86 -13.31 -15.32
N ARG D 716 39.15 -13.97 -14.21
CA ARG D 716 40.09 -15.09 -14.18
C ARG D 716 39.29 -16.38 -14.10
N GLU D 717 40.00 -17.51 -14.15
CA GLU D 717 39.35 -18.81 -14.08
C GLU D 717 39.79 -19.57 -12.82
N GLU D 718 39.34 -19.06 -11.66
CA GLU D 718 39.68 -19.65 -10.37
C GLU D 718 38.73 -20.76 -9.97
N ALA D 719 39.22 -21.67 -9.16
CA ALA D 719 38.46 -22.82 -8.65
C ALA D 719 37.58 -23.51 -9.70
N GLY D 720 36.27 -23.33 -9.58
CA GLY D 720 35.35 -23.97 -10.51
C GLY D 720 35.21 -23.30 -11.86
N GLY D 721 34.68 -22.08 -11.87
CA GLY D 721 34.48 -21.36 -13.12
C GLY D 721 35.22 -20.04 -13.25
N LEU D 722 34.48 -18.94 -13.15
CA LEU D 722 35.06 -17.62 -13.30
C LEU D 722 34.86 -16.66 -12.13
N VAL D 723 35.91 -15.96 -11.75
CA VAL D 723 35.83 -14.98 -10.68
C VAL D 723 36.17 -13.62 -11.27
N PHE D 724 35.23 -12.69 -11.15
CA PHE D 724 35.42 -11.36 -11.69
C PHE D 724 36.09 -10.44 -10.71
N TYR D 725 37.26 -9.95 -11.13
CA TYR D 725 38.05 -9.01 -10.34
C TYR D 725 37.51 -7.66 -10.78
N HIS D 726 37.43 -6.70 -9.87
CA HIS D 726 36.88 -5.43 -10.25
C HIS D 726 37.91 -4.35 -10.51
N GLN D 727 38.89 -4.67 -11.35
CA GLN D 727 39.94 -3.71 -11.69
C GLN D 727 39.84 -3.26 -13.14
N VAL D 728 39.76 -1.94 -13.35
CA VAL D 728 39.66 -1.36 -14.69
C VAL D 728 41.04 -1.13 -15.27
N LEU D 729 41.48 -2.06 -16.10
CA LEU D 729 42.80 -2.02 -16.72
C LEU D 729 42.80 -1.24 -18.04
N PRO D 730 43.96 -0.75 -18.48
CA PRO D 730 44.04 0.00 -19.73
C PRO D 730 44.07 -0.90 -20.95
N GLY D 731 43.49 -0.42 -22.05
CA GLY D 731 43.46 -1.20 -23.28
C GLY D 731 42.21 -2.05 -23.38
N PRO D 732 41.89 -2.60 -24.58
CA PRO D 732 40.70 -3.44 -24.76
C PRO D 732 40.80 -4.88 -24.26
N ALA D 733 39.65 -5.52 -24.15
CA ALA D 733 39.55 -6.91 -23.73
C ALA D 733 39.64 -7.64 -25.07
N SER D 734 39.93 -8.93 -25.05
CA SER D 734 40.02 -9.66 -26.32
C SER D 734 39.08 -10.87 -26.34
N LYS D 735 38.36 -11.08 -25.24
CA LYS D 735 37.45 -12.20 -25.12
C LYS D 735 36.05 -11.83 -24.72
N SER D 736 35.15 -12.80 -24.91
CA SER D 736 33.76 -12.68 -24.50
C SER D 736 33.58 -13.96 -23.71
N TYR D 737 32.93 -13.88 -22.57
CA TYR D 737 32.76 -15.08 -21.78
C TYR D 737 31.34 -15.59 -21.81
N GLY D 738 30.62 -15.26 -22.88
CA GLY D 738 29.26 -15.74 -22.99
C GLY D 738 29.17 -17.23 -22.72
N VAL D 739 29.70 -18.03 -23.63
CA VAL D 739 29.69 -19.49 -23.48
C VAL D 739 30.20 -19.91 -22.10
N GLU D 740 31.31 -19.29 -21.66
CA GLU D 740 31.85 -19.61 -20.35
C GLU D 740 30.78 -19.40 -19.28
N VAL D 741 30.02 -18.33 -19.42
CA VAL D 741 28.96 -18.01 -18.46
C VAL D 741 27.78 -18.95 -18.56
N ALA D 742 27.39 -19.31 -19.78
CA ALA D 742 26.27 -20.22 -19.94
C ALA D 742 26.66 -21.51 -19.22
N ALA D 743 27.95 -21.83 -19.32
CA ALA D 743 28.48 -23.03 -18.69
C ALA D 743 28.20 -22.99 -17.19
N MET D 744 28.57 -21.89 -16.55
CA MET D 744 28.32 -21.74 -15.13
C MET D 744 26.81 -21.74 -14.89
N ALA D 745 26.08 -21.18 -15.85
CA ALA D 745 24.63 -21.11 -15.74
C ALA D 745 24.02 -22.48 -15.58
N GLY D 746 24.66 -23.49 -16.15
CA GLY D 746 24.16 -24.84 -16.05
C GLY D 746 23.67 -25.38 -17.35
N LEU D 747 24.16 -24.80 -18.45
CA LEU D 747 23.78 -25.25 -19.80
C LEU D 747 24.43 -26.61 -20.09
N PRO D 748 23.64 -27.59 -20.55
CA PRO D 748 24.18 -28.90 -20.86
C PRO D 748 25.51 -28.87 -21.59
N LYS D 749 26.46 -29.59 -21.04
CA LYS D 749 27.82 -29.66 -21.57
C LYS D 749 27.87 -29.81 -23.09
N GLU D 750 26.93 -30.55 -23.66
CA GLU D 750 26.90 -30.75 -25.11
C GLU D 750 26.54 -29.44 -25.79
N VAL D 751 25.55 -28.74 -25.26
CA VAL D 751 25.12 -27.47 -25.82
C VAL D 751 26.26 -26.49 -25.75
N VAL D 752 26.96 -26.50 -24.63
CA VAL D 752 28.10 -25.62 -24.43
C VAL D 752 29.17 -25.98 -25.47
N ALA D 753 29.51 -27.26 -25.55
CA ALA D 753 30.51 -27.71 -26.49
C ALA D 753 30.12 -27.31 -27.92
N ARG D 754 28.83 -27.45 -28.23
CA ARG D 754 28.34 -27.11 -29.56
C ARG D 754 28.54 -25.63 -29.84
N ALA D 755 28.35 -24.81 -28.81
CA ALA D 755 28.52 -23.37 -28.94
C ALA D 755 29.96 -23.03 -29.26
N ARG D 756 30.89 -23.61 -28.48
CA ARG D 756 32.31 -23.39 -28.67
C ARG D 756 32.77 -23.80 -30.07
N ALA D 757 32.28 -24.95 -30.52
CA ALA D 757 32.63 -25.45 -31.85
C ALA D 757 32.20 -24.40 -32.84
N LEU D 758 31.00 -23.85 -32.62
CA LEU D 758 30.47 -22.81 -33.47
C LEU D 758 31.35 -21.56 -33.39
N LEU D 759 31.58 -21.07 -32.19
CA LEU D 759 32.42 -19.88 -31.98
C LEU D 759 33.66 -19.89 -32.85
N GLN D 760 34.50 -20.89 -32.64
CA GLN D 760 35.72 -21.03 -33.38
C GLN D 760 35.46 -21.22 -34.84
N ALA D 761 34.56 -22.14 -35.16
CA ALA D 761 34.22 -22.39 -36.54
C ALA D 761 34.01 -21.10 -37.32
N MET D 762 33.72 -20.00 -36.61
CA MET D 762 33.49 -18.67 -37.20
C MET D 762 34.81 -17.94 -37.38
N ALA D 763 35.80 -18.31 -36.56
CA ALA D 763 37.12 -17.73 -36.65
C ALA D 763 37.75 -18.06 -38.03
N ALA D 764 37.22 -19.07 -38.71
CA ALA D 764 37.76 -19.50 -40.00
C ALA D 764 37.50 -18.42 -41.05
N ARG D 765 36.54 -17.57 -40.72
CA ARG D 765 36.13 -16.43 -41.51
C ARG D 765 37.38 -15.63 -41.96
S SO4 E . 14.39 -4.79 -35.54
O1 SO4 E . 14.18 -4.33 -34.16
O2 SO4 E . 13.90 -3.79 -36.50
O3 SO4 E . 15.83 -5.04 -35.77
O4 SO4 E . 13.65 -6.05 -35.77
BE BEF F . 9.35 -8.74 -28.48
F1 BEF F . 8.64 -8.21 -27.23
F2 BEF F . 10.39 -7.60 -28.88
F3 BEF F . 10.18 -10.06 -28.26
PB ADP G . 7.61 -7.74 -30.42
O1B ADP G . 7.31 -8.09 -31.76
O2B ADP G . 8.25 -6.55 -30.28
O3B ADP G . 8.43 -8.88 -29.79
PA ADP G . 5.17 -7.45 -28.95
O1A ADP G . 4.59 -8.84 -29.21
O2A ADP G . 5.67 -7.07 -27.73
O3A ADP G . 6.23 -7.25 -30.16
O5' ADP G . 4.15 -6.49 -29.55
C5' ADP G . 4.32 -5.02 -29.53
C4' ADP G . 2.88 -4.20 -29.27
O4' ADP G . 2.01 -4.58 -30.38
C3' ADP G . 2.14 -4.62 -27.96
O3' ADP G . 1.53 -3.45 -27.48
C2' ADP G . 1.13 -5.59 -28.30
O2' ADP G . 0.09 -5.61 -27.34
C1' ADP G . 0.81 -5.20 -29.78
N9 ADP G . 0.44 -6.34 -30.65
C8 ADP G . 1.27 -7.41 -30.99
N7 ADP G . 0.63 -8.28 -31.78
C5 ADP G . -0.57 -7.78 -31.98
C6 ADP G . -1.75 -8.19 -32.73
N6 ADP G . -1.74 -9.20 -33.38
N1 ADP G . -2.87 -7.48 -32.78
C2 ADP G . -2.99 -6.20 -32.04
N3 ADP G . -1.86 -5.76 -31.27
C4 ADP G . -0.68 -6.53 -31.24
S SO4 H . 30.32 -11.02 -21.99
O1 SO4 H . 28.89 -11.31 -22.22
O2 SO4 H . 30.75 -11.66 -20.73
O3 SO4 H . 31.07 -11.55 -23.14
O4 SO4 H . 30.54 -9.57 -21.88
BE BEF I . 26.66 -3.61 -17.10
F1 BEF I . 25.77 -3.09 -15.99
F2 BEF I . 26.20 -5.07 -17.42
F3 BEF I . 26.47 -2.81 -18.42
PB ADP J . 28.88 -4.81 -15.79
O1B ADP J . 30.28 -4.98 -16.06
O2B ADP J . 28.14 -6.01 -15.77
O3B ADP J . 28.23 -3.86 -16.85
PA ADP J . 28.36 -3.93 -13.07
O1A ADP J . 28.83 -2.49 -12.99
O2A ADP J . 27.00 -4.22 -13.10
O3A ADP J . 29.12 -4.64 -14.34
O5' ADP J . 29.12 -4.68 -11.98
C5' ADP J . 28.92 -6.12 -11.75
C4' ADP J . 29.02 -6.45 -10.13
O4' ADP J . 30.35 -6.00 -9.75
C3' ADP J . 28.02 -5.70 -9.21
O3' ADP J . 27.69 -6.61 -8.17
C2' ADP J . 28.70 -4.55 -8.67
O2' ADP J . 28.07 -4.11 -7.47
C1' ADP J . 30.14 -5.09 -8.62
N9 ADP J . 31.20 -4.06 -8.84
C8 ADP J . 31.35 -3.29 -9.99
N7 ADP J . 32.39 -2.44 -9.87
C5 ADP J . 32.90 -2.66 -8.67
C6 ADP J . 34.02 -2.08 -7.92
N6 ADP J . 34.71 -1.19 -8.38
N1 ADP J . 34.31 -2.51 -6.68
C2 ADP J . 33.54 -3.58 -6.00
N3 ADP J . 32.44 -4.15 -6.71
C4 ADP J . 32.13 -3.71 -8.00
C1 EDO K . 12.41 -6.10 -25.76
O1 EDO K . 13.74 -5.62 -25.53
C2 EDO K . 11.41 -4.97 -25.82
O2 EDO K . 11.84 -4.05 -26.78
#